data_9MVA
#
_entry.id   9MVA
#
_cell.length_a   195.695
_cell.length_b   209.587
_cell.length_c   152.291
_cell.angle_alpha   90.000
_cell.angle_beta   90.000
_cell.angle_gamma   90.000
#
_symmetry.space_group_name_H-M   'C 2 2 21'
#
loop_
_entity.id
_entity.type
_entity.pdbx_description
1 polymer 'Amikacin resistance N-acetyltransferase Eis2'
2 non-polymer 1,2-ETHANEDIOL
3 non-polymer '[(2R,3S,4R,5R)-5-(6-AMINO-9H-PURIN-9-YL)-4-HYDROXY-3-(PHOSPHONOOXY)TETRAHYDROFURAN-2-YL]METHYL (3R)-3-HYDROXY-2,2-DIMETHYL-4-OXO-4-{[3-OXO-3-({2-[(2-OXOPROPYL)THIO]ETHYL}AMINO)PROPYL]AMINO}BUTYL DIHYDROGEN DIPHOSPHATE'
4 non-polymer 'TRIETHYLENE GLYCOL'
5 non-polymer DI(HYDROXYETHYL)ETHER
6 non-polymer 'CHLORIDE ION'
7 non-polymer 'SODIUM ION'
8 water water
#
_entity_poly.entity_id   1
_entity_poly.type   'polypeptide(L)'
_entity_poly.pdbx_seq_one_letter_code
;SMSELTLRTIADEDDYESYMASAYSVFLRDPQKDEIEVNRKFTELDRMIGFHDGKKWVATTGAFSRHVVLPGGAVVPVAA
VTAVTVSPTHRRRGLLTTMMRHQLADIRSRGESLAMLFASEALIYGRFGYGVATESAELSGQVRELAFRPTVDLGDGTLE
EVSAETFLASAPAIYDAVIPGLPGQMSRTPEWWASWTLDSEELQKESGKVRFVLHYESDGTASGFAIYRPKPGWGDAGPN
AELHVQEVLGTNPRSYARTWRYLLDMDLVRKIKYHGASVQEELRYLVANHPSLECVVSDAIQVRLVDIPRALAQRRYAAD
VDVVLEVTDDFLPENSGRYRLRGGLDHASCEITTDDADIALTVRDLGSVYMGGVSLQVLASAGLVTELRAGAVQRAATAF
GWPVAPSAPDDF
;
_entity_poly.pdbx_strand_id   A,B,C,D,E,F
#
# COMPACT_ATOMS: atom_id res chain seq x y z
N GLU A 4 -44.38 5.38 -4.53
CA GLU A 4 -43.11 5.72 -5.16
C GLU A 4 -42.39 4.47 -5.69
N LEU A 5 -43.03 3.32 -5.56
CA LEU A 5 -42.45 2.05 -6.00
C LEU A 5 -43.04 1.63 -7.34
N THR A 6 -42.21 0.98 -8.15
CA THR A 6 -42.63 0.43 -9.43
C THR A 6 -42.41 -1.07 -9.43
N LEU A 7 -43.48 -1.82 -9.66
CA LEU A 7 -43.39 -3.26 -9.87
C LEU A 7 -43.00 -3.53 -11.32
N ARG A 8 -41.85 -4.18 -11.54
CA ARG A 8 -41.40 -4.40 -12.90
C ARG A 8 -40.45 -5.59 -12.94
N THR A 9 -40.09 -5.99 -14.16
CA THR A 9 -39.13 -7.07 -14.43
C THR A 9 -37.73 -6.49 -14.69
N ILE A 10 -36.75 -7.40 -14.73
CA ILE A 10 -35.38 -7.01 -15.02
C ILE A 10 -35.28 -6.56 -16.47
N ALA A 11 -34.68 -5.40 -16.71
CA ALA A 11 -34.65 -4.80 -18.03
C ALA A 11 -33.44 -5.26 -18.86
N ASP A 12 -32.26 -5.30 -18.26
CA ASP A 12 -31.04 -5.59 -19.00
C ASP A 12 -30.01 -6.18 -18.05
N GLU A 13 -28.77 -6.34 -18.54
CA GLU A 13 -27.76 -7.07 -17.79
C GLU A 13 -27.30 -6.27 -16.57
N ASP A 14 -27.13 -4.95 -16.72
CA ASP A 14 -26.81 -4.13 -15.56
C ASP A 14 -27.92 -4.17 -14.52
N ASP A 15 -29.17 -4.11 -14.98
CA ASP A 15 -30.31 -4.23 -14.08
C ASP A 15 -30.33 -5.59 -13.37
N TYR A 16 -29.89 -6.64 -14.08
CA TYR A 16 -29.78 -7.96 -13.48
C TYR A 16 -28.75 -7.98 -12.35
N GLU A 17 -27.59 -7.38 -12.58
CA GLU A 17 -26.57 -7.27 -11.53
C GLU A 17 -27.13 -6.54 -10.31
N SER A 18 -27.79 -5.41 -10.54
CA SER A 18 -28.33 -4.63 -9.43
C SER A 18 -29.38 -5.42 -8.66
N TYR A 19 -30.23 -6.15 -9.40
CA TYR A 19 -31.28 -6.97 -8.82
C TYR A 19 -30.70 -8.05 -7.91
N MET A 20 -29.78 -8.87 -8.44
CA MET A 20 -29.17 -9.92 -7.64
C MET A 20 -28.34 -9.36 -6.49
N ALA A 21 -27.71 -8.19 -6.68
CA ALA A 21 -26.98 -7.58 -5.58
C ALA A 21 -27.91 -7.23 -4.42
N SER A 22 -29.11 -6.73 -4.73
CA SER A 22 -30.04 -6.41 -3.65
C SER A 22 -30.51 -7.68 -2.94
N ALA A 23 -30.71 -8.76 -3.68
CA ALA A 23 -31.14 -10.02 -3.07
C ALA A 23 -30.07 -10.54 -2.11
N TYR A 24 -28.81 -10.57 -2.53
CA TYR A 24 -27.75 -11.01 -1.64
C TYR A 24 -27.67 -10.12 -0.41
N SER A 25 -27.88 -8.82 -0.59
CA SER A 25 -27.82 -7.91 0.55
C SER A 25 -28.89 -8.25 1.58
N VAL A 26 -30.11 -8.57 1.13
CA VAL A 26 -31.13 -8.94 2.10
C VAL A 26 -30.76 -10.24 2.80
N PHE A 27 -30.10 -11.16 2.11
CA PHE A 27 -29.57 -12.35 2.76
C PHE A 27 -28.27 -12.09 3.51
N LEU A 28 -27.87 -10.82 3.68
CA LEU A 28 -26.74 -10.46 4.54
C LEU A 28 -25.43 -11.04 4.00
N ARG A 29 -25.32 -11.10 2.67
CA ARG A 29 -24.17 -11.71 2.02
C ARG A 29 -23.63 -10.79 0.94
N ASP A 30 -22.31 -10.86 0.74
CA ASP A 30 -21.71 -10.24 -0.42
C ASP A 30 -22.13 -11.00 -1.68
N PRO A 31 -22.43 -10.29 -2.77
CA PRO A 31 -22.83 -10.99 -4.01
C PRO A 31 -21.74 -11.95 -4.47
N GLN A 32 -22.15 -13.18 -4.77
CA GLN A 32 -21.22 -14.19 -5.27
C GLN A 32 -21.14 -14.06 -6.78
N LYS A 33 -20.03 -13.50 -7.26
CA LYS A 33 -19.91 -13.22 -8.69
C LYS A 33 -20.00 -14.51 -9.51
N ASP A 34 -19.38 -15.60 -9.03
CA ASP A 34 -19.38 -16.82 -9.83
C ASP A 34 -20.77 -17.42 -9.93
N GLU A 35 -21.52 -17.43 -8.82
CA GLU A 35 -22.89 -17.97 -8.84
C GLU A 35 -23.80 -17.12 -9.71
N ILE A 36 -23.71 -15.79 -9.59
CA ILE A 36 -24.60 -14.91 -10.34
C ILE A 36 -24.36 -15.07 -11.83
N GLU A 37 -23.10 -15.26 -12.22
CA GLU A 37 -22.77 -15.38 -13.64
C GLU A 37 -23.30 -16.68 -14.23
N VAL A 38 -23.10 -17.81 -13.53
CA VAL A 38 -23.52 -19.09 -14.10
C VAL A 38 -25.05 -19.19 -14.10
N ASN A 39 -25.71 -18.68 -13.06
CA ASN A 39 -27.16 -18.77 -13.00
C ASN A 39 -27.85 -17.86 -14.00
N ARG A 40 -27.17 -16.80 -14.47
CA ARG A 40 -27.77 -15.95 -15.49
C ARG A 40 -28.14 -16.74 -16.74
N LYS A 41 -27.42 -17.83 -17.02
CA LYS A 41 -27.59 -18.53 -18.28
C LYS A 41 -28.91 -19.30 -18.36
N PHE A 42 -29.57 -19.57 -17.23
CA PHE A 42 -30.91 -20.14 -17.27
C PHE A 42 -31.94 -19.21 -16.63
N THR A 43 -31.60 -17.93 -16.47
CA THR A 43 -32.52 -16.93 -15.96
C THR A 43 -33.26 -16.27 -17.12
N GLU A 44 -34.58 -16.20 -17.01
CA GLU A 44 -35.41 -15.44 -17.94
C GLU A 44 -35.77 -14.13 -17.27
N LEU A 45 -35.25 -13.02 -17.81
CA LEU A 45 -35.45 -11.72 -17.15
C LEU A 45 -36.92 -11.38 -16.96
N ASP A 46 -37.79 -11.81 -17.87
CA ASP A 46 -39.20 -11.46 -17.70
C ASP A 46 -39.89 -12.27 -16.61
N ARG A 47 -39.22 -13.27 -16.04
CA ARG A 47 -39.76 -14.00 -14.89
C ARG A 47 -39.26 -13.46 -13.56
N MET A 48 -38.37 -12.47 -13.58
CA MET A 48 -37.77 -11.90 -12.38
C MET A 48 -38.42 -10.54 -12.14
N ILE A 49 -39.34 -10.49 -11.19
CA ILE A 49 -40.06 -9.26 -10.88
C ILE A 49 -39.52 -8.69 -9.57
N GLY A 50 -40.01 -7.51 -9.22
CA GLY A 50 -39.61 -6.88 -7.98
C GLY A 50 -40.13 -5.46 -7.93
N PHE A 51 -39.78 -4.80 -6.83
CA PHE A 51 -40.12 -3.39 -6.66
C PHE A 51 -38.85 -2.56 -6.74
N HIS A 52 -38.96 -1.43 -7.43
CA HIS A 52 -37.86 -0.50 -7.62
C HIS A 52 -38.32 0.88 -7.19
N ASP A 53 -37.51 1.56 -6.37
CA ASP A 53 -37.86 2.89 -5.92
C ASP A 53 -37.27 3.98 -6.81
N GLY A 54 -36.79 3.62 -8.00
CA GLY A 54 -36.16 4.57 -8.89
C GLY A 54 -34.65 4.57 -8.76
N LYS A 55 -34.16 4.42 -7.54
CA LYS A 55 -32.73 4.34 -7.26
C LYS A 55 -32.20 2.90 -7.19
N LYS A 56 -32.98 1.98 -6.64
CA LYS A 56 -32.51 0.62 -6.42
C LYS A 56 -33.70 -0.33 -6.35
N TRP A 57 -33.38 -1.62 -6.33
CA TRP A 57 -34.38 -2.65 -6.05
C TRP A 57 -34.60 -2.76 -4.54
N VAL A 58 -35.86 -2.69 -4.11
CA VAL A 58 -36.20 -2.88 -2.71
C VAL A 58 -36.96 -4.18 -2.46
N ALA A 59 -37.25 -4.94 -3.51
CA ALA A 59 -37.87 -6.26 -3.35
C ALA A 59 -37.65 -7.03 -4.64
N THR A 60 -37.63 -8.35 -4.52
CA THR A 60 -37.40 -9.26 -5.64
C THR A 60 -38.22 -10.52 -5.45
N THR A 61 -38.60 -11.13 -6.57
CA THR A 61 -39.24 -12.43 -6.61
C THR A 61 -39.09 -12.95 -8.02
N GLY A 62 -38.60 -14.18 -8.17
CA GLY A 62 -38.34 -14.74 -9.48
C GLY A 62 -38.78 -16.18 -9.58
N ALA A 63 -38.67 -16.73 -10.79
CA ALA A 63 -38.97 -18.13 -11.01
C ALA A 63 -38.16 -18.62 -12.21
N PHE A 64 -37.64 -19.84 -12.09
CA PHE A 64 -36.99 -20.52 -13.19
C PHE A 64 -37.99 -21.46 -13.86
N SER A 65 -37.97 -21.49 -15.19
CA SER A 65 -38.74 -22.49 -15.93
C SER A 65 -38.04 -23.83 -15.83
N ARG A 66 -38.61 -24.75 -15.06
CA ARG A 66 -37.98 -26.05 -14.86
C ARG A 66 -39.01 -27.14 -15.13
N HIS A 67 -38.58 -28.39 -14.97
CA HIS A 67 -39.45 -29.53 -15.14
C HIS A 67 -39.17 -30.51 -14.01
N VAL A 68 -40.22 -31.13 -13.49
CA VAL A 68 -40.12 -31.94 -12.27
C VAL A 68 -40.76 -33.31 -12.51
N VAL A 69 -40.14 -34.33 -11.92
CA VAL A 69 -40.67 -35.69 -11.95
C VAL A 69 -41.77 -35.83 -10.90
N LEU A 70 -42.93 -36.31 -11.31
CA LEU A 70 -44.01 -36.60 -10.41
C LEU A 70 -44.06 -38.08 -10.08
N PRO A 71 -44.79 -38.48 -9.03
CA PRO A 71 -44.98 -39.92 -8.80
C PRO A 71 -45.58 -40.55 -10.04
N GLY A 72 -44.95 -41.64 -10.49
CA GLY A 72 -45.34 -42.31 -11.72
C GLY A 72 -44.38 -42.07 -12.87
N GLY A 73 -43.59 -41.01 -12.81
CA GLY A 73 -42.53 -40.77 -13.76
C GLY A 73 -42.76 -39.63 -14.73
N ALA A 74 -43.95 -39.04 -14.77
CA ALA A 74 -44.18 -37.92 -15.67
C ALA A 74 -43.30 -36.73 -15.31
N VAL A 75 -42.77 -36.06 -16.33
CA VAL A 75 -41.93 -34.87 -16.17
C VAL A 75 -42.74 -33.69 -16.68
N VAL A 76 -43.14 -32.79 -15.78
CA VAL A 76 -44.07 -31.72 -16.13
C VAL A 76 -43.45 -30.36 -15.85
N PRO A 77 -43.82 -29.30 -16.58
CA PRO A 77 -43.28 -27.97 -16.29
C PRO A 77 -43.67 -27.48 -14.91
N VAL A 78 -42.74 -26.81 -14.25
CA VAL A 78 -42.95 -26.31 -12.89
C VAL A 78 -42.23 -24.97 -12.78
N ALA A 79 -42.85 -24.04 -12.04
CA ALA A 79 -42.19 -22.79 -11.71
C ALA A 79 -41.30 -23.00 -10.48
N ALA A 80 -39.99 -22.85 -10.67
CA ALA A 80 -39.03 -23.02 -9.58
C ALA A 80 -38.79 -21.65 -8.98
N VAL A 81 -39.54 -21.33 -7.94
CA VAL A 81 -39.54 -19.98 -7.37
C VAL A 81 -38.21 -19.72 -6.68
N THR A 82 -37.71 -18.47 -6.82
CA THR A 82 -36.35 -18.14 -6.44
C THR A 82 -36.25 -16.64 -6.14
N ALA A 83 -35.16 -16.27 -5.45
CA ALA A 83 -34.76 -14.87 -5.29
C ALA A 83 -35.87 -14.01 -4.66
N VAL A 84 -36.49 -14.53 -3.62
CA VAL A 84 -37.58 -13.83 -2.93
C VAL A 84 -36.98 -13.02 -1.77
N THR A 85 -37.03 -11.69 -1.87
CA THR A 85 -36.51 -10.82 -0.81
C THR A 85 -37.28 -9.52 -0.79
N VAL A 86 -37.31 -8.89 0.38
CA VAL A 86 -37.79 -7.51 0.53
C VAL A 86 -36.80 -6.79 1.45
N SER A 87 -36.38 -5.60 1.05
CA SER A 87 -35.38 -4.85 1.79
C SER A 87 -35.85 -4.57 3.21
N PRO A 88 -34.94 -4.56 4.19
CA PRO A 88 -35.34 -4.30 5.58
C PRO A 88 -36.02 -2.95 5.77
N THR A 89 -35.84 -2.01 4.85
CA THR A 89 -36.51 -0.72 4.94
C THR A 89 -37.96 -0.75 4.45
N HIS A 90 -38.37 -1.84 3.78
CA HIS A 90 -39.71 -1.93 3.20
C HIS A 90 -40.48 -3.17 3.64
N ARG A 91 -39.97 -3.93 4.61
CA ARG A 91 -40.58 -5.19 5.00
C ARG A 91 -41.89 -4.95 5.77
N ARG A 92 -42.72 -6.00 5.77
CA ARG A 92 -43.98 -6.04 6.52
C ARG A 92 -44.90 -4.90 6.12
N ARG A 93 -44.91 -4.59 4.82
CA ARG A 93 -45.86 -3.68 4.22
C ARG A 93 -46.63 -4.36 3.09
N GLY A 94 -46.53 -5.68 2.97
CA GLY A 94 -47.26 -6.42 1.97
C GLY A 94 -46.60 -6.54 0.62
N LEU A 95 -45.32 -6.17 0.48
CA LEU A 95 -44.68 -6.25 -0.83
C LEU A 95 -44.56 -7.70 -1.31
N LEU A 96 -44.13 -8.61 -0.43
CA LEU A 96 -44.09 -10.02 -0.81
C LEU A 96 -45.48 -10.51 -1.22
N THR A 97 -46.50 -10.18 -0.41
CA THR A 97 -47.86 -10.59 -0.72
C THR A 97 -48.26 -10.12 -2.11
N THR A 98 -47.93 -8.89 -2.47
CA THR A 98 -48.27 -8.39 -3.80
C THR A 98 -47.48 -9.15 -4.88
N MET A 99 -46.18 -9.39 -4.64
CA MET A 99 -45.39 -10.12 -5.63
C MET A 99 -45.88 -11.54 -5.80
N MET A 100 -46.41 -12.14 -4.73
CA MET A 100 -46.94 -13.49 -4.84
C MET A 100 -48.21 -13.51 -5.69
N ARG A 101 -49.09 -12.52 -5.52
CA ARG A 101 -50.28 -12.45 -6.37
C ARG A 101 -49.89 -12.36 -7.84
N HIS A 102 -48.94 -11.48 -8.16
CA HIS A 102 -48.52 -11.31 -9.55
C HIS A 102 -47.89 -12.60 -10.08
N GLN A 103 -47.01 -13.21 -9.28
CA GLN A 103 -46.27 -14.37 -9.76
C GLN A 103 -47.18 -15.57 -9.97
N LEU A 104 -48.10 -15.82 -9.04
CA LEU A 104 -48.98 -16.98 -9.20
C LEU A 104 -49.87 -16.81 -10.42
N ALA A 105 -50.32 -15.58 -10.71
CA ALA A 105 -51.06 -15.35 -11.94
C ALA A 105 -50.18 -15.60 -13.17
N ASP A 106 -48.93 -15.15 -13.11
CA ASP A 106 -48.03 -15.36 -14.25
C ASP A 106 -47.75 -16.84 -14.45
N ILE A 107 -47.50 -17.58 -13.37
CA ILE A 107 -47.29 -19.03 -13.45
C ILE A 107 -48.49 -19.70 -14.13
N ARG A 108 -49.69 -19.35 -13.70
CA ARG A 108 -50.88 -19.94 -14.30
C ARG A 108 -50.93 -19.68 -15.80
N SER A 109 -50.65 -18.45 -16.22
CA SER A 109 -50.76 -18.09 -17.63
C SER A 109 -49.74 -18.83 -18.48
N ARG A 110 -48.59 -19.19 -17.90
CA ARG A 110 -47.55 -19.89 -18.64
C ARG A 110 -47.83 -21.38 -18.79
N GLY A 111 -48.98 -21.87 -18.29
CA GLY A 111 -49.31 -23.27 -18.41
C GLY A 111 -48.64 -24.19 -17.41
N GLU A 112 -47.96 -23.65 -16.40
CA GLU A 112 -47.43 -24.46 -15.32
C GLU A 112 -48.52 -24.75 -14.30
N SER A 113 -48.73 -26.04 -14.00
CA SER A 113 -49.78 -26.40 -13.06
C SER A 113 -49.37 -26.24 -11.60
N LEU A 114 -48.08 -26.02 -11.33
CA LEU A 114 -47.67 -25.92 -9.93
C LEU A 114 -46.38 -25.12 -9.84
N ALA A 115 -46.07 -24.69 -8.62
CA ALA A 115 -44.82 -24.04 -8.29
C ALA A 115 -44.15 -24.79 -7.15
N MET A 116 -42.83 -24.68 -7.09
CA MET A 116 -42.05 -25.34 -6.04
C MET A 116 -40.97 -24.39 -5.55
N LEU A 117 -40.67 -24.46 -4.25
CA LEU A 117 -39.58 -23.65 -3.72
C LEU A 117 -39.00 -24.31 -2.48
N PHE A 118 -37.75 -23.95 -2.18
CA PHE A 118 -37.17 -24.11 -0.86
C PHE A 118 -37.43 -22.84 -0.06
N ALA A 119 -37.55 -22.96 1.27
CA ALA A 119 -37.86 -21.82 2.12
C ALA A 119 -36.73 -21.56 3.12
N SER A 120 -36.24 -20.33 3.15
CA SER A 120 -35.36 -19.92 4.23
C SER A 120 -36.03 -20.11 5.59
N GLU A 121 -37.32 -19.79 5.66
CA GLU A 121 -38.15 -19.97 6.86
C GLU A 121 -39.49 -20.52 6.39
N ALA A 122 -39.79 -21.75 6.77
CA ALA A 122 -40.90 -22.46 6.12
C ALA A 122 -42.24 -21.78 6.35
N LEU A 123 -42.42 -21.10 7.49
CA LEU A 123 -43.72 -20.51 7.79
C LEU A 123 -44.09 -19.36 6.87
N ILE A 124 -43.16 -18.88 6.03
CA ILE A 124 -43.46 -17.74 5.16
C ILE A 124 -44.62 -18.05 4.21
N TYR A 125 -44.64 -19.25 3.62
CA TYR A 125 -45.39 -19.43 2.37
C TYR A 125 -46.75 -20.11 2.49
N GLY A 126 -47.07 -20.75 3.62
CA GLY A 126 -48.36 -21.41 3.75
C GLY A 126 -49.53 -20.46 3.48
N ARG A 127 -49.38 -19.19 3.87
CA ARG A 127 -50.44 -18.21 3.69
C ARG A 127 -50.73 -17.93 2.22
N PHE A 128 -49.84 -18.34 1.31
CA PHE A 128 -50.05 -18.17 -0.12
C PHE A 128 -50.50 -19.46 -0.80
N GLY A 129 -50.74 -20.52 -0.03
CA GLY A 129 -51.18 -21.79 -0.59
C GLY A 129 -50.10 -22.83 -0.74
N TYR A 130 -48.85 -22.54 -0.36
CA TYR A 130 -47.77 -23.52 -0.42
C TYR A 130 -47.85 -24.49 0.76
N GLY A 131 -47.58 -25.75 0.50
CA GLY A 131 -47.47 -26.73 1.57
C GLY A 131 -46.17 -27.50 1.45
N VAL A 132 -45.52 -27.72 2.61
CA VAL A 132 -44.32 -28.55 2.62
C VAL A 132 -44.70 -29.94 2.15
N ALA A 133 -44.08 -30.39 1.04
CA ALA A 133 -44.42 -31.65 0.40
C ALA A 133 -43.31 -32.69 0.46
N THR A 134 -42.07 -32.27 0.66
CA THR A 134 -40.88 -33.12 0.57
C THR A 134 -39.97 -32.78 1.73
N GLU A 135 -39.37 -33.80 2.33
CA GLU A 135 -38.36 -33.60 3.36
C GLU A 135 -37.01 -34.08 2.83
N SER A 136 -35.94 -33.62 3.45
CA SER A 136 -34.63 -34.14 3.13
C SER A 136 -33.93 -34.58 4.40
N ALA A 137 -32.96 -35.48 4.22
CA ALA A 137 -32.21 -36.04 5.32
C ALA A 137 -30.75 -35.65 5.18
N GLU A 138 -30.18 -35.12 6.25
CA GLU A 138 -28.74 -35.06 6.39
C GLU A 138 -28.28 -36.40 6.95
N LEU A 139 -27.51 -37.13 6.16
CA LEU A 139 -27.00 -38.44 6.53
C LEU A 139 -25.52 -38.30 6.82
N SER A 140 -25.06 -38.85 7.95
CA SER A 140 -23.67 -38.62 8.33
C SER A 140 -23.24 -39.72 9.28
N GLY A 141 -21.93 -39.94 9.35
CA GLY A 141 -21.45 -40.95 10.27
C GLY A 141 -19.95 -41.11 10.18
N GLN A 142 -19.43 -41.92 11.09
CA GLN A 142 -18.04 -42.36 11.04
C GLN A 142 -17.93 -43.43 9.97
N VAL A 143 -17.03 -43.23 9.00
CA VAL A 143 -16.98 -44.16 7.88
C VAL A 143 -16.62 -45.56 8.35
N ARG A 144 -15.86 -45.68 9.45
CA ARG A 144 -15.48 -47.02 9.88
C ARG A 144 -16.61 -47.79 10.54
N GLU A 145 -17.75 -47.14 10.78
CA GLU A 145 -18.95 -47.78 11.30
C GLU A 145 -19.99 -48.06 10.21
N LEU A 146 -19.67 -47.82 8.93
CA LEU A 146 -20.65 -47.89 7.86
C LEU A 146 -20.41 -49.06 6.90
N ALA A 147 -19.92 -50.18 7.42
CA ALA A 147 -19.88 -51.41 6.63
C ALA A 147 -21.28 -51.76 6.14
N PHE A 148 -21.34 -52.38 4.96
CA PHE A 148 -22.59 -52.81 4.36
C PHE A 148 -22.98 -54.21 4.85
N ARG A 149 -24.25 -54.54 4.69
CA ARG A 149 -24.70 -55.90 4.97
C ARG A 149 -23.91 -56.87 4.10
N PRO A 150 -23.71 -58.10 4.55
CA PRO A 150 -22.87 -59.05 3.80
C PRO A 150 -23.40 -59.37 2.40
N THR A 151 -24.70 -59.24 2.13
CA THR A 151 -25.26 -59.60 0.83
C THR A 151 -25.17 -58.48 -0.20
N VAL A 152 -24.64 -57.31 0.16
CA VAL A 152 -24.62 -56.18 -0.77
C VAL A 152 -23.57 -56.46 -1.85
N ASP A 153 -24.02 -56.67 -3.08
CA ASP A 153 -23.13 -56.94 -4.20
C ASP A 153 -22.56 -55.63 -4.72
N LEU A 154 -21.24 -55.51 -4.73
CA LEU A 154 -20.61 -54.31 -5.29
C LEU A 154 -20.33 -54.43 -6.78
N GLY A 155 -20.50 -55.61 -7.37
CA GLY A 155 -20.28 -55.76 -8.79
C GLY A 155 -18.80 -55.69 -9.17
N ASP A 156 -18.59 -55.64 -10.49
CA ASP A 156 -17.26 -55.73 -11.07
C ASP A 156 -16.83 -54.43 -11.76
N GLY A 157 -17.39 -53.29 -11.35
CA GLY A 157 -17.07 -52.02 -11.97
C GLY A 157 -15.85 -51.36 -11.37
N THR A 158 -15.47 -50.23 -11.97
CA THR A 158 -14.33 -49.44 -11.50
C THR A 158 -14.72 -47.97 -11.42
N LEU A 159 -13.91 -47.22 -10.68
CA LEU A 159 -14.12 -45.79 -10.51
C LEU A 159 -12.91 -45.02 -11.00
N GLU A 160 -13.17 -43.80 -11.45
CA GLU A 160 -12.16 -42.88 -11.91
C GLU A 160 -12.50 -41.50 -11.37
N GLU A 161 -11.47 -40.78 -10.93
CA GLU A 161 -11.61 -39.37 -10.64
CA GLU A 161 -11.58 -39.35 -10.63
C GLU A 161 -11.39 -38.58 -11.93
N VAL A 162 -12.34 -37.71 -12.26
CA VAL A 162 -12.32 -37.07 -13.57
C VAL A 162 -12.47 -35.56 -13.42
N SER A 163 -12.15 -34.86 -14.51
CA SER A 163 -12.43 -33.43 -14.62
C SER A 163 -13.93 -33.19 -14.71
N ALA A 164 -14.32 -31.94 -14.40
CA ALA A 164 -15.72 -31.55 -14.59
C ALA A 164 -16.15 -31.82 -16.03
N GLU A 165 -15.29 -31.50 -16.99
CA GLU A 165 -15.61 -31.71 -18.40
C GLU A 165 -15.89 -33.17 -18.70
N THR A 166 -15.04 -34.06 -18.18
CA THR A 166 -15.27 -35.50 -18.40
C THR A 166 -16.52 -35.96 -17.67
N PHE A 167 -16.71 -35.45 -16.45
CA PHE A 167 -17.91 -35.79 -15.68
C PHE A 167 -19.17 -35.41 -16.44
N LEU A 168 -19.22 -34.18 -16.96
CA LEU A 168 -20.38 -33.66 -17.66
C LEU A 168 -20.65 -34.37 -18.98
N ALA A 169 -19.71 -35.17 -19.48
CA ALA A 169 -19.96 -35.92 -20.69
C ALA A 169 -20.70 -37.23 -20.42
N SER A 170 -20.77 -37.68 -19.17
CA SER A 170 -21.43 -38.94 -18.87
C SER A 170 -22.52 -38.81 -17.80
N ALA A 171 -22.32 -37.92 -16.83
CA ALA A 171 -23.29 -37.79 -15.75
C ALA A 171 -24.69 -37.42 -16.22
N PRO A 172 -24.89 -36.51 -17.18
CA PRO A 172 -26.27 -36.17 -17.57
C PRO A 172 -27.08 -37.37 -18.05
N ALA A 173 -26.48 -38.27 -18.82
CA ALA A 173 -27.23 -39.43 -19.29
C ALA A 173 -27.60 -40.35 -18.13
N ILE A 174 -26.68 -40.52 -17.17
CA ILE A 174 -26.98 -41.32 -15.97
C ILE A 174 -28.13 -40.70 -15.21
N TYR A 175 -28.07 -39.38 -15.01
CA TYR A 175 -29.09 -38.67 -14.25
C TYR A 175 -30.46 -38.82 -14.90
N ASP A 176 -30.53 -38.60 -16.23
CA ASP A 176 -31.82 -38.71 -16.92
C ASP A 176 -32.41 -40.12 -16.81
N ALA A 177 -31.56 -41.15 -16.76
CA ALA A 177 -32.07 -42.51 -16.70
C ALA A 177 -32.63 -42.85 -15.32
N VAL A 178 -32.12 -42.21 -14.27
CA VAL A 178 -32.49 -42.59 -12.90
C VAL A 178 -33.69 -41.78 -12.40
N ILE A 179 -33.79 -40.49 -12.71
CA ILE A 179 -34.74 -39.64 -12.00
C ILE A 179 -36.22 -39.95 -12.27
N PRO A 180 -36.63 -40.60 -13.35
CA PRO A 180 -38.06 -40.99 -13.44
C PRO A 180 -38.52 -41.85 -12.27
N GLY A 181 -37.62 -42.56 -11.60
CA GLY A 181 -37.97 -43.29 -10.40
C GLY A 181 -37.86 -42.50 -9.10
N LEU A 182 -37.54 -41.20 -9.17
CA LEU A 182 -37.29 -40.38 -7.97
C LEU A 182 -38.13 -39.11 -8.05
N PRO A 183 -39.42 -39.19 -7.69
CA PRO A 183 -40.27 -37.99 -7.74
C PRO A 183 -39.66 -36.85 -6.94
N GLY A 184 -39.76 -35.63 -7.49
CA GLY A 184 -39.19 -34.43 -6.89
C GLY A 184 -37.95 -33.95 -7.60
N GLN A 185 -37.17 -34.86 -8.18
CA GLN A 185 -36.00 -34.45 -8.96
C GLN A 185 -36.44 -33.62 -10.17
N MET A 186 -35.55 -32.74 -10.61
CA MET A 186 -35.86 -31.86 -11.74
C MET A 186 -34.89 -32.11 -12.89
N SER A 187 -35.38 -31.87 -14.10
CA SER A 187 -34.54 -31.98 -15.28
C SER A 187 -33.34 -31.05 -15.17
N ARG A 188 -32.21 -31.49 -15.72
CA ARG A 188 -31.01 -30.64 -15.73
C ARG A 188 -30.56 -30.45 -17.17
N THR A 189 -30.73 -29.23 -17.68
CA THR A 189 -30.10 -28.80 -18.92
C THR A 189 -28.60 -28.67 -18.69
N PRO A 190 -27.81 -28.49 -19.76
CA PRO A 190 -26.39 -28.16 -19.56
C PRO A 190 -26.18 -26.95 -18.67
N GLU A 191 -27.04 -25.94 -18.80
CA GLU A 191 -26.89 -24.74 -17.99
C GLU A 191 -27.07 -25.04 -16.50
N TRP A 192 -28.07 -25.86 -16.16
CA TRP A 192 -28.25 -26.24 -14.77
C TRP A 192 -27.11 -27.11 -14.26
N TRP A 193 -26.59 -28.01 -15.11
CA TRP A 193 -25.41 -28.81 -14.71
C TRP A 193 -24.22 -27.90 -14.42
N ALA A 194 -24.05 -26.84 -15.21
CA ALA A 194 -22.94 -25.92 -14.97
C ALA A 194 -23.05 -25.25 -13.61
N SER A 195 -24.27 -24.92 -13.19
CA SER A 195 -24.44 -24.35 -11.85
C SER A 195 -24.20 -25.41 -10.78
N TRP A 196 -24.76 -26.61 -10.97
CA TRP A 196 -24.65 -27.67 -9.98
C TRP A 196 -23.20 -28.09 -9.76
N THR A 197 -22.38 -28.07 -10.82
CA THR A 197 -20.99 -28.50 -10.70
C THR A 197 -20.02 -27.34 -10.49
N LEU A 198 -20.53 -26.12 -10.29
CA LEU A 198 -19.65 -24.98 -10.11
C LEU A 198 -18.81 -25.17 -8.85
N ASP A 199 -17.50 -24.93 -8.98
CA ASP A 199 -16.58 -25.03 -7.84
C ASP A 199 -16.62 -23.70 -7.08
N SER A 200 -17.78 -23.42 -6.48
CA SER A 200 -18.02 -22.13 -5.88
C SER A 200 -17.01 -21.83 -4.76
N GLU A 201 -16.65 -20.55 -4.64
CA GLU A 201 -15.71 -20.14 -3.61
C GLU A 201 -16.30 -20.30 -2.21
N GLU A 202 -17.62 -20.14 -2.07
CA GLU A 202 -18.24 -20.27 -0.76
C GLU A 202 -18.08 -21.68 -0.21
N LEU A 203 -18.46 -22.67 -1.04
CA LEU A 203 -18.36 -24.06 -0.58
C LEU A 203 -16.91 -24.51 -0.39
N GLN A 204 -15.97 -23.92 -1.15
CA GLN A 204 -14.57 -24.28 -0.96
C GLN A 204 -14.10 -23.93 0.46
N LYS A 205 -14.54 -22.77 0.97
CA LYS A 205 -14.05 -22.31 2.27
C LYS A 205 -14.43 -23.27 3.40
N GLU A 206 -15.58 -23.95 3.28
CA GLU A 206 -16.03 -24.89 4.29
C GLU A 206 -15.46 -26.29 4.10
N SER A 207 -14.84 -26.59 2.96
CA SER A 207 -14.36 -27.94 2.72
C SER A 207 -13.15 -27.96 1.80
N GLY A 208 -13.36 -28.04 0.50
CA GLY A 208 -12.28 -28.07 -0.46
C GLY A 208 -12.87 -27.99 -1.85
N LYS A 209 -11.99 -28.09 -2.85
CA LYS A 209 -12.45 -28.03 -4.24
C LYS A 209 -13.32 -29.22 -4.57
N VAL A 210 -14.32 -28.98 -5.42
CA VAL A 210 -15.28 -30.02 -5.77
C VAL A 210 -14.60 -31.09 -6.62
N ARG A 211 -14.96 -32.34 -6.38
CA ARG A 211 -14.40 -33.48 -7.09
C ARG A 211 -15.51 -34.29 -7.75
N PHE A 212 -15.16 -34.96 -8.85
CA PHE A 212 -16.11 -35.73 -9.63
C PHE A 212 -15.61 -37.15 -9.79
N VAL A 213 -16.52 -38.11 -9.65
CA VAL A 213 -16.22 -39.53 -9.77
C VAL A 213 -17.16 -40.14 -10.78
N LEU A 214 -16.64 -40.99 -11.65
CA LEU A 214 -17.47 -41.79 -12.53
C LEU A 214 -17.23 -43.27 -12.23
N HIS A 215 -18.33 -44.01 -12.20
CA HIS A 215 -18.31 -45.46 -12.04
C HIS A 215 -18.62 -46.10 -13.39
N TYR A 216 -17.79 -47.05 -13.80
CA TYR A 216 -17.96 -47.72 -15.07
C TYR A 216 -18.20 -49.20 -14.84
N GLU A 217 -19.14 -49.76 -15.60
CA GLU A 217 -19.30 -51.20 -15.63
C GLU A 217 -18.07 -51.85 -16.26
N SER A 218 -17.98 -53.18 -16.12
CA SER A 218 -16.83 -53.89 -16.65
C SER A 218 -16.71 -53.75 -18.16
N ASP A 219 -17.82 -53.51 -18.86
CA ASP A 219 -17.75 -53.26 -20.29
C ASP A 219 -17.45 -51.80 -20.64
N GLY A 220 -17.20 -50.94 -19.65
CA GLY A 220 -16.86 -49.56 -19.90
C GLY A 220 -18.03 -48.59 -19.90
N THR A 221 -19.26 -49.06 -19.73
CA THR A 221 -20.42 -48.19 -19.69
C THR A 221 -20.44 -47.40 -18.38
N ALA A 222 -20.50 -46.07 -18.49
CA ALA A 222 -20.66 -45.23 -17.30
C ALA A 222 -22.03 -45.51 -16.68
N SER A 223 -22.04 -45.88 -15.40
CA SER A 223 -23.29 -46.26 -14.75
C SER A 223 -23.50 -45.63 -13.38
N GLY A 224 -22.58 -44.79 -12.92
CA GLY A 224 -22.75 -44.13 -11.63
C GLY A 224 -21.85 -42.92 -11.56
N PHE A 225 -22.17 -42.01 -10.65
CA PHE A 225 -21.31 -40.85 -10.47
C PHE A 225 -21.44 -40.34 -9.05
N ALA A 226 -20.46 -39.54 -8.66
CA ALA A 226 -20.47 -38.88 -7.37
C ALA A 226 -19.90 -37.48 -7.52
N ILE A 227 -20.44 -36.56 -6.73
CA ILE A 227 -19.87 -35.22 -6.55
C ILE A 227 -19.59 -35.09 -5.06
N TYR A 228 -18.34 -34.73 -4.71
CA TYR A 228 -18.02 -34.55 -3.30
C TYR A 228 -16.90 -33.55 -3.13
N ARG A 229 -16.73 -33.09 -1.89
CA ARG A 229 -15.63 -32.21 -1.50
C ARG A 229 -14.94 -32.77 -0.27
N PRO A 230 -13.61 -32.79 -0.25
CA PRO A 230 -12.88 -33.22 0.95
C PRO A 230 -12.60 -32.08 1.91
N LYS A 231 -12.58 -32.43 3.19
CA LYS A 231 -12.22 -31.50 4.26
C LYS A 231 -11.12 -32.17 5.06
N PRO A 232 -9.85 -31.87 4.77
CA PRO A 232 -8.75 -32.52 5.49
C PRO A 232 -8.76 -32.16 6.96
N GLY A 233 -8.21 -33.04 7.79
CA GLY A 233 -8.17 -32.80 9.21
C GLY A 233 -7.33 -33.85 9.90
N TRP A 234 -6.84 -33.50 11.09
CA TRP A 234 -6.06 -34.40 11.91
C TRP A 234 -6.53 -34.26 13.35
N GLY A 235 -6.60 -35.40 14.05
CA GLY A 235 -6.97 -35.43 15.44
C GLY A 235 -5.80 -35.79 16.34
N ASP A 236 -6.13 -36.06 17.60
CA ASP A 236 -5.13 -36.40 18.59
C ASP A 236 -4.50 -37.78 18.36
N ALA A 237 -5.15 -38.65 17.58
CA ALA A 237 -4.67 -40.02 17.43
C ALA A 237 -4.53 -40.43 15.98
N GLY A 238 -4.58 -39.49 15.04
CA GLY A 238 -4.48 -39.83 13.65
C GLY A 238 -5.27 -38.91 12.75
N PRO A 239 -5.39 -39.27 11.47
CA PRO A 239 -6.12 -38.43 10.52
C PRO A 239 -7.59 -38.37 10.86
N ASN A 240 -8.25 -37.31 10.39
CA ASN A 240 -9.63 -37.08 10.78
C ASN A 240 -10.36 -36.31 9.68
N ALA A 241 -10.11 -36.66 8.43
CA ALA A 241 -10.70 -35.90 7.34
C ALA A 241 -12.19 -36.21 7.23
N GLU A 242 -12.89 -35.31 6.58
N GLU A 242 -12.90 -35.34 6.54
CA GLU A 242 -14.31 -35.47 6.29
CA GLU A 242 -14.35 -35.47 6.35
C GLU A 242 -14.52 -35.46 4.78
C GLU A 242 -14.70 -35.27 4.89
N LEU A 243 -15.56 -36.14 4.35
CA LEU A 243 -16.04 -36.03 2.98
C LEU A 243 -17.44 -35.42 3.02
N HIS A 244 -17.64 -34.33 2.29
CA HIS A 244 -18.94 -33.69 2.14
C HIS A 244 -19.50 -34.08 0.78
N VAL A 245 -20.44 -35.00 0.77
CA VAL A 245 -21.00 -35.55 -0.45
C VAL A 245 -22.12 -34.64 -0.93
N GLN A 246 -22.05 -34.25 -2.20
CA GLN A 246 -23.12 -33.45 -2.80
C GLN A 246 -24.15 -34.33 -3.51
N GLU A 247 -23.71 -35.43 -4.13
CA GLU A 247 -24.63 -36.26 -4.89
C GLU A 247 -23.95 -37.57 -5.25
N VAL A 248 -24.70 -38.66 -5.16
CA VAL A 248 -24.27 -39.98 -5.65
C VAL A 248 -25.47 -40.62 -6.32
N LEU A 249 -25.29 -41.08 -7.56
CA LEU A 249 -26.35 -41.79 -8.28
C LEU A 249 -25.76 -42.98 -9.01
N GLY A 250 -26.58 -44.00 -9.21
CA GLY A 250 -26.19 -45.15 -10.01
C GLY A 250 -27.40 -45.74 -10.71
N THR A 251 -27.19 -46.29 -11.91
CA THR A 251 -28.30 -46.83 -12.68
C THR A 251 -28.64 -48.26 -12.29
N ASN A 252 -27.85 -48.91 -11.44
CA ASN A 252 -28.16 -50.24 -10.94
C ASN A 252 -27.66 -50.32 -9.50
N PRO A 253 -28.12 -51.29 -8.72
CA PRO A 253 -27.73 -51.35 -7.30
C PRO A 253 -26.24 -51.54 -7.08
N ARG A 254 -25.55 -52.20 -8.01
CA ARG A 254 -24.12 -52.42 -7.83
C ARG A 254 -23.32 -51.14 -8.02
N SER A 255 -23.67 -50.37 -9.05
CA SER A 255 -22.93 -49.12 -9.26
C SER A 255 -23.18 -48.15 -8.10
N TYR A 256 -24.41 -48.12 -7.58
CA TYR A 256 -24.70 -47.25 -6.45
C TYR A 256 -23.91 -47.68 -5.22
N ALA A 257 -23.97 -48.96 -4.86
CA ALA A 257 -23.26 -49.44 -3.68
C ALA A 257 -21.75 -49.30 -3.85
N ARG A 258 -21.24 -49.55 -5.05
CA ARG A 258 -19.80 -49.50 -5.26
C ARG A 258 -19.28 -48.06 -5.17
N THR A 259 -20.04 -47.11 -5.70
CA THR A 259 -19.62 -45.72 -5.62
C THR A 259 -19.60 -45.24 -4.17
N TRP A 260 -20.61 -45.65 -3.38
CA TRP A 260 -20.60 -45.29 -1.96
C TRP A 260 -19.43 -45.92 -1.25
N ARG A 261 -19.14 -47.18 -1.57
CA ARG A 261 -18.03 -47.87 -0.91
C ARG A 261 -16.70 -47.19 -1.24
N TYR A 262 -16.57 -46.68 -2.46
CA TYR A 262 -15.37 -45.94 -2.85
C TYR A 262 -15.14 -44.75 -1.92
N LEU A 263 -16.20 -43.99 -1.64
CA LEU A 263 -16.08 -42.84 -0.77
C LEU A 263 -15.83 -43.27 0.67
N LEU A 264 -16.57 -44.27 1.13
CA LEU A 264 -16.47 -44.68 2.54
C LEU A 264 -15.11 -45.26 2.86
N ASP A 265 -14.45 -45.87 1.87
CA ASP A 265 -13.17 -46.54 2.11
C ASP A 265 -11.96 -45.67 1.84
N MET A 266 -12.16 -44.40 1.51
CA MET A 266 -11.05 -43.48 1.25
C MET A 266 -10.13 -43.35 2.46
N ASP A 267 -8.82 -43.35 2.20
CA ASP A 267 -7.86 -43.24 3.29
C ASP A 267 -7.83 -41.83 3.85
N LEU A 268 -7.52 -41.73 5.15
CA LEU A 268 -7.42 -40.51 5.94
C LEU A 268 -8.79 -40.01 6.40
N VAL A 269 -9.84 -40.46 5.73
CA VAL A 269 -11.21 -40.06 6.05
C VAL A 269 -11.67 -40.78 7.30
N ARG A 270 -12.36 -40.05 8.17
CA ARG A 270 -13.04 -40.66 9.31
C ARG A 270 -14.53 -40.35 9.35
N LYS A 271 -14.98 -39.31 8.64
N LYS A 271 -14.98 -39.30 8.66
CA LYS A 271 -16.36 -38.87 8.74
CA LYS A 271 -16.35 -38.85 8.74
C LYS A 271 -16.89 -38.56 7.34
C LYS A 271 -16.88 -38.58 7.33
N ILE A 272 -18.18 -38.80 7.14
CA ILE A 272 -18.83 -38.50 5.88
C ILE A 272 -20.17 -37.82 6.19
N LYS A 273 -20.58 -36.93 5.28
CA LYS A 273 -21.87 -36.28 5.45
C LYS A 273 -22.48 -36.04 4.09
N TYR A 274 -23.74 -36.42 3.96
CA TYR A 274 -24.51 -36.26 2.73
C TYR A 274 -25.70 -35.37 3.06
N HIS A 275 -25.62 -34.09 2.68
CA HIS A 275 -26.73 -33.19 2.93
C HIS A 275 -27.75 -33.33 1.81
N GLY A 276 -29.02 -33.23 2.16
CA GLY A 276 -30.05 -33.23 1.14
C GLY A 276 -30.32 -34.59 0.53
N ALA A 277 -30.09 -35.66 1.29
CA ALA A 277 -30.42 -36.99 0.82
C ALA A 277 -31.92 -37.23 0.91
N SER A 278 -32.35 -38.38 0.40
CA SER A 278 -33.73 -38.80 0.60
C SER A 278 -33.90 -39.36 2.01
N VAL A 279 -35.07 -39.12 2.59
CA VAL A 279 -35.39 -39.78 3.86
C VAL A 279 -35.49 -41.28 3.69
N GLN A 280 -35.60 -41.77 2.44
CA GLN A 280 -35.54 -43.19 2.12
C GLN A 280 -34.35 -43.51 1.21
N GLU A 281 -33.24 -42.79 1.40
CA GLU A 281 -32.02 -43.05 0.62
C GLU A 281 -31.63 -44.52 0.74
N GLU A 282 -31.30 -45.14 -0.41
CA GLU A 282 -30.93 -46.56 -0.39
C GLU A 282 -29.80 -46.84 0.61
N LEU A 283 -28.84 -45.93 0.70
CA LEU A 283 -27.70 -46.11 1.61
C LEU A 283 -28.16 -46.39 3.03
N ARG A 284 -29.30 -45.87 3.43
CA ARG A 284 -29.77 -46.08 4.80
C ARG A 284 -29.98 -47.56 5.09
N TYR A 285 -30.37 -48.35 4.07
CA TYR A 285 -30.66 -49.76 4.26
C TYR A 285 -29.51 -50.66 3.86
N LEU A 286 -28.52 -50.13 3.13
CA LEU A 286 -27.33 -50.93 2.80
C LEU A 286 -26.46 -51.18 4.02
N VAL A 287 -26.43 -50.25 4.99
CA VAL A 287 -25.46 -50.38 6.08
C VAL A 287 -25.87 -51.49 7.02
N ALA A 288 -24.86 -52.21 7.53
CA ALA A 288 -25.09 -53.32 8.44
C ALA A 288 -25.69 -52.85 9.75
N ASN A 289 -25.28 -51.67 10.23
CA ASN A 289 -25.75 -51.17 11.52
C ASN A 289 -26.51 -49.88 11.26
N HIS A 290 -27.83 -50.00 11.26
CA HIS A 290 -28.74 -48.90 10.91
C HIS A 290 -28.38 -47.57 11.55
N PRO A 291 -28.22 -47.45 12.87
CA PRO A 291 -28.03 -46.11 13.46
C PRO A 291 -26.63 -45.55 13.28
N SER A 292 -25.68 -46.32 12.75
CA SER A 292 -24.38 -45.73 12.46
C SER A 292 -24.47 -44.62 11.43
N LEU A 293 -25.50 -44.63 10.59
CA LEU A 293 -25.74 -43.53 9.66
C LEU A 293 -26.78 -42.64 10.33
N GLU A 294 -26.33 -41.57 11.00
CA GLU A 294 -27.26 -40.62 11.60
C GLU A 294 -28.12 -39.96 10.53
N CYS A 295 -29.34 -39.59 10.92
CA CYS A 295 -30.33 -39.10 9.97
C CYS A 295 -31.09 -37.96 10.64
N VAL A 296 -30.93 -36.75 10.11
CA VAL A 296 -31.59 -35.54 10.59
C VAL A 296 -32.50 -35.04 9.47
N VAL A 297 -33.79 -34.92 9.75
CA VAL A 297 -34.81 -34.71 8.73
C VAL A 297 -35.36 -33.29 8.87
N SER A 298 -35.48 -32.59 7.74
CA SER A 298 -36.02 -31.24 7.72
C SER A 298 -36.85 -31.05 6.46
N ASP A 299 -37.56 -29.91 6.42
CA ASP A 299 -38.34 -29.56 5.24
C ASP A 299 -37.43 -29.33 4.03
N ALA A 300 -37.89 -29.75 2.85
CA ALA A 300 -37.20 -29.40 1.61
C ALA A 300 -38.11 -28.57 0.72
N ILE A 301 -38.89 -29.20 -0.17
CA ILE A 301 -39.68 -28.49 -1.17
C ILE A 301 -41.09 -28.23 -0.66
N GLN A 302 -41.59 -27.00 -0.88
CA GLN A 302 -43.01 -26.68 -0.76
C GLN A 302 -43.65 -26.59 -2.14
N VAL A 303 -44.87 -27.11 -2.24
CA VAL A 303 -45.62 -27.16 -3.50
C VAL A 303 -46.78 -26.17 -3.40
N ARG A 304 -46.95 -25.37 -4.46
CA ARG A 304 -48.15 -24.56 -4.65
C ARG A 304 -48.87 -25.09 -5.88
N LEU A 305 -50.04 -25.70 -5.70
CA LEU A 305 -50.86 -26.13 -6.83
C LEU A 305 -51.53 -24.91 -7.44
N VAL A 306 -51.27 -24.67 -8.72
CA VAL A 306 -51.78 -23.51 -9.42
C VAL A 306 -52.98 -23.86 -10.29
N ASP A 307 -52.90 -24.98 -10.99
CA ASP A 307 -54.03 -25.52 -11.76
C ASP A 307 -54.35 -26.84 -11.08
N ILE A 308 -55.29 -26.78 -10.13
CA ILE A 308 -55.57 -27.92 -9.24
C ILE A 308 -55.96 -29.18 -10.03
N PRO A 309 -57.00 -29.16 -10.88
CA PRO A 309 -57.38 -30.41 -11.56
C PRO A 309 -56.33 -30.92 -12.51
N ARG A 310 -55.59 -30.03 -13.17
CA ARG A 310 -54.54 -30.47 -14.07
C ARG A 310 -53.40 -31.14 -13.31
N ALA A 311 -52.94 -30.51 -12.22
CA ALA A 311 -51.89 -31.13 -11.42
C ALA A 311 -52.32 -32.50 -10.90
N LEU A 312 -53.55 -32.61 -10.39
CA LEU A 312 -53.96 -33.90 -9.86
C LEU A 312 -54.07 -34.96 -10.95
N ALA A 313 -54.29 -34.56 -12.20
CA ALA A 313 -54.35 -35.53 -13.28
C ALA A 313 -52.98 -35.86 -13.86
N GLN A 314 -51.96 -35.05 -13.56
CA GLN A 314 -50.64 -35.25 -14.17
C GLN A 314 -49.79 -36.27 -13.45
N ARG A 315 -50.03 -36.54 -12.17
CA ARG A 315 -49.29 -37.58 -11.48
C ARG A 315 -50.07 -38.89 -11.54
N ARG A 316 -49.45 -39.97 -11.08
CA ARG A 316 -50.12 -41.25 -10.93
C ARG A 316 -50.21 -41.58 -9.45
N TYR A 317 -51.10 -42.50 -9.12
CA TYR A 317 -51.45 -42.81 -7.73
C TYR A 317 -51.07 -44.25 -7.41
N ALA A 318 -50.65 -44.47 -6.16
CA ALA A 318 -50.09 -45.77 -5.77
C ALA A 318 -51.14 -46.86 -5.72
N ALA A 319 -52.41 -46.52 -5.60
CA ALA A 319 -53.51 -47.46 -5.67
C ALA A 319 -54.72 -46.71 -6.23
N ASP A 320 -55.80 -47.45 -6.46
CA ASP A 320 -56.99 -46.81 -7.02
C ASP A 320 -57.63 -45.86 -6.01
N VAL A 321 -58.16 -44.75 -6.51
CA VAL A 321 -58.87 -43.80 -5.68
C VAL A 321 -60.00 -43.19 -6.49
N ASP A 322 -61.13 -42.98 -5.83
CA ASP A 322 -62.25 -42.21 -6.38
C ASP A 322 -62.80 -41.40 -5.21
N VAL A 323 -62.48 -40.11 -5.16
CA VAL A 323 -62.73 -39.30 -3.98
C VAL A 323 -63.13 -37.90 -4.42
N VAL A 324 -64.03 -37.28 -3.66
CA VAL A 324 -64.44 -35.91 -3.91
C VAL A 324 -63.80 -35.01 -2.87
N LEU A 325 -63.04 -34.02 -3.33
CA LEU A 325 -62.27 -33.13 -2.47
C LEU A 325 -62.88 -31.73 -2.48
N GLU A 326 -63.31 -31.25 -1.32
CA GLU A 326 -63.76 -29.86 -1.17
C GLU A 326 -62.52 -29.05 -0.84
N VAL A 327 -62.00 -28.33 -1.82
CA VAL A 327 -60.70 -27.65 -1.71
C VAL A 327 -60.93 -26.17 -1.51
N THR A 328 -60.42 -25.63 -0.40
CA THR A 328 -60.50 -24.20 -0.11
C THR A 328 -59.14 -23.57 -0.38
N ASP A 329 -59.10 -22.60 -1.30
CA ASP A 329 -57.89 -21.85 -1.63
C ASP A 329 -58.03 -20.43 -1.06
N ASP A 330 -57.48 -20.21 0.14
CA ASP A 330 -57.67 -18.94 0.83
C ASP A 330 -57.03 -17.78 0.08
N PHE A 331 -55.82 -17.95 -0.43
CA PHE A 331 -55.14 -16.84 -1.09
C PHE A 331 -55.70 -16.55 -2.47
N LEU A 332 -56.12 -17.60 -3.20
CA LEU A 332 -56.67 -17.47 -4.55
C LEU A 332 -58.05 -18.12 -4.56
N PRO A 333 -59.07 -17.44 -4.04
CA PRO A 333 -60.37 -18.10 -3.85
C PRO A 333 -61.05 -18.52 -5.15
N GLU A 334 -60.62 -18.02 -6.30
CA GLU A 334 -61.16 -18.49 -7.58
C GLU A 334 -60.86 -19.96 -7.82
N ASN A 335 -59.82 -20.51 -7.15
CA ASN A 335 -59.47 -21.91 -7.27
C ASN A 335 -60.33 -22.82 -6.39
N SER A 336 -60.99 -22.26 -5.38
CA SER A 336 -61.82 -23.09 -4.52
C SER A 336 -62.86 -23.82 -5.36
N GLY A 337 -63.16 -25.05 -4.97
CA GLY A 337 -64.08 -25.87 -5.75
C GLY A 337 -64.13 -27.27 -5.18
N ARG A 338 -65.11 -28.02 -5.68
CA ARG A 338 -65.30 -29.41 -5.29
C ARG A 338 -64.88 -30.28 -6.47
N TYR A 339 -63.80 -31.04 -6.30
CA TYR A 339 -63.16 -31.76 -7.38
C TYR A 339 -63.25 -33.25 -7.14
N ARG A 340 -63.65 -34.00 -8.16
CA ARG A 340 -63.65 -35.46 -8.12
C ARG A 340 -62.35 -35.97 -8.72
N LEU A 341 -61.57 -36.67 -7.91
CA LEU A 341 -60.30 -37.24 -8.34
C LEU A 341 -60.49 -38.74 -8.55
N ARG A 342 -60.22 -39.21 -9.76
CA ARG A 342 -60.21 -40.63 -10.07
C ARG A 342 -58.83 -40.99 -10.58
N GLY A 343 -58.17 -41.94 -9.92
CA GLY A 343 -56.77 -42.16 -10.23
C GLY A 343 -56.30 -43.53 -9.80
N GLY A 344 -55.12 -43.88 -10.32
CA GLY A 344 -54.49 -45.13 -9.98
C GLY A 344 -53.12 -45.20 -10.63
N LEU A 345 -52.55 -46.41 -10.67
CA LEU A 345 -51.23 -46.56 -11.28
C LEU A 345 -51.25 -46.20 -12.75
N ASP A 346 -52.38 -46.41 -13.43
CA ASP A 346 -52.46 -46.32 -14.88
C ASP A 346 -53.33 -45.17 -15.39
N HIS A 347 -53.86 -44.30 -14.53
CA HIS A 347 -54.75 -43.24 -14.98
C HIS A 347 -54.89 -42.19 -13.90
N ALA A 348 -55.33 -41.00 -14.33
CA ALA A 348 -55.72 -39.94 -13.40
C ALA A 348 -56.60 -38.93 -14.13
N SER A 349 -57.72 -38.56 -13.52
CA SER A 349 -58.59 -37.50 -14.01
C SER A 349 -59.16 -36.71 -12.83
N CYS A 350 -59.48 -35.46 -13.07
CA CYS A 350 -59.97 -34.59 -12.01
C CYS A 350 -60.81 -33.47 -12.62
N GLU A 351 -62.01 -33.23 -12.07
CA GLU A 351 -62.89 -32.19 -12.57
C GLU A 351 -63.90 -31.80 -11.50
N ILE A 352 -64.54 -30.64 -11.71
CA ILE A 352 -65.58 -30.18 -10.80
C ILE A 352 -66.72 -31.19 -10.75
N THR A 353 -67.29 -31.39 -9.57
CA THR A 353 -68.46 -32.23 -9.39
C THR A 353 -69.40 -31.59 -8.38
N THR A 354 -70.68 -31.90 -8.52
CA THR A 354 -71.66 -31.50 -7.52
C THR A 354 -71.98 -32.60 -6.52
N ASP A 355 -71.42 -33.80 -6.71
CA ASP A 355 -71.61 -34.88 -5.74
C ASP A 355 -71.11 -34.45 -4.36
N ASP A 356 -71.52 -35.19 -3.33
CA ASP A 356 -71.11 -34.85 -1.96
C ASP A 356 -69.60 -34.98 -1.81
N ALA A 357 -69.01 -34.08 -1.03
CA ALA A 357 -67.58 -34.11 -0.76
C ALA A 357 -67.25 -35.20 0.26
N ASP A 358 -66.11 -35.88 0.05
CA ASP A 358 -65.59 -36.88 0.98
C ASP A 358 -64.60 -36.31 1.97
N ILE A 359 -63.82 -35.32 1.52
CA ILE A 359 -62.73 -34.78 2.32
C ILE A 359 -62.72 -33.27 2.09
N ALA A 360 -62.52 -32.51 3.16
CA ALA A 360 -62.39 -31.07 3.10
C ALA A 360 -60.97 -30.68 3.51
N LEU A 361 -60.32 -29.88 2.67
CA LEU A 361 -58.93 -29.52 2.94
C LEU A 361 -58.59 -28.24 2.18
N THR A 362 -57.59 -27.53 2.69
CA THR A 362 -57.09 -26.33 2.05
C THR A 362 -56.09 -26.69 0.97
N VAL A 363 -55.84 -25.74 0.07
CA VAL A 363 -54.94 -26.04 -1.03
C VAL A 363 -53.50 -26.24 -0.54
N ARG A 364 -53.11 -25.61 0.58
CA ARG A 364 -51.75 -25.86 1.06
C ARG A 364 -51.57 -27.31 1.49
N ASP A 365 -52.58 -27.88 2.14
CA ASP A 365 -52.47 -29.27 2.58
C ASP A 365 -52.61 -30.24 1.41
N LEU A 366 -53.43 -29.92 0.41
CA LEU A 366 -53.42 -30.68 -0.83
C LEU A 366 -52.04 -30.67 -1.47
N GLY A 367 -51.38 -29.50 -1.46
CA GLY A 367 -50.00 -29.44 -1.92
C GLY A 367 -49.06 -30.30 -1.08
N SER A 368 -49.24 -30.27 0.24
CA SER A 368 -48.38 -31.04 1.14
C SER A 368 -48.42 -32.53 0.84
N VAL A 369 -49.59 -33.06 0.44
CA VAL A 369 -49.71 -34.51 0.18
C VAL A 369 -49.42 -34.86 -1.26
N TYR A 370 -49.20 -33.86 -2.12
CA TYR A 370 -49.22 -34.09 -3.56
C TYR A 370 -48.06 -34.94 -4.05
N MET A 371 -46.90 -34.90 -3.37
CA MET A 371 -45.72 -35.63 -3.84
C MET A 371 -45.53 -36.97 -3.13
N GLY A 372 -46.48 -37.37 -2.28
CA GLY A 372 -46.35 -38.62 -1.54
C GLY A 372 -45.43 -38.56 -0.34
N GLY A 373 -45.08 -37.36 0.14
CA GLY A 373 -44.14 -37.23 1.24
C GLY A 373 -44.75 -36.92 2.58
N VAL A 374 -46.05 -36.61 2.58
CA VAL A 374 -46.81 -36.31 3.78
C VAL A 374 -48.11 -37.08 3.70
N SER A 375 -48.47 -37.79 4.77
CA SER A 375 -49.66 -38.65 4.74
C SER A 375 -50.92 -37.85 4.98
N LEU A 376 -51.87 -37.94 4.04
CA LEU A 376 -53.16 -37.29 4.23
C LEU A 376 -53.85 -37.80 5.50
N GLN A 377 -53.61 -39.06 5.87
CA GLN A 377 -54.26 -39.62 7.05
C GLN A 377 -53.72 -39.00 8.31
N VAL A 378 -52.41 -38.74 8.35
CA VAL A 378 -51.83 -38.08 9.51
C VAL A 378 -52.36 -36.65 9.63
N LEU A 379 -52.43 -35.92 8.51
CA LEU A 379 -53.03 -34.58 8.54
C LEU A 379 -54.47 -34.63 9.05
N ALA A 380 -55.23 -35.67 8.69
CA ALA A 380 -56.59 -35.78 9.21
C ALA A 380 -56.57 -36.11 10.71
N SER A 381 -55.68 -37.01 11.14
CA SER A 381 -55.53 -37.28 12.57
C SER A 381 -55.13 -36.03 13.34
N ALA A 382 -54.32 -35.17 12.72
CA ALA A 382 -53.91 -33.91 13.35
C ALA A 382 -55.02 -32.88 13.35
N GLY A 383 -56.12 -33.13 12.63
CA GLY A 383 -57.20 -32.18 12.57
C GLY A 383 -57.03 -31.09 11.53
N LEU A 384 -56.02 -31.21 10.67
CA LEU A 384 -55.78 -30.19 9.65
C LEU A 384 -56.63 -30.42 8.41
N VAL A 385 -57.08 -31.65 8.21
CA VAL A 385 -57.93 -32.09 7.12
C VAL A 385 -59.14 -32.76 7.75
N THR A 386 -60.30 -32.65 7.10
CA THR A 386 -61.55 -33.14 7.67
C THR A 386 -62.12 -34.24 6.77
N GLU A 387 -62.31 -35.42 7.34
CA GLU A 387 -63.00 -36.51 6.67
C GLU A 387 -64.50 -36.29 6.78
N LEU A 388 -65.18 -36.28 5.64
CA LEU A 388 -66.63 -36.08 5.62
C LEU A 388 -67.40 -37.37 5.42
N ARG A 389 -66.76 -38.39 4.80
CA ARG A 389 -67.38 -39.68 4.55
C ARG A 389 -66.43 -40.76 5.07
N ALA A 390 -66.97 -41.73 5.80
CA ALA A 390 -66.15 -42.77 6.43
C ALA A 390 -65.30 -43.53 5.42
N GLY A 391 -64.03 -43.77 5.79
CA GLY A 391 -63.10 -44.55 5.00
C GLY A 391 -62.50 -43.83 3.81
N ALA A 392 -62.93 -42.59 3.53
CA ALA A 392 -62.42 -41.89 2.36
C ALA A 392 -60.95 -41.52 2.52
N VAL A 393 -60.56 -41.07 3.72
CA VAL A 393 -59.18 -40.64 3.92
C VAL A 393 -58.23 -41.82 3.81
N GLN A 394 -58.62 -42.97 4.36
CA GLN A 394 -57.81 -44.18 4.29
C GLN A 394 -57.34 -44.44 2.86
N ARG A 395 -58.30 -44.55 1.93
CA ARG A 395 -57.97 -44.91 0.56
C ARG A 395 -57.31 -43.77 -0.19
N ALA A 396 -57.72 -42.53 0.08
CA ALA A 396 -57.09 -41.39 -0.57
C ALA A 396 -55.64 -41.20 -0.11
N ALA A 397 -55.39 -41.42 1.18
CA ALA A 397 -54.04 -41.26 1.70
C ALA A 397 -53.09 -42.25 1.06
N THR A 398 -53.53 -43.50 0.90
CA THR A 398 -52.69 -44.50 0.25
C THR A 398 -52.46 -44.14 -1.21
N ALA A 399 -53.50 -43.67 -1.89
CA ALA A 399 -53.35 -43.32 -3.31
C ALA A 399 -52.39 -42.16 -3.49
N PHE A 400 -52.49 -41.13 -2.65
CA PHE A 400 -51.58 -39.99 -2.75
C PHE A 400 -50.14 -40.35 -2.36
N GLY A 401 -49.94 -41.45 -1.64
CA GLY A 401 -48.61 -41.89 -1.32
C GLY A 401 -47.87 -42.42 -2.56
N TRP A 402 -46.67 -42.93 -2.31
CA TRP A 402 -45.90 -43.55 -3.38
C TRP A 402 -44.84 -44.44 -2.74
N PRO A 403 -44.45 -45.55 -3.39
CA PRO A 403 -43.50 -46.47 -2.76
C PRO A 403 -42.08 -45.93 -2.67
N VAL A 404 -41.81 -44.78 -3.29
CA VAL A 404 -40.51 -44.13 -3.22
C VAL A 404 -40.76 -42.70 -2.76
N ALA A 405 -40.20 -42.35 -1.61
CA ALA A 405 -40.43 -41.02 -1.05
C ALA A 405 -39.93 -39.95 -2.03
N PRO A 406 -40.62 -38.83 -2.14
CA PRO A 406 -40.08 -37.73 -2.93
C PRO A 406 -38.80 -37.21 -2.28
N SER A 407 -37.93 -36.61 -3.10
CA SER A 407 -36.64 -36.13 -2.62
C SER A 407 -36.37 -34.76 -3.21
N ALA A 408 -35.43 -34.03 -2.57
CA ALA A 408 -35.18 -32.65 -2.93
C ALA A 408 -34.38 -32.56 -4.24
N PRO A 409 -34.75 -31.65 -5.12
CA PRO A 409 -33.95 -31.43 -6.34
C PRO A 409 -32.70 -30.64 -6.02
N ASP A 410 -31.84 -30.48 -7.03
CA ASP A 410 -30.73 -29.54 -6.91
C ASP A 410 -31.28 -28.16 -6.56
N ASP A 411 -30.51 -27.40 -5.80
CA ASP A 411 -31.09 -26.23 -5.14
C ASP A 411 -31.25 -25.05 -6.08
N PHE A 412 -32.22 -24.21 -5.74
CA PHE A 412 -32.50 -22.99 -6.48
C PHE A 412 -33.20 -22.05 -5.51
N GLU B 4 16.67 -22.20 -14.78
CA GLU B 4 15.46 -22.84 -15.28
C GLU B 4 14.25 -21.91 -15.09
N LEU B 5 13.68 -21.45 -16.19
CA LEU B 5 12.55 -20.54 -16.15
C LEU B 5 11.25 -21.32 -16.28
N THR B 6 10.20 -20.78 -15.67
CA THR B 6 8.86 -21.37 -15.73
C THR B 6 7.90 -20.33 -16.28
N LEU B 7 7.16 -20.70 -17.32
CA LEU B 7 6.09 -19.88 -17.88
C LEU B 7 4.81 -20.20 -17.11
N ARG B 8 4.28 -19.22 -16.38
CA ARG B 8 3.12 -19.45 -15.53
C ARG B 8 2.34 -18.15 -15.38
N THR B 9 1.15 -18.25 -14.80
CA THR B 9 0.32 -17.09 -14.52
C THR B 9 0.51 -16.64 -13.08
N ILE B 10 -0.09 -15.49 -12.75
CA ILE B 10 -0.01 -14.98 -11.38
C ILE B 10 -0.80 -15.90 -10.46
N ALA B 11 -0.22 -16.24 -9.31
CA ALA B 11 -0.82 -17.24 -8.43
C ALA B 11 -1.68 -16.63 -7.33
N ASP B 12 -1.29 -15.48 -6.78
CA ASP B 12 -2.01 -14.90 -5.66
C ASP B 12 -1.63 -13.43 -5.57
N GLU B 13 -2.12 -12.76 -4.51
CA GLU B 13 -1.95 -11.32 -4.42
C GLU B 13 -0.49 -10.92 -4.21
N ASP B 14 0.24 -11.63 -3.34
CA ASP B 14 1.66 -11.36 -3.18
C ASP B 14 2.42 -11.56 -4.49
N ASP B 15 2.06 -12.61 -5.22
CA ASP B 15 2.65 -12.85 -6.53
C ASP B 15 2.31 -11.72 -7.50
N TYR B 16 1.08 -11.21 -7.41
CA TYR B 16 0.68 -10.07 -8.23
C TYR B 16 1.56 -8.86 -7.95
N GLU B 17 1.77 -8.56 -6.66
CA GLU B 17 2.65 -7.45 -6.28
C GLU B 17 4.03 -7.63 -6.86
N SER B 18 4.59 -8.85 -6.72
CA SER B 18 5.92 -9.12 -7.24
C SER B 18 5.96 -8.96 -8.75
N TYR B 19 4.94 -9.45 -9.43
CA TYR B 19 4.86 -9.37 -10.89
C TYR B 19 4.83 -7.92 -11.37
N MET B 20 4.02 -7.08 -10.71
CA MET B 20 3.94 -5.68 -11.11
C MET B 20 5.21 -4.92 -10.76
N ALA B 21 5.80 -5.22 -9.61
CA ALA B 21 7.09 -4.61 -9.26
C ALA B 21 8.13 -4.88 -10.34
N SER B 22 8.17 -6.11 -10.86
CA SER B 22 9.17 -6.44 -11.87
C SER B 22 8.91 -5.67 -13.15
N ALA B 23 7.64 -5.50 -13.53
CA ALA B 23 7.31 -4.75 -14.73
C ALA B 23 7.74 -3.30 -14.59
N TYR B 24 7.38 -2.65 -13.47
CA TYR B 24 7.84 -1.29 -13.22
C TYR B 24 9.35 -1.19 -13.27
N SER B 25 10.05 -2.17 -12.69
CA SER B 25 11.51 -2.11 -12.68
C SER B 25 12.07 -2.15 -14.09
N VAL B 26 11.48 -2.95 -14.98
CA VAL B 26 11.97 -2.92 -16.36
C VAL B 26 11.71 -1.56 -16.99
N PHE B 27 10.60 -0.91 -16.64
CA PHE B 27 10.37 0.45 -17.13
C PHE B 27 11.17 1.51 -16.35
N LEU B 28 12.10 1.08 -15.51
CA LEU B 28 13.02 1.99 -14.81
C LEU B 28 12.29 2.91 -13.85
N ARG B 29 11.17 2.43 -13.30
CA ARG B 29 10.32 3.22 -12.43
C ARG B 29 10.10 2.49 -11.11
N ASP B 30 9.92 3.28 -10.04
CA ASP B 30 9.46 2.72 -8.78
C ASP B 30 8.00 2.27 -8.91
N PRO B 31 7.64 1.13 -8.33
CA PRO B 31 6.25 0.68 -8.41
C PRO B 31 5.30 1.73 -7.83
N GLN B 32 4.20 1.99 -8.56
CA GLN B 32 3.21 2.99 -8.16
C GLN B 32 2.09 2.27 -7.43
N LYS B 33 2.09 2.39 -6.10
CA LYS B 33 1.16 1.62 -5.27
C LYS B 33 -0.29 1.95 -5.61
N ASP B 34 -0.59 3.24 -5.87
CA ASP B 34 -1.98 3.61 -6.13
C ASP B 34 -2.47 3.03 -7.45
N GLU B 35 -1.64 3.06 -8.49
CA GLU B 35 -2.00 2.47 -9.78
C GLU B 35 -2.16 0.96 -9.66
N ILE B 36 -1.20 0.31 -9.02
CA ILE B 36 -1.22 -1.14 -8.90
C ILE B 36 -2.46 -1.59 -8.14
N GLU B 37 -2.86 -0.80 -7.13
CA GLU B 37 -4.01 -1.19 -6.33
C GLU B 37 -5.31 -1.08 -7.12
N VAL B 38 -5.53 0.05 -7.79
CA VAL B 38 -6.81 0.26 -8.47
C VAL B 38 -6.93 -0.67 -9.68
N ASN B 39 -5.83 -0.93 -10.39
CA ASN B 39 -5.90 -1.74 -11.59
C ASN B 39 -6.11 -3.22 -11.27
N ARG B 40 -5.70 -3.66 -10.08
CA ARG B 40 -5.99 -5.03 -9.65
C ARG B 40 -7.46 -5.39 -9.83
N LYS B 41 -8.36 -4.42 -9.64
CA LYS B 41 -9.78 -4.71 -9.58
C LYS B 41 -10.37 -5.12 -10.92
N PHE B 42 -9.69 -4.84 -12.05
CA PHE B 42 -10.13 -5.37 -13.33
C PHE B 42 -9.09 -6.30 -13.94
N THR B 43 -8.14 -6.78 -13.14
CA THR B 43 -7.15 -7.74 -13.58
C THR B 43 -7.64 -9.15 -13.34
N GLU B 44 -7.48 -10.02 -14.32
CA GLU B 44 -7.73 -11.45 -14.17
C GLU B 44 -6.37 -12.14 -14.13
N LEU B 45 -6.04 -12.73 -12.98
CA LEU B 45 -4.70 -13.26 -12.77
C LEU B 45 -4.35 -14.32 -13.80
N ASP B 46 -5.35 -15.09 -14.26
CA ASP B 46 -5.06 -16.13 -15.25
C ASP B 46 -4.79 -15.57 -16.64
N ARG B 47 -4.95 -14.26 -16.85
CA ARG B 47 -4.54 -13.63 -18.10
C ARG B 47 -3.15 -13.00 -18.00
N MET B 48 -2.53 -13.03 -16.84
CA MET B 48 -1.24 -12.41 -16.61
C MET B 48 -0.20 -13.53 -16.59
N ILE B 49 0.50 -13.71 -17.70
CA ILE B 49 1.52 -14.73 -17.81
C ILE B 49 2.89 -14.10 -17.68
N GLY B 50 3.92 -14.92 -17.61
CA GLY B 50 5.29 -14.44 -17.53
C GLY B 50 6.24 -15.58 -17.30
N PHE B 51 7.51 -15.22 -17.16
CA PHE B 51 8.55 -16.18 -16.82
C PHE B 51 9.08 -15.88 -15.44
N HIS B 52 9.28 -16.93 -14.65
CA HIS B 52 9.76 -16.84 -13.28
C HIS B 52 10.95 -17.77 -13.13
N ASP B 53 11.99 -17.29 -12.45
CA ASP B 53 13.21 -18.08 -12.28
C ASP B 53 13.29 -18.72 -10.89
N GLY B 54 12.17 -18.77 -10.17
CA GLY B 54 12.16 -19.30 -8.82
C GLY B 54 12.28 -18.21 -7.76
N LYS B 55 13.13 -17.21 -8.02
CA LYS B 55 13.33 -16.08 -7.13
C LYS B 55 12.49 -14.86 -7.51
N LYS B 56 12.28 -14.61 -8.80
CA LYS B 56 11.62 -13.39 -9.22
C LYS B 56 11.05 -13.58 -10.62
N TRP B 57 10.14 -12.67 -10.99
CA TRP B 57 9.66 -12.60 -12.35
C TRP B 57 10.74 -11.98 -13.24
N VAL B 58 11.07 -12.66 -14.33
CA VAL B 58 12.04 -12.15 -15.30
C VAL B 58 11.39 -11.71 -16.60
N ALA B 59 10.09 -11.93 -16.77
CA ALA B 59 9.36 -11.50 -17.95
C ALA B 59 7.88 -11.51 -17.62
N THR B 60 7.14 -10.58 -18.24
CA THR B 60 5.70 -10.46 -18.01
C THR B 60 4.99 -10.15 -19.32
N THR B 61 3.72 -10.56 -19.39
CA THR B 61 2.84 -10.25 -20.52
C THR B 61 1.42 -10.52 -20.05
N GLY B 62 0.52 -9.57 -20.28
CA GLY B 62 -0.82 -9.67 -19.75
C GLY B 62 -1.86 -9.15 -20.72
N ALA B 63 -3.12 -9.32 -20.35
CA ALA B 63 -4.21 -8.79 -21.14
C ALA B 63 -5.39 -8.53 -20.22
N PHE B 64 -6.11 -7.44 -20.49
CA PHE B 64 -7.38 -7.17 -19.84
C PHE B 64 -8.51 -7.56 -20.77
N SER B 65 -9.61 -8.06 -20.19
CA SER B 65 -10.80 -8.37 -20.98
C SER B 65 -11.60 -7.08 -21.14
N ARG B 66 -11.53 -6.48 -22.31
CA ARG B 66 -12.24 -5.24 -22.57
C ARG B 66 -13.16 -5.42 -23.76
N HIS B 67 -13.86 -4.34 -24.11
CA HIS B 67 -14.73 -4.31 -25.28
C HIS B 67 -14.49 -3.01 -26.00
N VAL B 68 -14.47 -3.06 -27.34
CA VAL B 68 -14.10 -1.90 -28.13
C VAL B 68 -15.19 -1.61 -29.16
N VAL B 69 -15.38 -0.32 -29.44
CA VAL B 69 -16.29 0.15 -30.47
C VAL B 69 -15.63 0.02 -31.84
N LEU B 70 -16.28 -0.68 -32.76
CA LEU B 70 -15.81 -0.78 -34.12
C LEU B 70 -16.50 0.24 -35.01
N PRO B 71 -15.94 0.54 -36.19
CA PRO B 71 -16.67 1.37 -37.15
C PRO B 71 -18.06 0.79 -37.41
N GLY B 72 -19.08 1.62 -37.21
CA GLY B 72 -20.46 1.20 -37.29
C GLY B 72 -21.16 1.12 -35.95
N GLY B 73 -20.41 1.01 -34.86
CA GLY B 73 -20.97 1.10 -33.52
C GLY B 73 -20.96 -0.19 -32.73
N ALA B 74 -20.72 -1.33 -33.36
CA ALA B 74 -20.68 -2.59 -32.64
C ALA B 74 -19.59 -2.56 -31.57
N VAL B 75 -19.90 -3.12 -30.41
CA VAL B 75 -18.97 -3.20 -29.28
C VAL B 75 -18.61 -4.67 -29.11
N VAL B 76 -17.35 -5.02 -29.34
CA VAL B 76 -16.97 -6.43 -29.37
C VAL B 76 -15.85 -6.71 -28.38
N PRO B 77 -15.73 -7.93 -27.85
CA PRO B 77 -14.64 -8.23 -26.91
C PRO B 77 -13.28 -8.11 -27.58
N VAL B 78 -12.33 -7.57 -26.84
CA VAL B 78 -10.97 -7.39 -27.33
C VAL B 78 -10.00 -7.66 -26.18
N ALA B 79 -8.88 -8.29 -26.50
CA ALA B 79 -7.81 -8.43 -25.52
C ALA B 79 -7.02 -7.12 -25.50
N ALA B 80 -7.06 -6.41 -24.38
CA ALA B 80 -6.29 -5.18 -24.18
C ALA B 80 -4.95 -5.59 -23.59
N VAL B 81 -3.95 -5.76 -24.46
CA VAL B 81 -2.67 -6.32 -24.03
C VAL B 81 -1.90 -5.28 -23.23
N THR B 82 -1.18 -5.75 -22.19
CA THR B 82 -0.64 -4.85 -21.18
C THR B 82 0.53 -5.54 -20.49
N ALA B 83 1.32 -4.74 -19.76
CA ALA B 83 2.35 -5.24 -18.87
C ALA B 83 3.33 -6.18 -19.55
N VAL B 84 3.78 -5.79 -20.75
CA VAL B 84 4.74 -6.59 -21.50
C VAL B 84 6.15 -6.13 -21.13
N THR B 85 6.92 -6.99 -20.43
CA THR B 85 8.31 -6.68 -20.11
C THR B 85 9.15 -7.96 -20.10
N VAL B 86 10.46 -7.78 -20.34
CA VAL B 86 11.46 -8.82 -20.13
C VAL B 86 12.65 -8.16 -19.44
N SER B 87 13.13 -8.78 -18.38
CA SER B 87 14.16 -8.18 -17.56
C SER B 87 15.46 -8.05 -18.34
N PRO B 88 16.27 -7.01 -18.07
CA PRO B 88 17.48 -6.78 -18.85
C PRO B 88 18.49 -7.92 -18.80
N THR B 89 18.41 -8.78 -17.80
CA THR B 89 19.28 -9.95 -17.71
C THR B 89 18.83 -11.08 -18.63
N HIS B 90 17.65 -10.98 -19.25
CA HIS B 90 17.08 -12.09 -20.01
C HIS B 90 16.56 -11.66 -21.37
N ARG B 91 16.82 -10.42 -21.79
CA ARG B 91 16.30 -9.88 -23.04
C ARG B 91 17.00 -10.49 -24.24
N ARG B 92 16.32 -10.41 -25.38
CA ARG B 92 16.84 -10.84 -26.69
C ARG B 92 17.23 -12.32 -26.67
N ARG B 93 16.46 -13.11 -25.92
CA ARG B 93 16.56 -14.56 -25.89
C ARG B 93 15.26 -15.21 -26.34
N GLY B 94 14.33 -14.42 -26.89
CA GLY B 94 13.07 -14.94 -27.41
C GLY B 94 11.95 -15.08 -26.40
N LEU B 95 12.10 -14.55 -25.19
CA LEU B 95 11.05 -14.71 -24.19
C LEU B 95 9.78 -13.98 -24.60
N LEU B 96 9.89 -12.74 -25.07
CA LEU B 96 8.70 -12.04 -25.56
C LEU B 96 8.01 -12.85 -26.64
N THR B 97 8.80 -13.34 -27.60
CA THR B 97 8.24 -14.12 -28.71
C THR B 97 7.44 -15.30 -28.20
N THR B 98 7.98 -16.03 -27.21
CA THR B 98 7.26 -17.16 -26.65
C THR B 98 5.98 -16.71 -25.95
N MET B 99 6.06 -15.62 -25.17
CA MET B 99 4.85 -15.13 -24.50
C MET B 99 3.81 -14.68 -25.52
N MET B 100 4.24 -14.15 -26.67
CA MET B 100 3.28 -13.72 -27.69
C MET B 100 2.58 -14.93 -28.32
N ARG B 101 3.33 -16.01 -28.57
CA ARG B 101 2.72 -17.24 -29.06
C ARG B 101 1.68 -17.76 -28.07
N HIS B 102 2.04 -17.80 -26.79
CA HIS B 102 1.10 -18.28 -25.78
C HIS B 102 -0.12 -17.37 -25.71
N GLN B 103 0.12 -16.06 -25.66
CA GLN B 103 -1.00 -15.12 -25.46
C GLN B 103 -1.95 -15.13 -26.64
N LEU B 104 -1.43 -15.09 -27.86
CA LEU B 104 -2.30 -15.04 -29.03
C LEU B 104 -3.19 -16.29 -29.12
N ALA B 105 -2.65 -17.44 -28.71
CA ALA B 105 -3.47 -18.65 -28.65
C ALA B 105 -4.54 -18.53 -27.57
N ASP B 106 -4.16 -18.00 -26.40
CA ASP B 106 -5.13 -17.81 -25.33
C ASP B 106 -6.26 -16.88 -25.76
N ILE B 107 -5.90 -15.76 -26.38
CA ILE B 107 -6.90 -14.80 -26.87
C ILE B 107 -7.86 -15.49 -27.82
N ARG B 108 -7.33 -16.24 -28.79
CA ARG B 108 -8.18 -16.95 -29.72
C ARG B 108 -9.14 -17.89 -29.00
N SER B 109 -8.62 -18.65 -28.03
CA SER B 109 -9.45 -19.62 -27.32
C SER B 109 -10.54 -18.95 -26.50
N ARG B 110 -10.31 -17.71 -26.07
CA ARG B 110 -11.31 -16.99 -25.30
C ARG B 110 -12.41 -16.39 -26.17
N GLY B 111 -12.35 -16.55 -27.48
CA GLY B 111 -13.36 -16.01 -28.36
C GLY B 111 -13.19 -14.55 -28.72
N GLU B 112 -12.09 -13.92 -28.33
CA GLU B 112 -11.82 -12.56 -28.78
C GLU B 112 -11.24 -12.60 -30.19
N SER B 113 -11.82 -11.79 -31.08
CA SER B 113 -11.39 -11.81 -32.47
C SER B 113 -10.17 -10.92 -32.73
N LEU B 114 -9.73 -10.13 -31.76
CA LEU B 114 -8.58 -9.26 -32.00
C LEU B 114 -7.99 -8.83 -30.66
N ALA B 115 -6.75 -8.33 -30.73
CA ALA B 115 -6.05 -7.75 -29.60
C ALA B 115 -5.68 -6.31 -29.94
N MET B 116 -5.56 -5.47 -28.90
CA MET B 116 -5.13 -4.09 -29.09
C MET B 116 -4.12 -3.72 -28.02
N LEU B 117 -3.17 -2.86 -28.37
CA LEU B 117 -2.20 -2.38 -27.39
C LEU B 117 -1.65 -1.02 -27.80
N PHE B 118 -1.15 -0.29 -26.80
CA PHE B 118 -0.25 0.84 -26.99
C PHE B 118 1.18 0.30 -26.92
N ALA B 119 2.10 0.91 -27.65
CA ALA B 119 3.47 0.40 -27.72
C ALA B 119 4.44 1.44 -27.19
N SER B 120 5.30 1.04 -26.25
CA SER B 120 6.42 1.89 -25.84
C SER B 120 7.31 2.22 -27.03
N GLU B 121 7.54 1.24 -27.89
CA GLU B 121 8.30 1.41 -29.12
C GLU B 121 7.54 0.64 -30.19
N ALA B 122 6.96 1.35 -31.16
CA ALA B 122 6.01 0.72 -32.06
C ALA B 122 6.61 -0.44 -32.85
N LEU B 123 7.92 -0.43 -33.11
CA LEU B 123 8.51 -1.46 -33.95
C LEU B 123 8.58 -2.83 -33.28
N ILE B 124 8.21 -2.95 -32.01
CA ILE B 124 8.25 -4.25 -31.34
C ILE B 124 7.29 -5.23 -31.99
N TYR B 125 6.07 -4.79 -32.31
CA TYR B 125 4.98 -5.75 -32.42
C TYR B 125 4.62 -6.17 -33.84
N GLY B 126 5.14 -5.48 -34.88
CA GLY B 126 4.77 -5.85 -36.24
C GLY B 126 5.13 -7.30 -36.58
N ARG B 127 6.25 -7.78 -36.05
CA ARG B 127 6.70 -9.14 -36.32
C ARG B 127 5.74 -10.19 -35.76
N PHE B 128 4.83 -9.81 -34.88
CA PHE B 128 3.83 -10.72 -34.34
C PHE B 128 2.47 -10.56 -35.01
N GLY B 129 2.35 -9.67 -35.99
CA GLY B 129 1.10 -9.46 -36.68
C GLY B 129 0.33 -8.20 -36.29
N TYR B 130 0.86 -7.39 -35.38
CA TYR B 130 0.20 -6.13 -35.01
C TYR B 130 0.50 -5.06 -36.04
N GLY B 131 -0.50 -4.25 -36.33
CA GLY B 131 -0.30 -3.07 -37.16
C GLY B 131 -0.85 -1.84 -36.47
N VAL B 132 -0.08 -0.75 -36.53
CA VAL B 132 -0.60 0.53 -36.05
C VAL B 132 -1.84 0.87 -36.85
N ALA B 133 -2.98 0.98 -36.17
CA ALA B 133 -4.27 1.23 -36.79
C ALA B 133 -4.89 2.56 -36.42
N THR B 134 -4.45 3.18 -35.34
CA THR B 134 -5.04 4.40 -34.82
C THR B 134 -3.91 5.33 -34.43
N GLU B 135 -4.09 6.61 -34.69
CA GLU B 135 -3.14 7.63 -34.25
C GLU B 135 -3.81 8.57 -33.27
N SER B 136 -3.00 9.30 -32.51
CA SER B 136 -3.57 10.29 -31.61
C SER B 136 -2.85 11.61 -31.80
N ALA B 137 -3.50 12.67 -31.34
CA ALA B 137 -3.02 14.03 -31.52
C ALA B 137 -2.83 14.66 -30.15
N GLU B 138 -1.67 15.25 -29.93
CA GLU B 138 -1.48 16.18 -28.84
C GLU B 138 -1.87 17.54 -29.37
N LEU B 139 -2.95 18.11 -28.82
CA LEU B 139 -3.49 19.39 -29.21
C LEU B 139 -3.11 20.42 -28.15
N SER B 140 -2.55 21.55 -28.56
CA SER B 140 -2.11 22.50 -27.56
C SER B 140 -2.09 23.91 -28.14
N GLY B 141 -2.06 24.90 -27.27
CA GLY B 141 -2.02 26.26 -27.78
C GLY B 141 -2.21 27.26 -26.67
N GLN B 142 -2.06 28.52 -27.06
CA GLN B 142 -2.34 29.65 -26.16
C GLN B 142 -3.85 29.87 -26.13
N VAL B 143 -4.44 29.85 -24.93
CA VAL B 143 -5.90 29.89 -24.84
C VAL B 143 -6.46 31.18 -25.44
N ARG B 144 -5.72 32.28 -25.37
CA ARG B 144 -6.21 33.55 -25.90
C ARG B 144 -6.17 33.62 -27.41
N GLU B 145 -5.61 32.61 -28.07
CA GLU B 145 -5.63 32.45 -29.52
C GLU B 145 -6.69 31.46 -29.98
N LEU B 146 -7.47 30.90 -29.07
CA LEU B 146 -8.34 29.77 -29.40
C LEU B 146 -9.82 30.15 -29.39
N ALA B 147 -10.14 31.39 -29.80
CA ALA B 147 -11.54 31.74 -29.98
C ALA B 147 -12.17 30.82 -31.01
N PHE B 148 -13.47 30.57 -30.84
CA PHE B 148 -14.24 29.75 -31.76
C PHE B 148 -14.76 30.59 -32.92
N ARG B 149 -15.15 29.91 -34.00
CA ARG B 149 -15.85 30.57 -35.08
C ARG B 149 -17.11 31.24 -34.56
N PRO B 150 -17.57 32.31 -35.22
CA PRO B 150 -18.74 33.04 -34.70
C PRO B 150 -20.05 32.27 -34.76
N THR B 151 -20.19 31.22 -35.57
CA THR B 151 -21.45 30.48 -35.57
C THR B 151 -21.50 29.40 -34.50
N VAL B 152 -20.46 29.24 -33.68
CA VAL B 152 -20.42 28.11 -32.74
C VAL B 152 -21.37 28.43 -31.58
N ASP B 153 -22.45 27.68 -31.49
CA ASP B 153 -23.45 27.87 -30.44
C ASP B 153 -23.01 27.15 -29.17
N LEU B 154 -22.88 27.90 -28.07
CA LEU B 154 -22.56 27.30 -26.78
C LEU B 154 -23.80 26.84 -26.02
N GLY B 155 -25.00 27.08 -26.54
CA GLY B 155 -26.21 26.67 -25.86
C GLY B 155 -26.44 27.43 -24.55
N ASP B 156 -27.39 26.90 -23.78
CA ASP B 156 -27.84 27.56 -22.54
C ASP B 156 -27.48 26.76 -21.29
N GLY B 157 -26.55 25.82 -21.39
CA GLY B 157 -26.20 25.00 -20.24
C GLY B 157 -25.27 25.70 -19.27
N THR B 158 -25.01 25.03 -18.15
CA THR B 158 -24.13 25.54 -17.10
C THR B 158 -23.13 24.45 -16.71
N LEU B 159 -22.08 24.87 -16.02
CA LEU B 159 -21.03 23.96 -15.56
C LEU B 159 -20.86 24.03 -14.05
N GLU B 160 -20.47 22.91 -13.47
CA GLU B 160 -20.11 22.84 -12.06
C GLU B 160 -18.85 22.03 -11.89
N GLU B 161 -18.01 22.45 -10.95
CA GLU B 161 -16.87 21.64 -10.53
CA GLU B 161 -16.86 21.68 -10.51
C GLU B 161 -17.34 20.71 -9.43
N VAL B 162 -17.11 19.41 -9.62
CA VAL B 162 -17.70 18.40 -8.76
C VAL B 162 -16.63 17.45 -8.22
N SER B 163 -17.02 16.67 -7.22
CA SER B 163 -16.17 15.63 -6.67
C SER B 163 -16.10 14.45 -7.63
N ALA B 164 -15.07 13.61 -7.44
CA ALA B 164 -14.98 12.38 -8.21
C ALA B 164 -16.27 11.59 -8.10
N GLU B 165 -16.84 11.55 -6.89
CA GLU B 165 -18.06 10.77 -6.66
C GLU B 165 -19.22 11.34 -7.45
N THR B 166 -19.40 12.66 -7.42
CA THR B 166 -20.48 13.28 -8.19
C THR B 166 -20.25 13.09 -9.69
N PHE B 167 -18.99 13.28 -10.13
CA PHE B 167 -18.62 13.03 -11.53
C PHE B 167 -19.02 11.64 -11.97
N LEU B 168 -18.66 10.63 -11.19
CA LEU B 168 -18.89 9.24 -11.57
C LEU B 168 -20.36 8.85 -11.53
N ALA B 169 -21.22 9.69 -10.96
CA ALA B 169 -22.65 9.45 -11.00
C ALA B 169 -23.29 9.86 -12.32
N SER B 170 -22.58 10.63 -13.15
CA SER B 170 -23.13 11.15 -14.40
C SER B 170 -22.27 10.86 -15.61
N ALA B 171 -20.95 10.91 -15.48
CA ALA B 171 -20.07 10.72 -16.63
C ALA B 171 -20.26 9.37 -17.32
N PRO B 172 -20.41 8.24 -16.62
CA PRO B 172 -20.54 6.97 -17.36
C PRO B 172 -21.68 6.95 -18.37
N ALA B 173 -22.86 7.49 -18.02
CA ALA B 173 -23.95 7.49 -18.99
C ALA B 173 -23.65 8.37 -20.19
N ILE B 174 -23.06 9.55 -19.94
CA ILE B 174 -22.63 10.42 -21.03
C ILE B 174 -21.67 9.68 -21.95
N TYR B 175 -20.67 9.04 -21.35
CA TYR B 175 -19.69 8.28 -22.11
C TYR B 175 -20.34 7.18 -22.94
N ASP B 176 -21.22 6.37 -22.31
CA ASP B 176 -21.82 5.25 -23.03
C ASP B 176 -22.65 5.72 -24.21
N ALA B 177 -23.30 6.89 -24.09
CA ALA B 177 -24.12 7.41 -25.18
C ALA B 177 -23.29 7.91 -26.35
N VAL B 178 -22.06 8.35 -26.10
CA VAL B 178 -21.28 9.01 -27.14
C VAL B 178 -20.39 8.02 -27.88
N ILE B 179 -19.77 7.06 -27.18
CA ILE B 179 -18.69 6.30 -27.81
C ILE B 179 -19.12 5.39 -28.97
N PRO B 180 -20.39 5.00 -29.14
CA PRO B 180 -20.71 4.26 -30.39
C PRO B 180 -20.38 5.02 -31.66
N GLY B 181 -20.27 6.35 -31.60
CA GLY B 181 -19.85 7.12 -32.74
C GLY B 181 -18.36 7.36 -32.83
N LEU B 182 -17.57 6.80 -31.93
CA LEU B 182 -16.12 7.04 -31.84
C LEU B 182 -15.42 5.70 -31.84
N PRO B 183 -15.21 5.10 -33.01
CA PRO B 183 -14.53 3.80 -33.06
C PRO B 183 -13.16 3.89 -32.39
N GLY B 184 -12.78 2.82 -31.70
CA GLY B 184 -11.55 2.77 -30.93
C GLY B 184 -11.76 2.95 -29.44
N GLN B 185 -12.80 3.68 -29.05
CA GLN B 185 -13.12 3.80 -27.63
C GLN B 185 -13.51 2.44 -27.06
N MET B 186 -13.18 2.24 -25.79
CA MET B 186 -13.48 1.00 -25.08
C MET B 186 -14.50 1.24 -23.98
N SER B 187 -15.29 0.20 -23.68
CA SER B 187 -16.27 0.29 -22.60
C SER B 187 -15.56 0.53 -21.28
N ARG B 188 -16.23 1.26 -20.39
CA ARG B 188 -15.67 1.54 -19.08
C ARG B 188 -16.62 1.00 -18.01
N THR B 189 -16.21 -0.07 -17.35
CA THR B 189 -16.85 -0.53 -16.14
C THR B 189 -16.56 0.46 -15.00
N PRO B 190 -17.28 0.35 -13.89
CA PRO B 190 -16.92 1.19 -12.72
C PRO B 190 -15.46 1.03 -12.31
N GLU B 191 -14.91 -0.17 -12.44
CA GLU B 191 -13.51 -0.38 -12.08
C GLU B 191 -12.58 0.35 -13.03
N TRP B 192 -12.89 0.35 -14.33
CA TRP B 192 -12.10 1.12 -15.27
C TRP B 192 -12.25 2.61 -15.02
N TRP B 193 -13.45 3.07 -14.70
CA TRP B 193 -13.62 4.48 -14.34
C TRP B 193 -12.77 4.82 -13.11
N ALA B 194 -12.66 3.90 -12.16
CA ALA B 194 -11.89 4.18 -10.95
C ALA B 194 -10.43 4.42 -11.27
N SER B 195 -9.86 3.61 -12.18
CA SER B 195 -8.49 3.81 -12.61
C SER B 195 -8.34 5.11 -13.41
N TRP B 196 -9.26 5.35 -14.33
CA TRP B 196 -9.18 6.52 -15.21
C TRP B 196 -9.27 7.83 -14.43
N THR B 197 -10.03 7.85 -13.34
CA THR B 197 -10.19 9.07 -12.53
C THR B 197 -9.29 9.09 -11.30
N LEU B 198 -8.38 8.13 -11.18
CA LEU B 198 -7.48 8.09 -10.03
C LEU B 198 -6.62 9.35 -10.00
N ASP B 199 -6.57 10.01 -8.84
CA ASP B 199 -5.73 11.19 -8.66
C ASP B 199 -4.29 10.73 -8.39
N SER B 200 -3.68 10.16 -9.42
CA SER B 200 -2.40 9.48 -9.23
C SER B 200 -1.30 10.45 -8.85
N GLU B 201 -0.36 9.96 -8.04
CA GLU B 201 0.76 10.81 -7.59
C GLU B 201 1.67 11.21 -8.73
N GLU B 202 1.89 10.31 -9.69
CA GLU B 202 2.78 10.61 -10.81
C GLU B 202 2.29 11.82 -11.59
N LEU B 203 0.98 11.86 -11.89
CA LEU B 203 0.44 12.99 -12.65
C LEU B 203 0.38 14.26 -11.81
N GLN B 204 0.20 14.14 -10.49
CA GLN B 204 0.21 15.33 -9.65
C GLN B 204 1.53 16.07 -9.75
N LYS B 205 2.64 15.32 -9.79
CA LYS B 205 3.97 15.92 -9.87
C LYS B 205 4.12 16.76 -11.14
N GLU B 206 3.58 16.30 -12.27
CA GLU B 206 3.70 17.04 -13.51
C GLU B 206 2.78 18.26 -13.57
N SER B 207 1.70 18.27 -12.79
CA SER B 207 0.73 19.36 -12.91
C SER B 207 0.05 19.66 -11.58
N GLY B 208 -1.06 18.99 -11.31
CA GLY B 208 -1.79 19.21 -10.09
C GLY B 208 -2.81 18.12 -9.88
N LYS B 209 -3.63 18.30 -8.85
CA LYS B 209 -4.67 17.30 -8.54
C LYS B 209 -5.75 17.30 -9.61
N VAL B 210 -6.27 16.11 -9.91
CA VAL B 210 -7.25 15.97 -10.97
C VAL B 210 -8.56 16.65 -10.56
N ARG B 211 -9.22 17.27 -11.54
CA ARG B 211 -10.46 18.00 -11.34
C ARG B 211 -11.52 17.51 -12.30
N PHE B 212 -12.78 17.61 -11.88
CA PHE B 212 -13.90 17.08 -12.64
C PHE B 212 -14.92 18.17 -12.88
N VAL B 213 -15.47 18.19 -14.10
CA VAL B 213 -16.47 19.17 -14.52
C VAL B 213 -17.66 18.42 -15.10
N LEU B 214 -18.87 18.84 -14.76
CA LEU B 214 -20.06 18.37 -15.44
C LEU B 214 -20.76 19.54 -16.10
N HIS B 215 -21.25 19.32 -17.31
CA HIS B 215 -22.05 20.28 -18.05
C HIS B 215 -23.51 19.84 -18.01
N TYR B 216 -24.39 20.75 -17.58
CA TYR B 216 -25.82 20.46 -17.51
C TYR B 216 -26.59 21.28 -18.53
N GLU B 217 -27.53 20.64 -19.22
CA GLU B 217 -28.50 21.36 -20.02
C GLU B 217 -29.34 22.26 -19.10
N SER B 218 -30.11 23.15 -19.73
CA SER B 218 -30.93 24.08 -18.95
C SER B 218 -31.96 23.34 -18.10
N ASP B 219 -32.41 22.17 -18.53
CA ASP B 219 -33.35 21.40 -17.72
C ASP B 219 -32.67 20.56 -16.65
N GLY B 220 -31.35 20.63 -16.52
CA GLY B 220 -30.64 19.89 -15.49
C GLY B 220 -30.04 18.56 -15.92
N THR B 221 -30.24 18.15 -17.16
CA THR B 221 -29.68 16.89 -17.65
C THR B 221 -28.17 17.03 -17.83
N ALA B 222 -27.42 16.11 -17.24
CA ALA B 222 -25.97 16.07 -17.48
C ALA B 222 -25.73 15.68 -18.94
N SER B 223 -25.01 16.54 -19.68
CA SER B 223 -24.77 16.28 -21.10
C SER B 223 -23.32 16.44 -21.53
N GLY B 224 -22.41 16.69 -20.61
CA GLY B 224 -20.99 16.74 -20.96
C GLY B 224 -20.15 16.69 -19.70
N PHE B 225 -18.86 16.42 -19.89
CA PHE B 225 -17.96 16.39 -18.76
C PHE B 225 -16.54 16.71 -19.22
N ALA B 226 -15.70 17.04 -18.24
CA ALA B 226 -14.27 17.22 -18.48
C ALA B 226 -13.49 16.68 -17.29
N ILE B 227 -12.31 16.17 -17.58
CA ILE B 227 -11.31 15.78 -16.59
C ILE B 227 -10.06 16.57 -16.92
N TYR B 228 -9.53 17.31 -15.94
CA TYR B 228 -8.33 18.09 -16.22
C TYR B 228 -7.52 18.32 -14.96
N ARG B 229 -6.27 18.75 -15.15
CA ARG B 229 -5.38 19.09 -14.03
C ARG B 229 -4.80 20.48 -14.27
N PRO B 230 -4.79 21.34 -13.26
CA PRO B 230 -4.12 22.64 -13.41
C PRO B 230 -2.63 22.54 -13.15
N LYS B 231 -1.88 23.41 -13.80
CA LYS B 231 -0.45 23.58 -13.56
C LYS B 231 -0.21 25.08 -13.38
N PRO B 232 -0.19 25.57 -12.14
CA PRO B 232 -0.02 27.02 -11.93
C PRO B 232 1.34 27.51 -12.40
N GLY B 233 1.43 28.80 -12.65
CA GLY B 233 2.68 29.36 -13.15
C GLY B 233 2.52 30.84 -13.39
N TRP B 234 3.66 31.53 -13.39
CA TRP B 234 3.73 32.97 -13.56
C TRP B 234 4.92 33.28 -14.46
N GLY B 235 4.72 34.25 -15.36
CA GLY B 235 5.75 34.69 -16.26
C GLY B 235 6.24 36.08 -15.90
N ASP B 236 7.00 36.66 -16.83
CA ASP B 236 7.59 37.97 -16.61
C ASP B 236 6.56 39.09 -16.70
N ALA B 237 5.37 38.84 -17.26
CA ALA B 237 4.39 39.89 -17.46
C ALA B 237 3.01 39.53 -16.93
N GLY B 238 2.90 38.50 -16.09
CA GLY B 238 1.61 38.08 -15.58
C GLY B 238 1.51 36.58 -15.39
N PRO B 239 0.30 36.08 -15.13
CA PRO B 239 0.13 34.65 -14.90
C PRO B 239 0.39 33.86 -16.16
N ASN B 240 0.72 32.59 -15.97
CA ASN B 240 1.10 31.72 -17.08
C ASN B 240 0.74 30.27 -16.75
N ALA B 241 -0.47 30.05 -16.26
CA ALA B 241 -0.85 28.70 -15.87
C ALA B 241 -1.20 27.87 -17.10
N GLU B 242 -1.11 26.56 -16.94
N GLU B 242 -1.15 26.55 -16.94
CA GLU B 242 -1.46 25.59 -17.95
CA GLU B 242 -1.43 25.62 -18.03
C GLU B 242 -2.63 24.77 -17.46
C GLU B 242 -2.43 24.57 -17.57
N LEU B 243 -3.43 24.29 -18.41
CA LEU B 243 -4.43 23.27 -18.14
C LEU B 243 -4.07 22.02 -18.94
N HIS B 244 -3.96 20.88 -18.27
CA HIS B 244 -3.66 19.61 -18.91
C HIS B 244 -4.97 18.83 -18.96
N VAL B 245 -5.56 18.76 -20.13
CA VAL B 245 -6.87 18.17 -20.30
C VAL B 245 -6.71 16.67 -20.54
N GLN B 246 -7.41 15.87 -19.74
CA GLN B 246 -7.40 14.42 -19.91
C GLN B 246 -8.54 13.94 -20.80
N GLU B 247 -9.71 14.60 -20.73
CA GLU B 247 -10.84 14.16 -21.53
C GLU B 247 -11.92 15.24 -21.49
N VAL B 248 -12.55 15.48 -22.63
CA VAL B 248 -13.76 16.31 -22.74
C VAL B 248 -14.73 15.60 -23.67
N LEU B 249 -15.97 15.43 -23.23
CA LEU B 249 -17.00 14.81 -24.05
C LEU B 249 -18.33 15.51 -23.84
N GLY B 250 -19.16 15.52 -24.88
CA GLY B 250 -20.53 16.02 -24.76
C GLY B 250 -21.45 15.25 -25.68
N THR B 251 -22.72 15.13 -25.27
CA THR B 251 -23.69 14.40 -26.07
C THR B 251 -24.31 15.25 -27.18
N ASN B 252 -24.00 16.54 -27.25
CA ASN B 252 -24.50 17.38 -28.33
C ASN B 252 -23.45 18.45 -28.59
N PRO B 253 -23.52 19.14 -29.74
CA PRO B 253 -22.46 20.10 -30.07
C PRO B 253 -22.34 21.26 -29.09
N ARG B 254 -23.45 21.66 -28.47
CA ARG B 254 -23.41 22.81 -27.56
C ARG B 254 -22.70 22.46 -26.27
N SER B 255 -23.00 21.30 -25.70
CA SER B 255 -22.33 20.93 -24.46
C SER B 255 -20.83 20.71 -24.68
N TYR B 256 -20.46 20.10 -25.81
CA TYR B 256 -19.04 19.95 -26.13
C TYR B 256 -18.36 21.31 -26.23
N ALA B 257 -18.95 22.22 -27.02
CA ALA B 257 -18.34 23.53 -27.21
C ALA B 257 -18.31 24.34 -25.90
N ARG B 258 -19.39 24.28 -25.12
CA ARG B 258 -19.44 25.07 -23.88
C ARG B 258 -18.44 24.55 -22.85
N THR B 259 -18.28 23.23 -22.77
CA THR B 259 -17.30 22.67 -21.84
C THR B 259 -15.88 23.06 -22.23
N TRP B 260 -15.56 23.03 -23.53
CA TRP B 260 -14.26 23.50 -23.98
C TRP B 260 -14.08 24.98 -23.67
N ARG B 261 -15.10 25.78 -23.97
CA ARG B 261 -15.05 27.22 -23.73
C ARG B 261 -14.82 27.52 -22.24
N TYR B 262 -15.44 26.72 -21.37
CA TYR B 262 -15.20 26.85 -19.92
C TYR B 262 -13.72 26.71 -19.58
N LEU B 263 -13.04 25.72 -20.17
CA LEU B 263 -11.63 25.54 -19.87
C LEU B 263 -10.79 26.65 -20.49
N LEU B 264 -11.10 27.04 -21.73
CA LEU B 264 -10.27 28.02 -22.44
C LEU B 264 -10.35 29.40 -21.81
N ASP B 265 -11.47 29.73 -21.17
CA ASP B 265 -11.69 31.05 -20.59
C ASP B 265 -11.32 31.15 -19.11
N MET B 266 -10.78 30.09 -18.52
CA MET B 266 -10.42 30.10 -17.12
C MET B 266 -9.34 31.14 -16.85
N ASP B 267 -9.53 31.92 -15.79
CA ASP B 267 -8.56 32.98 -15.48
C ASP B 267 -7.22 32.40 -15.01
N LEU B 268 -6.15 33.20 -15.22
CA LEU B 268 -4.75 32.93 -14.93
C LEU B 268 -4.12 31.97 -15.94
N VAL B 269 -4.94 31.25 -16.67
CA VAL B 269 -4.48 30.26 -17.66
C VAL B 269 -3.99 30.98 -18.91
N ARG B 270 -2.87 30.50 -19.46
CA ARG B 270 -2.44 30.97 -20.77
C ARG B 270 -2.24 29.86 -21.79
N LYS B 271 -2.11 28.61 -21.35
CA LYS B 271 -1.77 27.49 -22.22
C LYS B 271 -2.67 26.31 -21.88
N ILE B 272 -3.03 25.54 -22.92
CA ILE B 272 -3.83 24.34 -22.73
C ILE B 272 -3.19 23.23 -23.55
N LYS B 273 -3.26 22.01 -23.01
CA LYS B 273 -2.71 20.82 -23.66
C LYS B 273 -3.72 19.70 -23.51
N TYR B 274 -4.01 19.02 -24.62
CA TYR B 274 -4.93 17.89 -24.62
C TYR B 274 -4.20 16.73 -25.28
N HIS B 275 -3.62 15.85 -24.47
CA HIS B 275 -2.93 14.68 -25.01
C HIS B 275 -3.90 13.59 -25.39
N GLY B 276 -3.58 12.86 -26.45
CA GLY B 276 -4.36 11.71 -26.81
C GLY B 276 -5.68 12.01 -27.48
N ALA B 277 -5.86 13.23 -27.98
CA ALA B 277 -7.08 13.57 -28.69
C ALA B 277 -7.14 12.86 -30.04
N SER B 278 -8.29 12.97 -30.69
CA SER B 278 -8.45 12.43 -32.02
C SER B 278 -7.75 13.30 -33.04
N VAL B 279 -7.22 12.68 -34.09
CA VAL B 279 -6.67 13.49 -35.18
C VAL B 279 -7.74 14.30 -35.90
N GLN B 280 -9.02 13.97 -35.68
CA GLN B 280 -10.15 14.74 -36.19
C GLN B 280 -11.04 15.23 -35.04
N GLU B 281 -10.42 15.57 -33.90
CA GLU B 281 -11.14 16.12 -32.76
C GLU B 281 -11.98 17.33 -33.19
N GLU B 282 -13.24 17.37 -32.72
CA GLU B 282 -14.13 18.44 -33.18
C GLU B 282 -13.54 19.82 -32.88
N LEU B 283 -12.84 19.94 -31.74
CA LEU B 283 -12.22 21.22 -31.34
C LEU B 283 -11.35 21.78 -32.45
N ARG B 284 -10.68 20.92 -33.21
CA ARG B 284 -9.78 21.40 -34.26
C ARG B 284 -10.52 22.25 -35.28
N TYR B 285 -11.80 21.97 -35.50
CA TYR B 285 -12.61 22.70 -36.48
C TYR B 285 -13.45 23.79 -35.85
N LEU B 286 -13.64 23.77 -34.52
CA LEU B 286 -14.37 24.86 -33.87
C LEU B 286 -13.56 26.16 -33.85
N VAL B 287 -12.23 26.08 -33.77
CA VAL B 287 -11.43 27.29 -33.56
C VAL B 287 -11.44 28.16 -34.81
N ALA B 288 -11.52 29.47 -34.60
CA ALA B 288 -11.54 30.42 -35.71
C ALA B 288 -10.23 30.44 -36.48
N ASN B 289 -9.09 30.26 -35.80
CA ASN B 289 -7.79 30.23 -36.47
C ASN B 289 -7.20 28.83 -36.33
N HIS B 290 -7.37 28.03 -37.37
CA HIS B 290 -6.96 26.64 -37.42
C HIS B 290 -5.59 26.38 -36.77
N PRO B 291 -4.52 27.05 -37.20
CA PRO B 291 -3.18 26.68 -36.66
C PRO B 291 -2.94 27.14 -35.22
N SER B 292 -3.82 27.94 -34.63
CA SER B 292 -3.63 28.28 -33.22
C SER B 292 -3.68 27.05 -32.33
N LEU B 293 -4.34 25.99 -32.77
CA LEU B 293 -4.36 24.73 -32.03
C LEU B 293 -3.31 23.85 -32.70
N GLU B 294 -2.14 23.78 -32.10
CA GLU B 294 -1.06 22.97 -32.64
C GLU B 294 -1.42 21.49 -32.53
N CYS B 295 -0.92 20.70 -33.47
CA CYS B 295 -1.37 19.31 -33.58
C CYS B 295 -0.16 18.44 -33.90
N VAL B 296 0.22 17.60 -32.94
CA VAL B 296 1.35 16.68 -33.09
C VAL B 296 0.80 15.27 -33.07
N VAL B 297 1.09 14.49 -34.12
CA VAL B 297 0.42 13.21 -34.39
C VAL B 297 1.41 12.08 -34.17
N SER B 298 0.98 11.05 -33.46
CA SER B 298 1.82 9.87 -33.28
C SER B 298 0.94 8.63 -33.24
N ASP B 299 1.59 7.47 -33.18
CA ASP B 299 0.89 6.20 -33.12
C ASP B 299 0.14 6.05 -31.81
N ALA B 300 -1.02 5.39 -31.87
CA ALA B 300 -1.75 5.07 -30.66
C ALA B 300 -1.93 3.56 -30.54
N ILE B 301 -3.02 3.02 -31.07
CA ILE B 301 -3.36 1.61 -30.90
C ILE B 301 -2.83 0.79 -32.08
N GLN B 302 -2.27 -0.38 -31.76
CA GLN B 302 -1.98 -1.41 -32.74
C GLN B 302 -3.01 -2.52 -32.63
N VAL B 303 -3.42 -3.07 -33.78
CA VAL B 303 -4.43 -4.11 -33.85
C VAL B 303 -3.77 -5.41 -34.28
N ARG B 304 -4.12 -6.50 -33.61
CA ARG B 304 -3.75 -7.85 -34.03
C ARG B 304 -5.03 -8.62 -34.30
N LEU B 305 -5.31 -8.92 -35.57
CA LEU B 305 -6.48 -9.71 -35.92
C LEU B 305 -6.18 -11.17 -35.61
N VAL B 306 -6.99 -11.76 -34.72
CA VAL B 306 -6.79 -13.13 -34.24
C VAL B 306 -7.73 -14.11 -34.93
N ASP B 307 -8.99 -13.72 -35.12
CA ASP B 307 -9.99 -14.46 -35.92
C ASP B 307 -10.31 -13.54 -37.09
N ILE B 308 -9.58 -13.71 -38.19
CA ILE B 308 -9.63 -12.77 -39.31
C ILE B 308 -11.05 -12.66 -39.87
N PRO B 309 -11.70 -13.75 -40.29
CA PRO B 309 -13.03 -13.56 -40.91
C PRO B 309 -14.09 -13.07 -39.93
N ARG B 310 -13.97 -13.40 -38.65
CA ARG B 310 -14.93 -12.90 -37.67
C ARG B 310 -14.75 -11.39 -37.47
N ALA B 311 -13.52 -10.94 -37.26
CA ALA B 311 -13.26 -9.52 -37.07
C ALA B 311 -13.73 -8.70 -38.27
N LEU B 312 -13.45 -9.17 -39.49
CA LEU B 312 -13.87 -8.43 -40.66
C LEU B 312 -15.40 -8.39 -40.80
N ALA B 313 -16.10 -9.38 -40.25
CA ALA B 313 -17.55 -9.38 -40.30
C ALA B 313 -18.19 -8.63 -39.13
N GLN B 314 -17.41 -8.27 -38.10
CA GLN B 314 -17.99 -7.61 -36.94
C GLN B 314 -18.12 -6.10 -37.13
N ARG B 315 -17.28 -5.49 -37.97
CA ARG B 315 -17.41 -4.06 -38.21
C ARG B 315 -18.32 -3.82 -39.41
N ARG B 316 -18.61 -2.55 -39.64
CA ARG B 316 -19.33 -2.14 -40.84
C ARG B 316 -18.42 -1.28 -41.70
N TYR B 317 -18.78 -1.15 -42.97
CA TYR B 317 -17.92 -0.53 -43.96
C TYR B 317 -18.58 0.74 -44.49
N ALA B 318 -17.75 1.74 -44.79
CA ALA B 318 -18.25 3.06 -45.16
C ALA B 318 -19.00 3.06 -46.50
N ALA B 319 -18.76 2.06 -47.33
CA ALA B 319 -19.43 1.90 -48.61
C ALA B 319 -19.36 0.42 -48.98
N ASP B 320 -20.04 0.06 -50.06
CA ASP B 320 -20.09 -1.34 -50.47
C ASP B 320 -18.72 -1.84 -50.92
N VAL B 321 -18.37 -3.05 -50.49
CA VAL B 321 -17.16 -3.72 -50.95
C VAL B 321 -17.45 -5.20 -51.17
N ASP B 322 -16.82 -5.77 -52.20
CA ASP B 322 -16.81 -7.21 -52.46
C ASP B 322 -15.41 -7.50 -53.00
N VAL B 323 -14.53 -8.00 -52.15
CA VAL B 323 -13.11 -8.06 -52.46
C VAL B 323 -12.54 -9.37 -51.91
N VAL B 324 -11.59 -9.94 -52.63
CA VAL B 324 -10.92 -11.15 -52.20
C VAL B 324 -9.52 -10.78 -51.74
N LEU B 325 -9.21 -11.11 -50.50
CA LEU B 325 -7.96 -10.72 -49.86
C LEU B 325 -7.11 -11.96 -49.67
N GLU B 326 -5.92 -11.96 -50.26
CA GLU B 326 -4.91 -12.98 -49.99
C GLU B 326 -4.12 -12.52 -48.77
N VAL B 327 -4.40 -13.11 -47.62
CA VAL B 327 -3.86 -12.65 -46.34
C VAL B 327 -2.74 -13.59 -45.92
N THR B 328 -1.55 -13.04 -45.68
CA THR B 328 -0.41 -13.81 -45.22
C THR B 328 -0.15 -13.44 -43.77
N ASP B 329 -0.16 -14.43 -42.89
CA ASP B 329 0.09 -14.28 -41.47
C ASP B 329 1.44 -14.91 -41.15
N ASP B 330 2.49 -14.09 -41.08
CA ASP B 330 3.85 -14.61 -40.90
C ASP B 330 4.01 -15.31 -39.55
N PHE B 331 3.47 -14.71 -38.48
CA PHE B 331 3.72 -15.25 -37.15
C PHE B 331 2.84 -16.46 -36.84
N LEU B 332 1.60 -16.48 -37.35
CA LEU B 332 0.65 -17.56 -37.14
C LEU B 332 0.21 -18.04 -38.52
N PRO B 333 1.03 -18.83 -39.19
CA PRO B 333 0.72 -19.20 -40.59
C PRO B 333 -0.57 -19.99 -40.75
N GLU B 334 -1.09 -20.61 -39.70
CA GLU B 334 -2.39 -21.27 -39.82
C GLU B 334 -3.51 -20.28 -40.14
N ASN B 335 -3.30 -18.99 -39.89
CA ASN B 335 -4.30 -17.98 -40.24
C ASN B 335 -4.26 -17.56 -41.70
N SER B 336 -3.16 -17.85 -42.40
CA SER B 336 -3.05 -17.44 -43.80
C SER B 336 -4.18 -18.08 -44.60
N GLY B 337 -4.71 -17.32 -45.55
CA GLY B 337 -5.83 -17.79 -46.33
C GLY B 337 -6.30 -16.72 -47.27
N ARG B 338 -7.19 -17.12 -48.17
CA ARG B 338 -7.80 -16.23 -49.15
C ARG B 338 -9.25 -16.03 -48.74
N TYR B 339 -9.62 -14.79 -48.43
CA TYR B 339 -10.90 -14.49 -47.81
C TYR B 339 -11.70 -13.55 -48.71
N ARG B 340 -12.97 -13.90 -48.94
CA ARG B 340 -13.88 -13.00 -49.63
C ARG B 340 -14.61 -12.15 -48.61
N LEU B 341 -14.38 -10.84 -48.68
CA LEU B 341 -15.05 -9.88 -47.80
C LEU B 341 -16.17 -9.20 -48.56
N ARG B 342 -17.39 -9.31 -48.04
CA ARG B 342 -18.54 -8.61 -48.58
C ARG B 342 -19.12 -7.74 -47.47
N GLY B 343 -19.12 -6.43 -47.68
CA GLY B 343 -19.52 -5.52 -46.62
C GLY B 343 -20.12 -4.23 -47.14
N GLY B 344 -20.82 -3.54 -46.24
CA GLY B 344 -21.33 -2.23 -46.51
C GLY B 344 -21.73 -1.58 -45.21
N LEU B 345 -22.52 -0.51 -45.30
CA LEU B 345 -22.98 0.14 -44.08
C LEU B 345 -23.88 -0.78 -43.28
N ASP B 346 -24.59 -1.70 -43.94
CA ASP B 346 -25.67 -2.48 -43.34
C ASP B 346 -25.37 -3.97 -43.22
N HIS B 347 -24.16 -4.42 -43.55
CA HIS B 347 -23.87 -5.86 -43.58
C HIS B 347 -22.36 -6.06 -43.64
N ALA B 348 -21.94 -7.28 -43.27
CA ALA B 348 -20.55 -7.71 -43.44
C ALA B 348 -20.46 -9.22 -43.29
N SER B 349 -19.75 -9.87 -44.21
CA SER B 349 -19.48 -11.30 -44.15
C SER B 349 -18.08 -11.57 -44.71
N CYS B 350 -17.46 -12.64 -44.24
CA CYS B 350 -16.11 -12.98 -44.66
C CYS B 350 -15.91 -14.48 -44.57
N GLU B 351 -15.41 -15.10 -45.64
CA GLU B 351 -15.13 -16.54 -45.59
C GLU B 351 -14.11 -16.90 -46.65
N ILE B 352 -13.48 -18.06 -46.44
CA ILE B 352 -12.50 -18.58 -47.41
C ILE B 352 -13.13 -18.69 -48.79
N THR B 353 -12.33 -18.41 -49.82
CA THR B 353 -12.78 -18.58 -51.20
C THR B 353 -11.62 -19.09 -52.05
N THR B 354 -11.98 -19.82 -53.11
CA THR B 354 -11.02 -20.24 -54.12
C THR B 354 -10.98 -19.28 -55.31
N ASP B 355 -11.86 -18.28 -55.34
CA ASP B 355 -11.82 -17.29 -56.40
C ASP B 355 -10.45 -16.58 -56.41
N ASP B 356 -10.15 -15.92 -57.54
CA ASP B 356 -8.88 -15.21 -57.65
C ASP B 356 -8.82 -14.08 -56.63
N ALA B 357 -7.64 -13.85 -56.07
CA ALA B 357 -7.44 -12.75 -55.14
C ALA B 357 -7.37 -11.41 -55.87
N ASP B 358 -7.89 -10.38 -55.21
CA ASP B 358 -7.81 -9.00 -55.69
C ASP B 358 -6.68 -8.21 -55.05
N ILE B 359 -6.32 -8.53 -53.82
CA ILE B 359 -5.32 -7.78 -53.07
C ILE B 359 -4.52 -8.77 -52.23
N ALA B 360 -3.21 -8.59 -52.20
CA ALA B 360 -2.33 -9.38 -51.35
C ALA B 360 -1.81 -8.49 -50.23
N LEU B 361 -1.94 -8.94 -48.99
CA LEU B 361 -1.43 -8.17 -47.86
C LEU B 361 -1.17 -9.08 -46.68
N THR B 362 -0.29 -8.61 -45.79
CA THR B 362 0.01 -9.30 -44.56
C THR B 362 -1.02 -8.97 -43.50
N VAL B 363 -1.12 -9.83 -42.49
CA VAL B 363 -2.09 -9.60 -41.44
C VAL B 363 -1.81 -8.31 -40.67
N ARG B 364 -0.55 -7.90 -40.54
CA ARG B 364 -0.29 -6.65 -39.83
C ARG B 364 -0.87 -5.47 -40.57
N ASP B 365 -0.79 -5.48 -41.91
CA ASP B 365 -1.34 -4.35 -42.66
C ASP B 365 -2.86 -4.41 -42.74
N LEU B 366 -3.45 -5.61 -42.75
CA LEU B 366 -4.90 -5.71 -42.59
C LEU B 366 -5.32 -5.13 -41.24
N GLY B 367 -4.58 -5.43 -40.18
CA GLY B 367 -4.85 -4.80 -38.90
C GLY B 367 -4.73 -3.29 -38.96
N SER B 368 -3.71 -2.79 -39.65
CA SER B 368 -3.50 -1.35 -39.73
C SER B 368 -4.67 -0.63 -40.39
N VAL B 369 -5.36 -1.27 -41.35
CA VAL B 369 -6.47 -0.58 -42.02
C VAL B 369 -7.80 -0.89 -41.36
N TYR B 370 -7.82 -1.75 -40.34
CA TYR B 370 -9.06 -2.34 -39.84
C TYR B 370 -9.95 -1.33 -39.14
N MET B 371 -9.38 -0.27 -38.57
CA MET B 371 -10.14 0.71 -37.80
C MET B 371 -10.43 1.99 -38.59
N GLY B 372 -10.09 2.02 -39.87
CA GLY B 372 -10.33 3.19 -40.70
C GLY B 372 -9.37 4.34 -40.46
N GLY B 373 -8.21 4.08 -39.86
CA GLY B 373 -7.29 5.17 -39.55
C GLY B 373 -6.01 5.19 -40.37
N VAL B 374 -5.82 4.17 -41.22
CA VAL B 374 -4.74 4.07 -42.18
C VAL B 374 -5.36 3.66 -43.51
N SER B 375 -5.01 4.35 -44.60
CA SER B 375 -5.64 4.09 -45.89
C SER B 375 -4.99 2.90 -46.60
N LEU B 376 -5.82 1.92 -46.97
CA LEU B 376 -5.30 0.79 -47.75
C LEU B 376 -4.71 1.24 -49.08
N GLN B 377 -5.21 2.33 -49.66
CA GLN B 377 -4.67 2.81 -50.91
C GLN B 377 -3.28 3.41 -50.74
N VAL B 378 -3.04 4.13 -49.64
CA VAL B 378 -1.71 4.65 -49.39
C VAL B 378 -0.73 3.50 -49.16
N LEU B 379 -1.15 2.47 -48.44
CA LEU B 379 -0.27 1.32 -48.23
C LEU B 379 0.08 0.65 -49.55
N ALA B 380 -0.88 0.60 -50.49
CA ALA B 380 -0.57 0.06 -51.81
C ALA B 380 0.40 0.97 -52.57
N SER B 381 0.16 2.29 -52.52
CA SER B 381 1.08 3.22 -53.16
C SER B 381 2.49 3.11 -52.58
N ALA B 382 2.59 2.80 -51.28
CA ALA B 382 3.87 2.63 -50.59
C ALA B 382 4.55 1.31 -50.92
N GLY B 383 3.87 0.39 -51.59
CA GLY B 383 4.43 -0.90 -51.92
C GLY B 383 4.23 -1.97 -50.87
N LEU B 384 3.56 -1.63 -49.75
CA LEU B 384 3.41 -2.57 -48.66
C LEU B 384 2.31 -3.56 -48.92
N VAL B 385 1.34 -3.18 -49.74
CA VAL B 385 0.20 -3.98 -50.14
C VAL B 385 0.20 -4.05 -51.65
N THR B 386 -0.23 -5.19 -52.21
CA THR B 386 -0.16 -5.42 -53.65
C THR B 386 -1.56 -5.56 -54.22
N GLU B 387 -1.89 -4.71 -55.19
CA GLU B 387 -3.13 -4.83 -55.92
C GLU B 387 -2.97 -5.88 -57.02
N LEU B 388 -3.88 -6.84 -57.07
CA LEU B 388 -3.81 -7.89 -58.08
C LEU B 388 -4.83 -7.71 -59.19
N ARG B 389 -5.93 -6.98 -58.95
CA ARG B 389 -6.93 -6.70 -59.96
C ARG B 389 -7.22 -5.21 -59.99
N ALA B 390 -7.27 -4.63 -61.18
CA ALA B 390 -7.41 -3.18 -61.31
C ALA B 390 -8.67 -2.67 -60.62
N GLY B 391 -8.52 -1.55 -59.91
CA GLY B 391 -9.62 -0.88 -59.24
C GLY B 391 -10.02 -1.46 -57.90
N ALA B 392 -9.46 -2.60 -57.50
CA ALA B 392 -9.89 -3.26 -56.26
C ALA B 392 -9.49 -2.44 -55.04
N VAL B 393 -8.25 -1.95 -55.00
CA VAL B 393 -7.79 -1.25 -53.80
C VAL B 393 -8.59 0.03 -53.57
N GLN B 394 -8.93 0.73 -54.66
CA GLN B 394 -9.73 1.96 -54.58
C GLN B 394 -11.00 1.73 -53.77
N ARG B 395 -11.78 0.71 -54.13
CA ARG B 395 -13.06 0.51 -53.47
C ARG B 395 -12.89 -0.11 -52.10
N ALA B 396 -11.91 -1.00 -51.93
CA ALA B 396 -11.70 -1.57 -50.61
C ALA B 396 -11.17 -0.53 -49.63
N ALA B 397 -10.33 0.39 -50.10
CA ALA B 397 -9.79 1.43 -49.21
C ALA B 397 -10.90 2.31 -48.66
N THR B 398 -11.82 2.73 -49.54
CA THR B 398 -12.95 3.53 -49.10
C THR B 398 -13.84 2.75 -48.13
N ALA B 399 -14.05 1.46 -48.39
CA ALA B 399 -14.90 0.67 -47.52
C ALA B 399 -14.29 0.50 -46.14
N PHE B 400 -13.00 0.18 -46.07
CA PHE B 400 -12.31 0.08 -44.79
C PHE B 400 -12.20 1.42 -44.06
N GLY B 401 -12.38 2.54 -44.76
CA GLY B 401 -12.37 3.83 -44.08
C GLY B 401 -13.63 4.03 -43.25
N TRP B 402 -13.76 5.24 -42.72
CA TRP B 402 -14.93 5.59 -41.93
C TRP B 402 -14.99 7.10 -41.80
N PRO B 403 -16.20 7.69 -41.76
CA PRO B 403 -16.29 9.15 -41.72
C PRO B 403 -15.83 9.76 -40.42
N VAL B 404 -15.58 8.97 -39.38
CA VAL B 404 -15.03 9.45 -38.13
C VAL B 404 -13.76 8.66 -37.86
N ALA B 405 -12.62 9.35 -37.80
CA ALA B 405 -11.37 8.63 -37.58
C ALA B 405 -11.44 7.86 -36.26
N PRO B 406 -10.80 6.70 -36.17
CA PRO B 406 -10.70 6.02 -34.89
C PRO B 406 -9.84 6.86 -33.93
N SER B 407 -10.04 6.65 -32.63
CA SER B 407 -9.29 7.42 -31.64
C SER B 407 -8.87 6.53 -30.49
N ALA B 408 -7.90 7.02 -29.70
CA ALA B 408 -7.27 6.20 -28.67
C ALA B 408 -8.20 6.03 -27.46
N PRO B 409 -8.31 4.82 -26.93
CA PRO B 409 -9.07 4.60 -25.70
C PRO B 409 -8.28 5.07 -24.50
N ASP B 410 -8.93 5.02 -23.32
CA ASP B 410 -8.20 5.27 -22.09
C ASP B 410 -7.04 4.28 -21.98
N ASP B 411 -5.94 4.71 -21.38
CA ASP B 411 -4.69 3.97 -21.55
CA ASP B 411 -4.69 3.98 -21.54
C ASP B 411 -4.68 2.68 -20.73
N PHE B 412 -3.93 1.72 -21.23
CA PHE B 412 -3.70 0.46 -20.53
C PHE B 412 -2.36 -0.11 -20.99
N LEU C 5 35.81 32.39 20.66
CA LEU C 5 36.24 31.28 19.81
C LEU C 5 37.26 30.39 20.46
N THR C 6 36.97 29.10 20.54
CA THR C 6 37.93 28.11 20.99
C THR C 6 38.08 27.05 19.92
N LEU C 7 39.33 26.71 19.60
CA LEU C 7 39.60 25.55 18.76
C LEU C 7 39.31 24.29 19.57
N ARG C 8 38.45 23.43 19.06
CA ARG C 8 38.11 22.27 19.86
C ARG C 8 37.78 21.08 18.99
N THR C 9 37.62 19.95 19.65
CA THR C 9 37.25 18.70 19.00
CA THR C 9 37.29 18.67 19.05
C THR C 9 35.84 18.30 19.39
N ILE C 10 35.21 17.48 18.55
CA ILE C 10 33.87 16.97 18.87
C ILE C 10 33.92 16.22 20.19
N ALA C 11 32.99 16.55 21.08
CA ALA C 11 33.02 16.03 22.44
C ALA C 11 32.11 14.82 22.66
N ASP C 12 31.01 14.71 21.92
CA ASP C 12 30.00 13.70 22.21
C ASP C 12 29.10 13.57 20.99
N GLU C 13 28.13 12.65 21.08
CA GLU C 13 27.32 12.30 19.92
C GLU C 13 26.37 13.43 19.51
N ASP C 14 25.80 14.14 20.47
CA ASP C 14 25.00 15.32 20.13
C ASP C 14 25.85 16.40 19.50
N ASP C 15 27.05 16.61 20.05
CA ASP C 15 27.99 17.57 19.49
C ASP C 15 28.34 17.19 18.05
N TYR C 16 28.42 15.89 17.78
CA TYR C 16 28.71 15.42 16.42
C TYR C 16 27.62 15.84 15.44
N GLU C 17 26.35 15.66 15.82
CA GLU C 17 25.25 16.09 14.95
C GLU C 17 25.25 17.60 14.75
N SER C 18 25.53 18.35 15.83
CA SER C 18 25.58 19.81 15.71
CA SER C 18 25.58 19.80 15.72
C SER C 18 26.71 20.25 14.81
N TYR C 19 27.87 19.57 14.91
CA TYR C 19 29.02 19.85 14.05
C TYR C 19 28.67 19.60 12.58
N MET C 20 28.07 18.46 12.29
CA MET C 20 27.72 18.17 10.90
C MET C 20 26.64 19.11 10.39
N ALA C 21 25.67 19.48 11.25
CA ALA C 21 24.66 20.45 10.85
C ALA C 21 25.30 21.76 10.45
N SER C 22 26.34 22.17 11.18
CA SER C 22 27.02 23.41 10.84
C SER C 22 27.71 23.31 9.49
N ALA C 23 28.40 22.19 9.23
CA ALA C 23 29.10 22.04 7.97
C ALA C 23 28.11 22.03 6.80
N TYR C 24 27.01 21.30 6.96
CA TYR C 24 25.99 21.28 5.91
C TYR C 24 25.42 22.67 5.69
N SER C 25 25.25 23.45 6.77
CA SER C 25 24.72 24.80 6.61
C SER C 25 25.66 25.66 5.79
N VAL C 26 26.96 25.54 6.01
CA VAL C 26 27.93 26.28 5.20
C VAL C 26 27.85 25.83 3.76
N PHE C 27 27.55 24.56 3.52
CA PHE C 27 27.36 24.08 2.16
C PHE C 27 25.96 24.36 1.62
N LEU C 28 25.16 25.15 2.35
CA LEU C 28 23.85 25.62 1.91
C LEU C 28 22.86 24.47 1.71
N ARG C 29 23.02 23.41 2.50
CA ARG C 29 22.22 22.21 2.38
C ARG C 29 21.56 21.87 3.72
N ASP C 30 20.40 21.22 3.66
CA ASP C 30 19.82 20.64 4.86
C ASP C 30 20.67 19.43 5.27
N PRO C 31 20.93 19.24 6.57
CA PRO C 31 21.69 18.06 7.00
C PRO C 31 21.01 16.79 6.53
N GLN C 32 21.81 15.89 5.95
CA GLN C 32 21.32 14.62 5.42
C GLN C 32 21.49 13.57 6.51
N LYS C 33 20.40 13.30 7.24
CA LYS C 33 20.49 12.48 8.44
C LYS C 33 21.02 11.09 8.12
N ASP C 34 20.63 10.53 6.96
CA ASP C 34 21.07 9.18 6.61
C ASP C 34 22.58 9.14 6.38
N GLU C 35 23.13 10.11 5.64
CA GLU C 35 24.57 10.14 5.44
C GLU C 35 25.31 10.39 6.75
N ILE C 36 24.81 11.33 7.57
CA ILE C 36 25.49 11.65 8.83
C ILE C 36 25.53 10.43 9.74
N GLU C 37 24.46 9.63 9.72
CA GLU C 37 24.38 8.45 10.57
C GLU C 37 25.33 7.35 10.11
N VAL C 38 25.34 7.06 8.79
CA VAL C 38 26.18 5.98 8.31
C VAL C 38 27.66 6.35 8.41
N ASN C 39 27.99 7.61 8.12
CA ASN C 39 29.39 8.04 8.14
C ASN C 39 29.94 8.06 9.55
N ARG C 40 29.08 8.23 10.56
CA ARG C 40 29.55 8.20 11.94
C ARG C 40 30.35 6.95 12.26
N LYS C 41 30.02 5.83 11.59
CA LYS C 41 30.63 4.54 11.95
C LYS C 41 32.11 4.45 11.58
N PHE C 42 32.62 5.33 10.71
CA PHE C 42 34.05 5.36 10.42
C PHE C 42 34.67 6.70 10.77
N THR C 43 33.96 7.49 11.57
CA THR C 43 34.45 8.76 12.05
C THR C 43 35.11 8.55 13.41
N GLU C 44 36.26 9.18 13.61
CA GLU C 44 36.91 9.25 14.90
C GLU C 44 36.75 10.67 15.40
N LEU C 45 36.00 10.84 16.51
CA LEU C 45 35.68 12.19 16.95
C LEU C 45 36.92 13.02 17.21
N ASP C 46 38.00 12.41 17.72
CA ASP C 46 39.17 13.22 18.04
C ASP C 46 39.92 13.70 16.80
N ARG C 47 39.57 13.21 15.61
CA ARG C 47 40.13 13.75 14.38
C ARG C 47 39.29 14.88 13.80
N MET C 48 38.18 15.23 14.44
CA MET C 48 37.25 16.23 13.92
C MET C 48 37.37 17.48 14.78
N ILE C 49 38.01 18.51 14.23
CA ILE C 49 38.23 19.74 14.97
C ILE C 49 37.41 20.86 14.35
N GLY C 50 37.49 22.04 14.96
CA GLY C 50 36.78 23.19 14.46
C GLY C 50 36.86 24.32 15.46
N PHE C 51 36.06 25.35 15.23
CA PHE C 51 35.94 26.46 16.16
C PHE C 51 34.50 26.57 16.62
N HIS C 52 34.34 26.97 17.88
CA HIS C 52 33.04 27.07 18.53
C HIS C 52 32.94 28.42 19.23
N ASP C 53 31.81 29.12 19.05
CA ASP C 53 31.67 30.44 19.65
C ASP C 53 30.91 30.42 20.97
N GLY C 54 30.69 29.24 21.55
CA GLY C 54 29.90 29.14 22.76
C GLY C 54 28.46 28.76 22.49
N LYS C 55 27.90 29.28 21.40
CA LYS C 55 26.54 28.95 20.97
C LYS C 55 26.47 27.86 19.91
N LYS C 56 27.53 27.71 19.11
CA LYS C 56 27.47 26.81 17.96
C LYS C 56 28.86 26.67 17.35
N TRP C 57 29.02 25.64 16.53
CA TRP C 57 30.22 25.51 15.72
C TRP C 57 30.23 26.59 14.65
N VAL C 58 31.36 27.30 14.53
CA VAL C 58 31.54 28.28 13.47
C VAL C 58 32.65 27.90 12.50
N ALA C 59 33.27 26.73 12.68
CA ALA C 59 34.24 26.22 11.72
C ALA C 59 34.40 24.72 11.99
N THR C 60 34.71 23.97 10.94
CA THR C 60 34.95 22.54 11.04
C THR C 60 36.13 22.17 10.13
N THR C 61 36.84 21.10 10.52
CA THR C 61 37.86 20.46 9.70
C THR C 61 38.09 19.08 10.29
N GLY C 62 38.04 18.04 9.46
CA GLY C 62 38.18 16.69 9.95
C GLY C 62 39.05 15.85 9.04
N ALA C 63 39.27 14.60 9.47
CA ALA C 63 39.98 13.62 8.65
C ALA C 63 39.50 12.23 9.04
N PHE C 64 39.41 11.35 8.05
CA PHE C 64 39.18 9.93 8.27
C PHE C 64 40.50 9.19 8.16
N SER C 65 40.64 8.13 8.97
CA SER C 65 41.79 7.24 8.84
C SER C 65 41.52 6.27 7.69
N ARG C 66 42.22 6.45 6.57
CA ARG C 66 41.99 5.57 5.43
C ARG C 66 43.33 5.02 4.97
N HIS C 67 43.29 4.22 3.91
CA HIS C 67 44.48 3.65 3.29
C HIS C 67 44.34 3.75 1.79
N VAL C 68 45.43 4.04 1.09
CA VAL C 68 45.38 4.36 -0.33
C VAL C 68 46.43 3.54 -1.09
N VAL C 69 46.08 3.13 -2.31
CA VAL C 69 47.00 2.43 -3.20
C VAL C 69 47.94 3.45 -3.85
N LEU C 70 49.24 3.23 -3.74
CA LEU C 70 50.25 4.02 -4.42
C LEU C 70 50.66 3.36 -5.72
N PRO C 71 51.31 4.11 -6.63
CA PRO C 71 51.93 3.47 -7.80
C PRO C 71 52.81 2.30 -7.36
N GLY C 72 52.55 1.12 -7.91
CA GLY C 72 53.26 -0.09 -7.53
C GLY C 72 52.45 -1.03 -6.65
N GLY C 73 51.33 -0.58 -6.11
CA GLY C 73 50.41 -1.46 -5.40
C GLY C 73 50.47 -1.38 -3.89
N ALA C 74 51.44 -0.67 -3.32
CA ALA C 74 51.51 -0.55 -1.86
C ALA C 74 50.29 0.18 -1.33
N VAL C 75 49.78 -0.26 -0.19
CA VAL C 75 48.61 0.34 0.46
C VAL C 75 49.08 0.97 1.76
N VAL C 76 48.98 2.29 1.86
CA VAL C 76 49.58 3.00 2.99
C VAL C 76 48.53 3.85 3.71
N PRO C 77 48.73 4.13 4.99
CA PRO C 77 47.80 5.01 5.71
C PRO C 77 47.82 6.41 5.13
N VAL C 78 46.63 7.00 5.03
CA VAL C 78 46.46 8.36 4.51
C VAL C 78 45.39 9.05 5.34
N ALA C 79 45.60 10.33 5.60
CA ALA C 79 44.56 11.17 6.20
C ALA C 79 43.61 11.59 5.08
N ALA C 80 42.38 11.12 5.14
CA ALA C 80 41.36 11.52 4.16
C ALA C 80 40.64 12.73 4.72
N VAL C 81 41.06 13.93 4.30
CA VAL C 81 40.58 15.17 4.90
C VAL C 81 39.16 15.49 4.40
N THR C 82 38.34 16.03 5.29
CA THR C 82 36.90 16.08 5.07
C THR C 82 36.29 17.19 5.93
N ALA C 83 35.07 17.60 5.56
CA ALA C 83 34.21 18.44 6.41
C ALA C 83 34.87 19.76 6.76
N VAL C 84 35.51 20.39 5.77
CA VAL C 84 36.20 21.66 6.00
C VAL C 84 35.22 22.79 5.71
N THR C 85 34.82 23.54 6.74
CA THR C 85 33.97 24.71 6.54
C THR C 85 34.37 25.79 7.55
N VAL C 86 34.07 27.03 7.19
CA VAL C 86 34.07 28.14 8.14
C VAL C 86 32.78 28.90 7.90
N SER C 87 32.06 29.21 8.98
CA SER C 87 30.76 29.86 8.81
C SER C 87 30.93 31.27 8.26
N PRO C 88 29.94 31.77 7.50
CA PRO C 88 30.08 33.09 6.86
C PRO C 88 30.19 34.22 7.86
N THR C 89 29.89 33.99 9.13
CA THR C 89 30.07 34.98 10.18
C THR C 89 31.53 35.16 10.57
N HIS C 90 32.39 34.20 10.22
CA HIS C 90 33.76 34.16 10.72
C HIS C 90 34.79 33.95 9.61
N ARG C 91 34.39 34.04 8.36
CA ARG C 91 35.28 33.71 7.25
C ARG C 91 36.33 34.79 7.05
N ARG C 92 37.43 34.40 6.38
CA ARG C 92 38.52 35.29 6.02
C ARG C 92 39.12 35.97 7.24
N ARG C 93 39.17 35.22 8.34
CA ARG C 93 39.86 35.63 9.56
C ARG C 93 41.01 34.69 9.91
N GLY C 94 41.34 33.75 9.04
CA GLY C 94 42.43 32.84 9.29
C GLY C 94 42.04 31.56 10.02
N LEU C 95 40.75 31.32 10.26
CA LEU C 95 40.33 30.09 10.95
C LEU C 95 40.71 28.83 10.16
N LEU C 96 40.51 28.82 8.83
CA LEU C 96 40.96 27.65 8.08
C LEU C 96 42.46 27.48 8.21
N THR C 97 43.23 28.55 8.03
CA THR C 97 44.68 28.46 8.13
C THR C 97 45.09 27.87 9.47
N THR C 98 44.41 28.26 10.55
CA THR C 98 44.75 27.73 11.87
C THR C 98 44.41 26.24 11.96
N MET C 99 43.24 25.84 11.47
CA MET C 99 42.86 24.42 11.49
C MET C 99 43.83 23.57 10.67
N MET C 100 44.31 24.08 9.53
CA MET C 100 45.24 23.32 8.72
C MET C 100 46.57 23.09 9.44
N ARG C 101 47.05 24.10 10.17
CA ARG C 101 48.29 23.91 10.95
C ARG C 101 48.11 22.82 11.97
N HIS C 102 47.01 22.89 12.73
CA HIS C 102 46.74 21.87 13.74
C HIS C 102 46.61 20.50 13.10
N GLN C 103 45.81 20.41 12.03
CA GLN C 103 45.51 19.11 11.44
C GLN C 103 46.76 18.50 10.83
N LEU C 104 47.57 19.29 10.14
CA LEU C 104 48.76 18.71 9.52
C LEU C 104 49.75 18.22 10.57
N ALA C 105 49.87 18.94 11.70
CA ALA C 105 50.70 18.45 12.79
C ALA C 105 50.13 17.16 13.36
N ASP C 106 48.79 17.07 13.44
CA ASP C 106 48.16 15.86 13.97
C ASP C 106 48.35 14.67 13.04
N ILE C 107 48.18 14.89 11.73
CA ILE C 107 48.43 13.85 10.75
C ILE C 107 49.85 13.30 10.87
N ARG C 108 50.83 14.21 10.94
CA ARG C 108 52.22 13.76 11.08
C ARG C 108 52.39 12.88 12.33
N SER C 109 51.81 13.31 13.45
CA SER C 109 51.99 12.58 14.70
C SER C 109 51.38 11.18 14.63
N ARG C 110 50.37 10.97 13.79
CA ARG C 110 49.77 9.65 13.65
C ARG C 110 50.55 8.74 12.71
N GLY C 111 51.69 9.19 12.17
CA GLY C 111 52.48 8.37 11.27
C GLY C 111 51.95 8.27 9.86
N GLU C 112 50.90 9.02 9.51
CA GLU C 112 50.44 9.12 8.13
C GLU C 112 51.40 10.01 7.35
N SER C 113 51.93 9.49 6.24
CA SER C 113 52.91 10.26 5.49
C SER C 113 52.29 11.26 4.54
N LEU C 114 50.97 11.24 4.38
CA LEU C 114 50.36 12.15 3.41
C LEU C 114 48.89 12.33 3.75
N ALA C 115 48.33 13.42 3.22
CA ALA C 115 46.92 13.72 3.30
C ALA C 115 46.38 13.81 1.88
N MET C 116 45.09 13.48 1.73
CA MET C 116 44.39 13.58 0.45
C MET C 116 43.01 14.19 0.66
N LEU C 117 42.55 14.99 -0.30
CA LEU C 117 41.20 15.55 -0.20
C LEU C 117 40.66 15.82 -1.60
N PHE C 118 39.33 15.84 -1.70
CA PHE C 118 38.60 16.50 -2.76
C PHE C 118 38.39 17.95 -2.37
N ALA C 119 38.27 18.84 -3.34
CA ALA C 119 38.13 20.27 -3.03
C ALA C 119 36.90 20.83 -3.69
N SER C 120 36.08 21.55 -2.91
CA SER C 120 34.96 22.29 -3.48
C SER C 120 35.44 23.33 -4.48
N GLU C 121 36.52 24.03 -4.13
CA GLU C 121 37.20 24.97 -5.02
C GLU C 121 38.69 24.71 -4.87
N ALA C 122 39.34 24.25 -5.95
CA ALA C 122 40.69 23.70 -5.83
C ALA C 122 41.70 24.72 -5.32
N LEU C 123 41.49 26.02 -5.60
CA LEU C 123 42.48 27.02 -5.21
C LEU C 123 42.61 27.18 -3.71
N ILE C 124 41.72 26.56 -2.92
CA ILE C 124 41.79 26.77 -1.48
C ILE C 124 43.12 26.25 -0.90
N TYR C 125 43.58 25.09 -1.37
CA TYR C 125 44.50 24.29 -0.56
C TYR C 125 45.97 24.41 -0.95
N GLY C 126 46.31 24.99 -2.11
CA GLY C 126 47.71 25.06 -2.51
C GLY C 126 48.57 25.83 -1.52
N ARG C 127 47.98 26.84 -0.88
CA ARG C 127 48.69 27.66 0.10
C ARG C 127 49.10 26.86 1.32
N PHE C 128 48.52 25.68 1.52
CA PHE C 128 48.88 24.82 2.63
C PHE C 128 49.80 23.68 2.21
N GLY C 129 50.18 23.62 0.93
CA GLY C 129 51.08 22.59 0.45
C GLY C 129 50.41 21.46 -0.31
N TYR C 130 49.09 21.53 -0.52
CA TYR C 130 48.39 20.54 -1.33
C TYR C 130 48.61 20.83 -2.81
N GLY C 131 48.81 19.77 -3.58
CA GLY C 131 48.84 19.87 -5.03
C GLY C 131 47.81 18.95 -5.64
N VAL C 132 47.11 19.43 -6.67
CA VAL C 132 46.23 18.56 -7.42
C VAL C 132 47.07 17.46 -8.06
N ALA C 133 46.78 16.21 -7.69
CA ALA C 133 47.59 15.07 -8.13
C ALA C 133 46.84 14.08 -9.00
N THR C 134 45.51 14.10 -8.99
CA THR C 134 44.69 13.15 -9.73
C THR C 134 43.53 13.91 -10.36
N GLU C 135 43.13 13.50 -11.56
CA GLU C 135 41.97 14.07 -12.23
C GLU C 135 40.93 12.98 -12.43
N SER C 136 39.70 13.39 -12.67
CA SER C 136 38.64 12.43 -12.96
C SER C 136 37.94 12.86 -14.23
N ALA C 137 37.26 11.89 -14.84
CA ALA C 137 36.59 12.13 -16.10
C ALA C 137 35.11 11.83 -15.94
N GLU C 138 34.28 12.75 -16.37
CA GLU C 138 32.87 12.47 -16.58
C GLU C 138 32.77 11.90 -17.99
N LEU C 139 32.39 10.62 -18.10
CA LEU C 139 32.25 9.94 -19.38
C LEU C 139 30.76 9.78 -19.68
N SER C 140 30.34 10.14 -20.90
CA SER C 140 28.91 10.08 -21.18
C SER C 140 28.68 9.97 -22.68
N GLY C 141 27.50 9.51 -23.05
CA GLY C 141 27.21 9.46 -24.46
C GLY C 141 25.90 8.76 -24.71
N GLN C 142 25.55 8.70 -25.99
CA GLN C 142 24.37 8.00 -26.46
C GLN C 142 24.70 6.52 -26.53
N VAL C 143 23.95 5.68 -25.79
CA VAL C 143 24.32 4.26 -25.73
C VAL C 143 24.29 3.63 -27.12
N ARG C 144 23.44 4.11 -28.03
CA ARG C 144 23.44 3.48 -29.35
C ARG C 144 24.65 3.84 -30.20
N GLU C 145 25.51 4.76 -29.72
CA GLU C 145 26.75 5.12 -30.38
CA GLU C 145 26.74 5.06 -30.43
C GLU C 145 27.96 4.47 -29.72
N LEU C 146 27.75 3.60 -28.75
CA LEU C 146 28.84 3.08 -27.92
C LEU C 146 29.14 1.60 -28.17
N ALA C 147 28.93 1.14 -29.40
CA ALA C 147 29.36 -0.20 -29.76
C ALA C 147 30.86 -0.35 -29.50
N PHE C 148 31.26 -1.57 -29.16
CA PHE C 148 32.67 -1.88 -28.92
C PHE C 148 33.39 -2.25 -30.22
N ARG C 149 34.72 -2.15 -30.18
CA ARG C 149 35.54 -2.67 -31.25
C ARG C 149 35.22 -4.15 -31.48
N PRO C 150 35.33 -4.64 -32.72
CA PRO C 150 34.90 -6.03 -33.00
C PRO C 150 35.72 -7.09 -32.27
N THR C 151 36.94 -6.80 -31.85
CA THR C 151 37.75 -7.79 -31.16
C THR C 151 37.48 -7.86 -29.67
N VAL C 152 36.52 -7.10 -29.14
CA VAL C 152 36.36 -7.03 -27.68
C VAL C 152 35.57 -8.24 -27.21
N ASP C 153 36.21 -9.12 -26.44
CA ASP C 153 35.63 -10.39 -26.03
C ASP C 153 34.78 -10.16 -24.78
N LEU C 154 33.49 -10.51 -24.87
CA LEU C 154 32.59 -10.39 -23.74
C LEU C 154 32.62 -11.61 -22.82
N GLY C 155 33.34 -12.67 -23.20
CA GLY C 155 33.38 -13.89 -22.40
C GLY C 155 32.02 -14.58 -22.29
N ASP C 156 31.96 -15.52 -21.35
CA ASP C 156 30.82 -16.41 -21.19
C ASP C 156 30.07 -16.20 -19.88
N GLY C 157 30.27 -15.06 -19.21
CA GLY C 157 29.64 -14.82 -17.92
C GLY C 157 28.20 -14.37 -18.04
N THR C 158 27.56 -14.22 -16.87
CA THR C 158 26.18 -13.76 -16.79
C THR C 158 26.05 -12.65 -15.75
N LEU C 159 24.99 -11.85 -15.89
CA LEU C 159 24.71 -10.74 -14.98
C LEU C 159 23.45 -11.03 -14.18
N GLU C 160 23.44 -10.57 -12.93
CA GLU C 160 22.24 -10.59 -12.13
C GLU C 160 22.13 -9.26 -11.39
N GLU C 161 20.89 -8.76 -11.27
CA GLU C 161 20.59 -7.63 -10.42
C GLU C 161 20.24 -8.13 -9.03
N VAL C 162 20.88 -7.57 -8.00
CA VAL C 162 20.86 -8.14 -6.67
C VAL C 162 20.55 -7.07 -5.64
N SER C 163 20.18 -7.51 -4.45
CA SER C 163 20.02 -6.61 -3.31
C SER C 163 21.38 -6.07 -2.87
N ALA C 164 21.32 -4.99 -2.08
CA ALA C 164 22.54 -4.47 -1.45
C ALA C 164 23.26 -5.55 -0.66
N GLU C 165 22.51 -6.38 0.06
CA GLU C 165 23.10 -7.43 0.88
C GLU C 165 23.86 -8.43 0.02
N THR C 166 23.25 -8.90 -1.06
CA THR C 166 23.92 -9.84 -1.95
C THR C 166 25.11 -9.20 -2.63
N PHE C 167 24.97 -7.93 -3.04
CA PHE C 167 26.07 -7.20 -3.63
C PHE C 167 27.26 -7.13 -2.67
N LEU C 168 27.01 -6.77 -1.42
CA LEU C 168 28.06 -6.60 -0.43
C LEU C 168 28.72 -7.91 -0.02
N ALA C 169 28.14 -9.05 -0.35
CA ALA C 169 28.79 -10.32 -0.07
C ALA C 169 29.85 -10.68 -1.10
N SER C 170 29.84 -10.02 -2.26
CA SER C 170 30.74 -10.36 -3.35
C SER C 170 31.59 -9.20 -3.85
N ALA C 171 31.05 -7.98 -3.83
CA ALA C 171 31.79 -6.84 -4.37
C ALA C 171 33.07 -6.52 -3.60
N PRO C 172 33.11 -6.56 -2.26
CA PRO C 172 34.36 -6.21 -1.57
C PRO C 172 35.55 -7.06 -2.01
N ALA C 173 35.35 -8.35 -2.24
CA ALA C 173 36.47 -9.19 -2.65
C ALA C 173 36.92 -8.85 -4.07
N ILE C 174 35.98 -8.55 -4.96
CA ILE C 174 36.32 -8.11 -6.31
C ILE C 174 37.12 -6.81 -6.25
N TYR C 175 36.59 -5.84 -5.51
CA TYR C 175 37.24 -4.56 -5.33
C TYR C 175 38.67 -4.71 -4.79
N ASP C 176 38.83 -5.46 -3.70
CA ASP C 176 40.16 -5.68 -3.13
C ASP C 176 41.11 -6.29 -4.15
N ALA C 177 40.61 -7.17 -5.02
CA ALA C 177 41.49 -7.81 -5.98
C ALA C 177 41.92 -6.85 -7.09
N VAL C 178 41.10 -5.85 -7.39
CA VAL C 178 41.38 -4.99 -8.53
C VAL C 178 42.22 -3.78 -8.13
N ILE C 179 41.98 -3.18 -6.96
CA ILE C 179 42.57 -1.85 -6.71
C ILE C 179 44.10 -1.80 -6.59
N PRO C 180 44.84 -2.87 -6.29
CA PRO C 180 46.31 -2.73 -6.33
C PRO C 180 46.83 -2.27 -7.70
N GLY C 181 46.06 -2.45 -8.77
CA GLY C 181 46.45 -1.92 -10.06
C GLY C 181 45.93 -0.53 -10.37
N LEU C 182 45.22 0.12 -9.43
CA LEU C 182 44.60 1.43 -9.65
C LEU C 182 45.04 2.40 -8.56
N PRO C 183 46.24 2.99 -8.70
CA PRO C 183 46.71 3.96 -7.69
C PRO C 183 45.68 5.06 -7.46
N GLY C 184 45.55 5.47 -6.21
CA GLY C 184 44.57 6.46 -5.81
C GLY C 184 43.31 5.86 -5.20
N GLN C 185 42.98 4.62 -5.54
CA GLN C 185 41.87 3.97 -4.88
C GLN C 185 42.18 3.74 -3.40
N MET C 186 41.15 3.75 -2.58
CA MET C 186 41.31 3.58 -1.15
C MET C 186 40.62 2.30 -0.67
N SER C 187 41.18 1.70 0.37
CA SER C 187 40.58 0.53 0.99
C SER C 187 39.16 0.83 1.45
N ARG C 188 38.31 -0.19 1.40
CA ARG C 188 36.94 -0.05 1.87
C ARG C 188 36.65 -1.11 2.93
N THR C 189 36.55 -0.68 4.18
CA THR C 189 35.96 -1.47 5.25
C THR C 189 34.48 -1.66 4.99
N PRO C 190 33.83 -2.59 5.71
CA PRO C 190 32.35 -2.68 5.58
C PRO C 190 31.67 -1.34 5.87
N GLU C 191 32.20 -0.55 6.80
CA GLU C 191 31.58 0.73 7.12
C GLU C 191 31.63 1.68 5.93
N TRP C 192 32.76 1.69 5.21
CA TRP C 192 32.84 2.53 4.02
C TRP C 192 31.93 2.01 2.92
N TRP C 193 31.87 0.68 2.75
CA TRP C 193 30.94 0.11 1.78
C TRP C 193 29.49 0.49 2.09
N ALA C 194 29.14 0.58 3.37
CA ALA C 194 27.77 0.97 3.74
C ALA C 194 27.48 2.40 3.31
N SER C 195 28.44 3.30 3.47
CA SER C 195 28.26 4.67 2.99
C SER C 195 28.19 4.71 1.46
N TRP C 196 29.11 4.03 0.80
CA TRP C 196 29.20 4.08 -0.66
C TRP C 196 27.95 3.53 -1.32
N THR C 197 27.29 2.55 -0.71
CA THR C 197 26.10 1.92 -1.28
C THR C 197 24.81 2.46 -0.69
N LEU C 198 24.87 3.53 0.11
CA LEU C 198 23.67 4.10 0.70
C LEU C 198 22.74 4.61 -0.39
N ASP C 199 21.46 4.26 -0.31
CA ASP C 199 20.45 4.74 -1.27
C ASP C 199 20.03 6.14 -0.85
N SER C 200 20.98 7.07 -0.95
CA SER C 200 20.75 8.41 -0.42
C SER C 200 19.58 9.07 -1.14
N GLU C 201 18.70 9.70 -0.35
CA GLU C 201 17.57 10.41 -0.93
C GLU C 201 18.02 11.55 -1.84
N GLU C 202 19.22 12.08 -1.63
CA GLU C 202 19.74 13.11 -2.52
C GLU C 202 19.82 12.60 -3.95
N LEU C 203 20.54 11.49 -4.15
CA LEU C 203 20.72 10.97 -5.51
C LEU C 203 19.42 10.44 -6.11
N GLN C 204 18.46 10.03 -5.29
CA GLN C 204 17.20 9.50 -5.84
C GLN C 204 16.43 10.61 -6.57
N LYS C 205 16.45 11.82 -6.04
CA LYS C 205 15.74 12.92 -6.67
C LYS C 205 16.30 13.21 -8.06
N GLU C 206 17.62 13.12 -8.21
CA GLU C 206 18.25 13.38 -9.50
C GLU C 206 18.06 12.24 -10.49
N SER C 207 17.80 11.03 -10.02
CA SER C 207 17.68 9.91 -10.95
C SER C 207 16.70 8.85 -10.44
N GLY C 208 17.16 7.94 -9.60
CA GLY C 208 16.31 6.86 -9.15
C GLY C 208 17.00 6.08 -8.05
N LYS C 209 16.33 5.02 -7.60
CA LYS C 209 16.89 4.21 -6.52
C LYS C 209 18.14 3.47 -7.00
N VAL C 210 19.14 3.36 -6.11
CA VAL C 210 20.39 2.71 -6.48
C VAL C 210 20.17 1.23 -6.75
N ARG C 211 20.87 0.70 -7.76
CA ARG C 211 20.76 -0.69 -8.16
C ARG C 211 22.14 -1.33 -8.19
N PHE C 212 22.17 -2.64 -8.01
CA PHE C 212 23.40 -3.41 -7.87
C PHE C 212 23.40 -4.56 -8.87
N VAL C 213 24.53 -4.75 -9.55
CA VAL C 213 24.70 -5.79 -10.56
C VAL C 213 25.93 -6.60 -10.21
N LEU C 214 25.82 -7.92 -10.26
CA LEU C 214 26.96 -8.79 -10.13
C LEU C 214 27.18 -9.55 -11.43
N HIS C 215 28.45 -9.70 -11.82
CA HIS C 215 28.83 -10.50 -12.97
C HIS C 215 29.51 -11.77 -12.49
N TYR C 216 29.02 -12.91 -12.95
CA TYR C 216 29.55 -14.23 -12.57
C TYR C 216 30.22 -14.88 -13.78
N GLU C 217 31.38 -15.49 -13.54
CA GLU C 217 31.97 -16.35 -14.55
C GLU C 217 31.08 -17.56 -14.78
N SER C 218 31.39 -18.32 -15.84
CA SER C 218 30.57 -19.49 -16.15
C SER C 218 30.62 -20.54 -15.05
N ASP C 219 31.67 -20.54 -14.22
CA ASP C 219 31.73 -21.46 -13.09
C ASP C 219 31.06 -20.90 -11.84
N GLY C 220 30.43 -19.73 -11.92
CA GLY C 220 29.71 -19.15 -10.80
C GLY C 220 30.49 -18.14 -9.98
N THR C 221 31.80 -17.98 -10.22
CA THR C 221 32.61 -17.05 -9.44
C THR C 221 32.26 -15.60 -9.79
N ALA C 222 31.96 -14.80 -8.77
CA ALA C 222 31.70 -13.38 -8.98
C ALA C 222 32.98 -12.68 -9.40
N SER C 223 32.96 -12.01 -10.56
CA SER C 223 34.14 -11.38 -11.11
C SER C 223 33.95 -9.94 -11.57
N GLY C 224 32.76 -9.37 -11.41
CA GLY C 224 32.55 -7.98 -11.73
C GLY C 224 31.31 -7.46 -11.05
N PHE C 225 31.20 -6.13 -10.98
CA PHE C 225 29.99 -5.55 -10.43
C PHE C 225 29.76 -4.17 -11.03
N ALA C 226 28.52 -3.69 -10.89
CA ALA C 226 28.15 -2.32 -11.23
C ALA C 226 27.22 -1.77 -10.16
N ILE C 227 27.37 -0.47 -9.89
CA ILE C 227 26.40 0.31 -9.12
C ILE C 227 25.86 1.39 -10.05
N TYR C 228 24.54 1.50 -10.16
CA TYR C 228 23.98 2.52 -11.06
C TYR C 228 22.58 2.92 -10.60
N ARG C 229 22.11 4.04 -11.16
CA ARG C 229 20.76 4.56 -10.90
C ARG C 229 20.08 4.85 -12.23
N PRO C 230 18.86 4.38 -12.44
CA PRO C 230 18.12 4.75 -13.66
C PRO C 230 17.36 6.06 -13.48
N LYS C 231 17.27 6.79 -14.58
CA LYS C 231 16.48 8.02 -14.64
C LYS C 231 15.54 7.88 -15.83
N PRO C 232 14.28 7.52 -15.61
CA PRO C 232 13.36 7.31 -16.73
C PRO C 232 13.09 8.63 -17.45
N GLY C 233 12.68 8.51 -18.71
CA GLY C 233 12.42 9.69 -19.51
C GLY C 233 11.84 9.32 -20.85
N TRP C 234 11.17 10.29 -21.46
CA TRP C 234 10.54 10.12 -22.76
C TRP C 234 10.76 11.37 -23.60
N GLY C 235 11.04 11.18 -24.88
CA GLY C 235 11.20 12.27 -25.81
C GLY C 235 10.07 12.34 -26.82
N ASP C 236 10.25 13.20 -27.82
CA ASP C 236 9.22 13.40 -28.83
C ASP C 236 9.06 12.21 -29.77
N ALA C 237 10.01 11.27 -29.79
CA ALA C 237 9.97 10.17 -30.73
C ALA C 237 10.19 8.81 -30.09
N GLY C 238 10.12 8.72 -28.77
CA GLY C 238 10.32 7.46 -28.09
C GLY C 238 10.94 7.63 -26.72
N PRO C 239 11.40 6.52 -26.13
CA PRO C 239 12.00 6.57 -24.79
C PRO C 239 13.32 7.32 -24.78
N ASN C 240 13.66 7.83 -23.60
CA ASN C 240 14.88 8.61 -23.47
C ASN C 240 15.46 8.48 -22.07
N ALA C 241 15.48 7.27 -21.53
CA ALA C 241 16.00 7.07 -20.19
C ALA C 241 17.53 7.26 -20.16
N GLU C 242 18.02 7.59 -18.96
CA GLU C 242 19.45 7.77 -18.73
CA GLU C 242 19.45 7.78 -18.72
C GLU C 242 19.90 6.85 -17.60
N LEU C 243 21.10 6.29 -17.74
CA LEU C 243 21.72 5.47 -16.70
C LEU C 243 22.82 6.31 -16.09
N HIS C 244 22.78 6.48 -14.77
CA HIS C 244 23.82 7.21 -14.04
C HIS C 244 24.66 6.18 -13.29
N VAL C 245 25.85 5.94 -13.79
CA VAL C 245 26.69 4.84 -13.33
C VAL C 245 27.61 5.37 -12.23
N GLN C 246 27.63 4.69 -11.08
CA GLN C 246 28.46 5.09 -9.96
C GLN C 246 29.80 4.35 -9.97
N GLU C 247 29.80 3.08 -10.36
CA GLU C 247 31.04 2.30 -10.37
C GLU C 247 30.82 1.05 -11.20
N VAL C 248 31.86 0.67 -11.96
CA VAL C 248 31.92 -0.63 -12.65
C VAL C 248 33.33 -1.15 -12.49
N LEU C 249 33.48 -2.39 -12.03
CA LEU C 249 34.79 -3.03 -11.92
C LEU C 249 34.70 -4.49 -12.32
N GLY C 250 35.79 -5.02 -12.83
CA GLY C 250 35.88 -6.44 -13.14
C GLY C 250 37.29 -6.93 -12.94
N THR C 251 37.41 -8.17 -12.49
CA THR C 251 38.73 -8.77 -12.26
C THR C 251 39.41 -9.20 -13.55
N ASN C 252 38.72 -9.22 -14.68
CA ASN C 252 39.33 -9.57 -15.95
C ASN C 252 38.66 -8.75 -17.04
N PRO C 253 39.26 -8.70 -18.25
CA PRO C 253 38.71 -7.82 -19.30
C PRO C 253 37.33 -8.22 -19.77
N ARG C 254 37.00 -9.51 -19.73
CA ARG C 254 35.70 -9.96 -20.20
C ARG C 254 34.60 -9.53 -19.24
N SER C 255 34.81 -9.68 -17.94
CA SER C 255 33.77 -9.29 -16.99
C SER C 255 33.57 -7.77 -17.03
N TYR C 256 34.65 -7.01 -17.17
CA TYR C 256 34.50 -5.56 -17.28
C TYR C 256 33.69 -5.21 -18.52
N ALA C 257 34.10 -5.73 -19.68
CA ALA C 257 33.40 -5.42 -20.93
C ALA C 257 31.96 -5.88 -20.91
N ARG C 258 31.71 -7.10 -20.42
N ARG C 258 31.71 -7.09 -20.41
CA ARG C 258 30.36 -7.64 -20.41
CA ARG C 258 30.36 -7.64 -20.41
C ARG C 258 29.44 -6.84 -19.48
C ARG C 258 29.44 -6.86 -19.48
N THR C 259 29.95 -6.43 -18.32
CA THR C 259 29.15 -5.62 -17.41
C THR C 259 28.78 -4.29 -18.05
N TRP C 260 29.74 -3.62 -18.69
CA TRP C 260 29.43 -2.39 -19.42
C TRP C 260 28.40 -2.65 -20.53
N ARG C 261 28.61 -3.71 -21.30
CA ARG C 261 27.69 -4.02 -22.40
C ARG C 261 26.28 -4.25 -21.88
N TYR C 262 26.17 -4.87 -20.69
CA TYR C 262 24.87 -5.08 -20.06
C TYR C 262 24.16 -3.75 -19.81
N LEU C 263 24.88 -2.75 -19.29
CA LEU C 263 24.29 -1.44 -19.08
C LEU C 263 23.94 -0.79 -20.41
N LEU C 264 24.88 -0.81 -21.35
CA LEU C 264 24.70 -0.09 -22.61
C LEU C 264 23.55 -0.64 -23.45
N ASP C 265 23.18 -1.90 -23.28
CA ASP C 265 22.13 -2.52 -24.11
C ASP C 265 20.76 -2.50 -23.47
N MET C 266 20.62 -1.88 -22.30
CA MET C 266 19.35 -1.84 -21.59
C MET C 266 18.28 -1.14 -22.42
N ASP C 267 17.08 -1.74 -22.46
CA ASP C 267 15.98 -1.16 -23.23
C ASP C 267 15.48 0.13 -22.58
N LEU C 268 14.96 1.03 -23.42
CA LEU C 268 14.39 2.34 -23.07
C LEU C 268 15.47 3.38 -22.81
N VAL C 269 16.69 2.93 -22.53
CA VAL C 269 17.83 3.81 -22.28
C VAL C 269 18.32 4.40 -23.59
N ARG C 270 18.65 5.69 -23.57
CA ARG C 270 19.36 6.32 -24.67
C ARG C 270 20.66 6.99 -24.26
N LYS C 271 20.84 7.31 -22.98
CA LYS C 271 22.02 8.03 -22.50
C LYS C 271 22.62 7.32 -21.30
N ILE C 272 23.94 7.41 -21.18
CA ILE C 272 24.64 6.87 -20.02
C ILE C 272 25.63 7.93 -19.56
N LYS C 273 25.81 8.04 -18.25
CA LYS C 273 26.79 8.96 -17.69
C LYS C 273 27.53 8.26 -16.57
N TYR C 274 28.86 8.34 -16.59
CA TYR C 274 29.72 7.75 -15.57
C TYR C 274 30.53 8.89 -14.98
N HIS C 275 30.14 9.33 -13.79
CA HIS C 275 30.84 10.39 -13.08
CA HIS C 275 30.85 10.40 -13.09
C HIS C 275 32.01 9.81 -12.30
N GLY C 276 33.11 10.53 -12.27
CA GLY C 276 34.26 10.08 -11.51
C GLY C 276 35.02 8.92 -12.10
N ALA C 277 35.03 8.78 -13.42
CA ALA C 277 35.81 7.71 -14.03
C ALA C 277 37.29 8.09 -14.09
N SER C 278 38.11 7.13 -14.52
CA SER C 278 39.51 7.44 -14.73
C SER C 278 39.66 8.18 -16.05
N VAL C 279 40.65 9.07 -16.12
CA VAL C 279 40.96 9.69 -17.40
C VAL C 279 41.53 8.68 -18.39
N GLN C 280 41.94 7.52 -17.90
CA GLN C 280 42.35 6.40 -18.75
C GLN C 280 41.45 5.19 -18.52
N GLU C 281 40.16 5.43 -18.26
CA GLU C 281 39.21 4.34 -18.05
C GLU C 281 39.22 3.39 -19.25
N GLU C 282 39.24 2.07 -18.98
CA GLU C 282 39.36 1.11 -20.09
C GLU C 282 38.23 1.29 -21.09
N LEU C 283 37.04 1.65 -20.61
CA LEU C 283 35.89 1.86 -21.50
C LEU C 283 36.22 2.83 -22.64
N ARG C 284 37.07 3.84 -22.35
CA ARG C 284 37.40 4.82 -23.38
C ARG C 284 38.02 4.17 -24.61
N TYR C 285 38.73 3.06 -24.44
CA TYR C 285 39.42 2.41 -25.53
C TYR C 285 38.65 1.20 -26.07
N LEU C 286 37.65 0.73 -25.34
CA LEU C 286 36.83 -0.36 -25.87
C LEU C 286 35.90 0.11 -26.97
N VAL C 287 35.47 1.38 -26.94
CA VAL C 287 34.41 1.80 -27.87
C VAL C 287 34.99 1.93 -29.27
N ALA C 288 34.18 1.53 -30.26
CA ALA C 288 34.65 1.54 -31.65
C ALA C 288 34.84 2.97 -32.15
N ASN C 289 34.05 3.91 -31.67
CA ASN C 289 34.14 5.31 -32.10
C ASN C 289 34.52 6.17 -30.91
N HIS C 290 35.82 6.47 -30.80
CA HIS C 290 36.42 7.21 -29.69
C HIS C 290 35.55 8.36 -29.19
N PRO C 291 35.15 9.33 -30.03
CA PRO C 291 34.47 10.52 -29.48
C PRO C 291 33.02 10.30 -29.09
N SER C 292 32.42 9.14 -29.43
CA SER C 292 31.05 8.89 -28.98
C SER C 292 30.97 8.86 -27.46
N LEU C 293 32.06 8.54 -26.78
CA LEU C 293 32.11 8.64 -25.33
C LEU C 293 32.73 10.00 -25.01
N GLU C 294 31.88 10.98 -24.69
CA GLU C 294 32.36 12.30 -24.33
C GLU C 294 33.16 12.24 -23.02
N CYS C 295 34.17 13.10 -22.91
CA CYS C 295 35.11 13.05 -21.80
C CYS C 295 35.36 14.46 -21.29
N VAL C 296 34.89 14.77 -20.08
CA VAL C 296 35.10 16.07 -19.45
C VAL C 296 35.98 15.85 -18.22
N VAL C 297 37.14 16.53 -18.18
CA VAL C 297 38.18 16.25 -17.20
C VAL C 297 38.25 17.38 -16.19
N SER C 298 38.38 17.03 -14.90
CA SER C 298 38.54 18.03 -13.85
C SER C 298 39.43 17.47 -12.75
N ASP C 299 39.77 18.35 -11.81
CA ASP C 299 40.58 17.95 -10.67
C ASP C 299 39.81 16.95 -9.80
N ALA C 300 40.56 16.01 -9.21
CA ALA C 300 39.96 15.10 -8.25
C ALA C 300 40.69 15.24 -6.91
N ILE C 301 41.73 14.46 -6.70
CA ILE C 301 42.41 14.42 -5.40
C ILE C 301 43.60 15.38 -5.37
N GLN C 302 43.74 16.11 -4.26
CA GLN C 302 44.95 16.84 -3.94
C GLN C 302 45.74 16.07 -2.88
N VAL C 303 47.06 16.12 -2.98
CA VAL C 303 47.96 15.40 -2.09
C VAL C 303 48.74 16.44 -1.29
N ARG C 304 48.82 16.24 0.02
CA ARG C 304 49.73 17.00 0.88
C ARG C 304 50.74 16.01 1.44
N LEU C 305 51.99 16.10 1.00
CA LEU C 305 53.04 15.27 1.60
C LEU C 305 53.38 15.81 2.99
N VAL C 306 53.34 14.93 3.98
CA VAL C 306 53.58 15.30 5.37
C VAL C 306 54.90 14.74 5.90
N ASP C 307 55.31 13.57 5.43
CA ASP C 307 56.63 13.01 5.72
C ASP C 307 57.25 12.76 4.35
N ILE C 308 58.04 13.72 3.87
CA ILE C 308 58.51 13.66 2.49
C ILE C 308 59.34 12.42 2.20
N PRO C 309 60.41 12.12 2.96
CA PRO C 309 61.21 10.94 2.60
C PRO C 309 60.46 9.63 2.78
N ARG C 310 59.53 9.56 3.73
CA ARG C 310 58.78 8.32 3.88
C ARG C 310 57.80 8.14 2.72
N ALA C 311 57.10 9.19 2.35
CA ALA C 311 56.16 9.10 1.23
C ALA C 311 56.86 8.75 -0.07
N LEU C 312 57.98 9.41 -0.35
CA LEU C 312 58.71 9.10 -1.58
C LEU C 312 59.25 7.67 -1.57
N ALA C 313 59.56 7.12 -0.39
CA ALA C 313 60.05 5.75 -0.30
C ALA C 313 58.94 4.69 -0.32
N GLN C 314 57.68 5.08 -0.11
CA GLN C 314 56.58 4.12 -0.05
C GLN C 314 56.01 3.75 -1.41
N ARG C 315 56.12 4.60 -2.41
CA ARG C 315 55.67 4.22 -3.73
C ARG C 315 56.82 3.60 -4.52
N ARG C 316 56.50 3.08 -5.70
CA ARG C 316 57.49 2.61 -6.63
C ARG C 316 57.47 3.50 -7.87
N TYR C 317 58.58 3.46 -8.61
CA TYR C 317 58.82 4.36 -9.71
C TYR C 317 58.82 3.60 -11.02
N ALA C 318 58.32 4.26 -12.06
CA ALA C 318 58.10 3.55 -13.33
C ALA C 318 59.41 3.21 -14.03
N ALA C 319 60.49 3.91 -13.68
CA ALA C 319 61.81 3.62 -14.21
C ALA C 319 62.82 4.09 -13.18
N ASP C 320 64.10 3.78 -13.41
CA ASP C 320 65.12 4.12 -12.43
C ASP C 320 65.30 5.63 -12.34
N VAL C 321 65.51 6.11 -11.12
CA VAL C 321 65.75 7.53 -10.87
C VAL C 321 66.75 7.66 -9.74
N ASP C 322 67.64 8.64 -9.86
CA ASP C 322 68.57 9.01 -8.80
C ASP C 322 68.71 10.52 -8.89
N VAL C 323 67.96 11.24 -8.07
CA VAL C 323 67.77 12.67 -8.27
C VAL C 323 67.80 13.35 -6.90
N VAL C 324 68.38 14.54 -6.84
CA VAL C 324 68.38 15.35 -5.64
C VAL C 324 67.36 16.47 -5.82
N LEU C 325 66.37 16.52 -4.92
CA LEU C 325 65.26 17.46 -4.95
C LEU C 325 65.45 18.51 -3.88
N GLU C 326 65.52 19.78 -4.29
CA GLU C 326 65.53 20.89 -3.34
C GLU C 326 64.09 21.32 -3.13
N VAL C 327 63.50 20.90 -2.01
CA VAL C 327 62.08 21.11 -1.76
C VAL C 327 61.88 22.31 -0.84
N THR C 328 61.00 23.22 -1.24
CA THR C 328 60.58 24.35 -0.41
C THR C 328 59.16 24.11 0.06
N ASP C 329 58.95 24.08 1.37
CA ASP C 329 57.64 23.87 1.98
C ASP C 329 57.27 25.16 2.71
N ASP C 330 56.55 26.06 2.02
CA ASP C 330 56.25 27.38 2.58
C ASP C 330 55.44 27.28 3.87
N PHE C 331 54.39 26.46 3.86
CA PHE C 331 53.47 26.43 5.00
C PHE C 331 54.05 25.67 6.19
N LEU C 332 54.85 24.63 5.93
CA LEU C 332 55.48 23.82 6.97
C LEU C 332 56.97 23.80 6.70
N PRO C 333 57.69 24.89 7.00
CA PRO C 333 59.10 24.97 6.61
C PRO C 333 60.00 23.93 7.27
N GLU C 334 59.51 23.20 8.29
CA GLU C 334 60.30 22.10 8.83
C GLU C 334 60.60 21.04 7.78
N ASN C 335 59.80 20.95 6.72
CA ASN C 335 60.03 19.98 5.66
C ASN C 335 60.95 20.50 4.55
N SER C 336 61.23 21.79 4.51
CA SER C 336 62.14 22.29 3.48
C SER C 336 63.48 21.60 3.62
N GLY C 337 64.05 21.19 2.50
CA GLY C 337 65.33 20.53 2.56
C GLY C 337 65.70 19.94 1.22
N ARG C 338 66.89 19.36 1.19
CA ARG C 338 67.42 18.74 -0.01
C ARG C 338 67.34 17.22 0.18
N TYR C 339 66.59 16.53 -0.69
CA TYR C 339 66.36 15.10 -0.56
C TYR C 339 66.92 14.36 -1.76
N ARG C 340 67.65 13.27 -1.52
CA ARG C 340 68.09 12.39 -2.60
C ARG C 340 67.13 11.22 -2.70
N LEU C 341 66.49 11.09 -3.86
CA LEU C 341 65.54 10.01 -4.14
C LEU C 341 66.20 9.01 -5.08
N ARG C 342 66.28 7.76 -4.65
CA ARG C 342 66.73 6.67 -5.50
C ARG C 342 65.60 5.66 -5.57
N GLY C 343 65.15 5.36 -6.77
CA GLY C 343 63.99 4.49 -6.87
C GLY C 343 63.91 3.84 -8.23
N GLY C 344 62.92 2.96 -8.32
CA GLY C 344 62.71 2.20 -9.54
C GLY C 344 61.53 1.29 -9.32
N LEU C 345 61.38 0.29 -10.19
CA LEU C 345 60.22 -0.59 -10.05
C LEU C 345 60.29 -1.43 -8.79
N ASP C 346 61.49 -1.76 -8.32
CA ASP C 346 61.65 -2.72 -7.23
C ASP C 346 62.29 -2.12 -5.97
N HIS C 347 62.40 -0.80 -5.87
CA HIS C 347 63.03 -0.19 -4.70
C HIS C 347 62.69 1.29 -4.65
N ALA C 348 62.84 1.87 -3.46
CA ALA C 348 62.77 3.32 -3.30
C ALA C 348 63.36 3.70 -1.95
N SER C 349 64.20 4.73 -1.96
CA SER C 349 64.74 5.28 -0.73
C SER C 349 64.84 6.80 -0.89
N CYS C 350 64.75 7.50 0.22
CA CYS C 350 64.85 8.94 0.15
C CYS C 350 65.40 9.44 1.48
N GLU C 351 66.37 10.35 1.44
CA GLU C 351 66.91 10.91 2.67
C GLU C 351 67.51 12.29 2.38
N ILE C 352 67.63 13.09 3.45
CA ILE C 352 68.34 14.37 3.36
C ILE C 352 69.74 14.14 2.83
N THR C 353 70.23 15.07 2.01
CA THR C 353 71.55 14.98 1.40
C THR C 353 72.15 16.38 1.30
N THR C 354 73.49 16.44 1.29
CA THR C 354 74.17 17.69 1.01
C THR C 354 74.68 17.76 -0.43
N ASP C 355 74.46 16.71 -1.23
CA ASP C 355 74.87 16.73 -2.63
C ASP C 355 74.18 17.89 -3.36
N ASP C 356 74.75 18.27 -4.51
CA ASP C 356 74.17 19.33 -5.33
C ASP C 356 72.76 18.95 -5.76
N ALA C 357 71.85 19.92 -5.75
CA ALA C 357 70.47 19.66 -6.17
C ALA C 357 70.35 19.63 -7.69
N ASP C 358 69.43 18.78 -8.18
CA ASP C 358 69.12 18.66 -9.60
C ASP C 358 67.85 19.38 -10.02
N ILE C 359 66.88 19.49 -9.12
CA ILE C 359 65.57 20.07 -9.41
C ILE C 359 65.14 20.84 -8.16
N ALA C 360 64.59 22.04 -8.34
CA ALA C 360 64.00 22.80 -7.25
C ALA C 360 62.49 22.87 -7.45
N LEU C 361 61.73 22.56 -6.41
CA LEU C 361 60.28 22.61 -6.51
C LEU C 361 59.66 22.82 -5.13
N THR C 362 58.41 23.28 -5.13
CA THR C 362 57.67 23.43 -3.89
C THR C 362 57.05 22.09 -3.49
N VAL C 363 56.70 21.98 -2.21
CA VAL C 363 56.07 20.74 -1.76
C VAL C 363 54.73 20.52 -2.44
N ARG C 364 53.99 21.59 -2.79
CA ARG C 364 52.72 21.34 -3.45
C ARG C 364 52.91 20.72 -4.82
N ASP C 365 53.96 21.13 -5.56
CA ASP C 365 54.17 20.53 -6.87
C ASP C 365 54.75 19.13 -6.76
N LEU C 366 55.53 18.85 -5.70
CA LEU C 366 55.94 17.48 -5.43
C LEU C 366 54.73 16.60 -5.13
N GLY C 367 53.76 17.13 -4.38
CA GLY C 367 52.53 16.41 -4.18
C GLY C 367 51.78 16.19 -5.48
N SER C 368 51.78 17.21 -6.36
CA SER C 368 51.07 17.08 -7.64
C SER C 368 51.62 15.95 -8.51
N VAL C 369 52.93 15.71 -8.51
CA VAL C 369 53.47 14.65 -9.37
C VAL C 369 53.54 13.30 -8.66
N TYR C 370 53.19 13.25 -7.38
CA TYR C 370 53.43 12.09 -6.52
C TYR C 370 52.65 10.85 -6.96
N MET C 371 51.48 11.02 -7.57
CA MET C 371 50.63 9.89 -7.91
C MET C 371 50.72 9.51 -9.38
N GLY C 372 51.64 10.12 -10.14
CA GLY C 372 51.77 9.85 -11.55
C GLY C 372 50.71 10.46 -12.43
N GLY C 373 49.97 11.46 -11.94
CA GLY C 373 48.87 12.04 -12.70
C GLY C 373 49.14 13.40 -13.33
N VAL C 374 50.29 13.99 -12.97
CA VAL C 374 50.75 15.29 -13.47
C VAL C 374 52.23 15.13 -13.78
N SER C 375 52.67 15.62 -14.94
CA SER C 375 54.04 15.41 -15.39
C SER C 375 54.96 16.46 -14.81
N LEU C 376 56.02 16.01 -14.13
CA LEU C 376 57.01 16.94 -13.62
C LEU C 376 57.63 17.74 -14.76
N GLN C 377 57.71 17.15 -15.95
CA GLN C 377 58.32 17.84 -17.08
C GLN C 377 57.43 18.97 -17.56
N VAL C 378 56.11 18.75 -17.57
CA VAL C 378 55.21 19.83 -17.97
C VAL C 378 55.27 20.95 -16.94
N LEU C 379 55.37 20.61 -15.65
CA LEU C 379 55.46 21.65 -14.63
C LEU C 379 56.74 22.47 -14.79
N ALA C 380 57.84 21.82 -15.19
CA ALA C 380 59.06 22.57 -15.48
C ALA C 380 58.92 23.43 -16.73
N SER C 381 58.30 22.89 -17.79
CA SER C 381 58.07 23.71 -18.98
C SER C 381 57.18 24.90 -18.66
N ALA C 382 56.25 24.73 -17.71
CA ALA C 382 55.38 25.81 -17.27
C ALA C 382 56.08 26.83 -16.39
N GLY C 383 57.30 26.53 -15.93
CA GLY C 383 58.06 27.44 -15.08
C GLY C 383 57.79 27.27 -13.60
N LEU C 384 56.98 26.28 -13.22
CA LEU C 384 56.64 26.08 -11.82
C LEU C 384 57.74 25.32 -11.09
N VAL C 385 58.50 24.51 -11.82
CA VAL C 385 59.58 23.67 -11.31
C VAL C 385 60.85 24.10 -12.03
N THR C 386 61.98 24.14 -11.34
CA THR C 386 63.24 24.59 -11.94
C THR C 386 64.22 23.43 -12.09
N GLU C 387 64.75 23.26 -13.29
CA GLU C 387 65.81 22.28 -13.51
C GLU C 387 67.16 22.93 -13.24
N LEU C 388 67.97 22.28 -12.39
CA LEU C 388 69.31 22.76 -12.10
C LEU C 388 70.39 21.94 -12.76
N ARG C 389 70.06 20.73 -13.23
CA ARG C 389 71.01 19.88 -13.93
CA ARG C 389 71.01 19.85 -13.91
C ARG C 389 70.32 19.29 -15.14
N ALA C 390 70.84 19.59 -16.33
CA ALA C 390 70.21 19.15 -17.57
C ALA C 390 70.02 17.64 -17.59
N GLY C 391 68.86 17.21 -18.07
CA GLY C 391 68.53 15.81 -18.13
C GLY C 391 67.82 15.27 -16.91
N ALA C 392 67.86 15.99 -15.79
CA ALA C 392 67.32 15.45 -14.54
C ALA C 392 65.80 15.44 -14.53
N VAL C 393 65.18 16.50 -15.05
CA VAL C 393 63.71 16.55 -15.00
C VAL C 393 63.11 15.46 -15.88
N GLN C 394 63.68 15.25 -17.08
CA GLN C 394 63.19 14.22 -17.98
C GLN C 394 63.13 12.86 -17.29
N ARG C 395 64.24 12.47 -16.64
CA ARG C 395 64.32 11.18 -16.00
C ARG C 395 63.45 11.09 -14.75
N ALA C 396 63.41 12.15 -13.95
CA ALA C 396 62.55 12.14 -12.77
C ALA C 396 61.08 12.15 -13.17
N ALA C 397 60.73 12.87 -14.23
CA ALA C 397 59.34 12.92 -14.67
C ALA C 397 58.84 11.53 -15.05
N THR C 398 59.65 10.79 -15.81
CA THR C 398 59.25 9.44 -16.20
C THR C 398 59.15 8.53 -14.98
N ALA C 399 60.10 8.66 -14.04
CA ALA C 399 60.05 7.83 -12.83
C ALA C 399 58.80 8.11 -11.99
N PHE C 400 58.44 9.38 -11.84
CA PHE C 400 57.26 9.70 -11.04
C PHE C 400 55.97 9.33 -11.76
N GLY C 401 56.04 9.12 -13.07
CA GLY C 401 54.88 8.64 -13.81
C GLY C 401 54.54 7.20 -13.45
N TRP C 402 53.52 6.69 -14.14
CA TRP C 402 53.09 5.32 -13.93
C TRP C 402 52.25 4.89 -15.12
N PRO C 403 52.34 3.62 -15.56
CA PRO C 403 51.60 3.21 -16.77
C PRO C 403 50.11 3.23 -16.60
N VAL C 404 49.61 3.39 -15.39
CA VAL C 404 48.17 3.53 -15.13
C VAL C 404 47.98 4.83 -14.37
N ALA C 405 47.26 5.76 -15.00
CA ALA C 405 46.95 7.02 -14.34
C ALA C 405 46.26 6.78 -12.99
N PRO C 406 46.52 7.62 -12.01
CA PRO C 406 45.78 7.53 -10.75
C PRO C 406 44.33 7.94 -10.99
N SER C 407 43.45 7.47 -10.11
CA SER C 407 42.03 7.73 -10.29
C SER C 407 41.40 8.07 -8.94
N ALA C 408 40.20 8.67 -9.00
CA ALA C 408 39.57 9.18 -7.79
C ALA C 408 39.01 8.03 -6.95
N PRO C 409 39.18 8.09 -5.63
CA PRO C 409 38.58 7.10 -4.73
C PRO C 409 37.10 7.43 -4.52
N ASP C 410 36.41 6.59 -3.75
CA ASP C 410 35.04 6.91 -3.38
C ASP C 410 35.01 8.21 -2.56
N ASP C 411 33.86 8.91 -2.63
CA ASP C 411 33.70 10.26 -2.12
C ASP C 411 33.99 10.38 -0.63
N PHE C 412 34.67 11.45 -0.24
CA PHE C 412 34.76 11.80 1.17
C PHE C 412 35.00 13.29 1.32
N LEU D 5 20.60 3.77 21.16
CA LEU D 5 19.21 4.12 20.92
C LEU D 5 19.02 5.63 20.85
N THR D 6 18.24 6.09 19.87
CA THR D 6 17.94 7.50 19.68
C THR D 6 16.45 7.72 19.94
N LEU D 7 16.13 8.63 20.86
CA LEU D 7 14.75 9.05 21.07
C LEU D 7 14.44 10.17 20.06
N ARG D 8 13.59 9.89 19.08
CA ARG D 8 13.28 10.89 18.07
C ARG D 8 11.84 10.75 17.61
N THR D 9 11.40 11.68 16.78
CA THR D 9 10.09 11.62 16.17
C THR D 9 10.20 11.06 14.75
N ILE D 10 9.03 10.80 14.15
CA ILE D 10 9.00 10.32 12.78
C ILE D 10 9.47 11.44 11.86
N ALA D 11 10.33 11.09 10.90
CA ALA D 11 10.98 12.09 10.07
C ALA D 11 10.38 12.23 8.67
N ASP D 12 9.78 11.18 8.12
CA ASP D 12 9.25 11.22 6.76
C ASP D 12 8.21 10.11 6.61
N GLU D 13 7.74 9.92 5.37
CA GLU D 13 6.66 8.96 5.12
C GLU D 13 7.14 7.52 5.20
N ASP D 14 8.31 7.21 4.65
CA ASP D 14 8.83 5.85 4.78
C ASP D 14 9.13 5.53 6.24
N ASP D 15 9.60 6.53 6.98
CA ASP D 15 9.86 6.38 8.40
C ASP D 15 8.55 6.13 9.15
N TYR D 16 7.47 6.78 8.71
CA TYR D 16 6.15 6.52 9.27
C TYR D 16 5.75 5.06 9.05
N GLU D 17 5.93 4.56 7.82
CA GLU D 17 5.58 3.17 7.53
C GLU D 17 6.34 2.21 8.42
N SER D 18 7.65 2.46 8.59
CA SER D 18 8.50 1.58 9.38
C SER D 18 8.12 1.62 10.85
N TYR D 19 7.74 2.80 11.34
CA TYR D 19 7.32 2.98 12.73
C TYR D 19 6.04 2.21 13.01
N MET D 20 5.03 2.38 12.15
CA MET D 20 3.78 1.63 12.32
C MET D 20 3.99 0.13 12.16
N ALA D 21 4.90 -0.28 11.26
CA ALA D 21 5.17 -1.71 11.12
C ALA D 21 5.73 -2.29 12.41
N SER D 22 6.66 -1.59 13.07
CA SER D 22 7.20 -2.10 14.32
C SER D 22 6.12 -2.15 15.39
N ALA D 23 5.20 -1.18 15.39
CA ALA D 23 4.14 -1.18 16.39
C ALA D 23 3.19 -2.35 16.18
N TYR D 24 2.73 -2.55 14.94
CA TYR D 24 1.92 -3.73 14.65
C TYR D 24 2.65 -5.01 15.04
N SER D 25 3.96 -5.06 14.80
CA SER D 25 4.70 -6.28 15.10
C SER D 25 4.68 -6.60 16.58
N VAL D 26 4.83 -5.57 17.43
CA VAL D 26 4.74 -5.80 18.86
C VAL D 26 3.36 -6.32 19.24
N PHE D 27 2.33 -5.81 18.57
CA PHE D 27 0.99 -6.34 18.81
C PHE D 27 0.76 -7.70 18.16
N LEU D 28 1.80 -8.31 17.59
CA LEU D 28 1.73 -9.65 17.01
C LEU D 28 0.79 -9.72 15.80
N ARG D 29 0.59 -8.60 15.11
N ARG D 29 0.59 -8.60 15.11
CA ARG D 29 -0.28 -8.52 13.94
CA ARG D 29 -0.28 -8.52 13.94
C ARG D 29 0.52 -8.09 12.72
C ARG D 29 0.52 -8.09 12.72
N ASP D 30 0.04 -8.49 11.54
CA ASP D 30 0.58 -7.95 10.31
C ASP D 30 0.11 -6.50 10.17
N PRO D 31 0.95 -5.60 9.65
CA PRO D 31 0.52 -4.21 9.43
C PRO D 31 -0.71 -4.18 8.53
N GLN D 32 -1.71 -3.39 8.92
CA GLN D 32 -2.93 -3.23 8.14
C GLN D 32 -2.77 -1.99 7.27
N LYS D 33 -2.56 -2.19 5.97
CA LYS D 33 -2.28 -1.07 5.08
C LYS D 33 -3.44 -0.07 5.05
N ASP D 34 -4.68 -0.56 5.01
CA ASP D 34 -5.81 0.35 4.92
C ASP D 34 -5.89 1.25 6.15
N GLU D 35 -5.70 0.68 7.34
CA GLU D 35 -5.74 1.50 8.56
C GLU D 35 -4.58 2.47 8.62
N ILE D 36 -3.36 2.01 8.29
CA ILE D 36 -2.19 2.88 8.36
C ILE D 36 -2.33 4.05 7.40
N GLU D 37 -2.96 3.82 6.25
CA GLU D 37 -3.11 4.87 5.25
C GLU D 37 -4.11 5.93 5.72
N VAL D 38 -5.27 5.50 6.21
CA VAL D 38 -6.30 6.47 6.58
C VAL D 38 -5.89 7.25 7.83
N ASN D 39 -5.32 6.56 8.82
CA ASN D 39 -4.93 7.25 10.05
C ASN D 39 -3.78 8.22 9.84
N ARG D 40 -2.97 8.02 8.80
CA ARG D 40 -1.91 8.98 8.51
C ARG D 40 -2.46 10.39 8.38
N LYS D 41 -3.68 10.54 7.87
CA LYS D 41 -4.21 11.86 7.53
C LYS D 41 -4.59 12.71 8.74
N PHE D 42 -4.64 12.13 9.96
CA PHE D 42 -4.78 12.93 11.17
C PHE D 42 -3.61 12.72 12.11
N THR D 43 -2.52 12.17 11.61
CA THR D 43 -1.31 11.97 12.39
C THR D 43 -0.37 13.16 12.20
N GLU D 44 0.18 13.66 13.30
CA GLU D 44 1.21 14.69 13.25
C GLU D 44 2.52 14.00 13.60
N LEU D 45 3.44 13.95 12.63
CA LEU D 45 4.69 13.20 12.83
C LEU D 45 5.45 13.69 14.04
N ASP D 46 5.40 14.99 14.33
CA ASP D 46 6.16 15.49 15.48
C ASP D 46 5.58 15.05 16.81
N ARG D 47 4.36 14.50 16.84
CA ARG D 47 3.79 13.94 18.06
C ARG D 47 4.05 12.44 18.21
N MET D 48 4.69 11.82 17.23
CA MET D 48 4.96 10.38 17.26
C MET D 48 6.44 10.21 17.58
N ILE D 49 6.74 9.81 18.81
CA ILE D 49 8.11 9.60 19.26
C ILE D 49 8.37 8.11 19.40
N GLY D 50 9.63 7.78 19.65
CA GLY D 50 10.03 6.40 19.82
C GLY D 50 11.52 6.31 19.95
N PHE D 51 12.00 5.08 20.11
CA PHE D 51 13.42 4.77 20.12
C PHE D 51 13.78 3.98 18.87
N HIS D 52 14.90 4.34 18.26
CA HIS D 52 15.38 3.75 17.03
C HIS D 52 16.82 3.31 17.26
N ASP D 53 17.16 2.08 16.88
CA ASP D 53 18.49 1.54 17.16
C ASP D 53 19.45 1.70 15.99
N GLY D 54 19.10 2.50 14.98
CA GLY D 54 19.91 2.61 13.78
C GLY D 54 19.35 1.80 12.63
N LYS D 55 18.94 0.57 12.92
CA LYS D 55 18.38 -0.32 11.92
C LYS D 55 16.85 -0.35 11.91
N LYS D 56 16.19 -0.14 13.05
CA LYS D 56 14.73 -0.19 13.10
C LYS D 56 14.23 0.51 14.36
N TRP D 57 12.93 0.79 14.38
CA TRP D 57 12.28 1.28 15.58
C TRP D 57 12.15 0.14 16.58
N VAL D 58 12.56 0.39 17.83
CA VAL D 58 12.42 -0.60 18.90
C VAL D 58 11.46 -0.14 20.00
N ALA D 59 10.87 1.05 19.86
CA ALA D 59 9.84 1.52 20.77
C ALA D 59 9.10 2.66 20.11
N THR D 60 7.80 2.77 20.42
CA THR D 60 6.94 3.82 19.88
C THR D 60 6.04 4.37 20.97
N THR D 61 5.63 5.63 20.80
CA THR D 61 4.62 6.27 21.65
C THR D 61 4.14 7.52 20.91
N GLY D 62 2.83 7.69 20.77
CA GLY D 62 2.30 8.81 20.01
C GLY D 62 1.07 9.41 20.66
N ALA D 63 0.63 10.53 20.07
CA ALA D 63 -0.60 11.17 20.51
C ALA D 63 -1.22 11.90 19.31
N PHE D 64 -2.55 11.84 19.21
CA PHE D 64 -3.32 12.64 18.28
C PHE D 64 -3.85 13.88 18.99
N SER D 65 -3.93 14.99 18.26
CA SER D 65 -4.56 16.19 18.79
C SER D 65 -6.07 16.04 18.61
N ARG D 66 -6.77 15.76 19.70
CA ARG D 66 -8.22 15.62 19.64
C ARG D 66 -8.86 16.62 20.59
N HIS D 67 -10.18 16.58 20.67
CA HIS D 67 -10.94 17.40 21.60
C HIS D 67 -12.02 16.52 22.19
N VAL D 68 -12.30 16.71 23.48
CA VAL D 68 -13.18 15.80 24.20
C VAL D 68 -14.27 16.61 24.91
N VAL D 69 -15.48 16.05 24.96
CA VAL D 69 -16.58 16.62 25.71
C VAL D 69 -16.40 16.30 27.18
N LEU D 70 -16.45 17.33 28.01
CA LEU D 70 -16.42 17.19 29.46
C LEU D 70 -17.83 17.25 30.03
N PRO D 71 -18.01 16.79 31.27
CA PRO D 71 -19.29 17.01 31.95
C PRO D 71 -19.65 18.49 31.92
N GLY D 72 -20.86 18.79 31.47
CA GLY D 72 -21.31 20.16 31.25
C GLY D 72 -21.34 20.57 29.79
N GLY D 73 -20.61 19.88 28.93
CA GLY D 73 -20.65 20.09 27.50
C GLY D 73 -19.47 20.83 26.92
N ALA D 74 -18.55 21.36 27.73
CA ALA D 74 -17.36 22.00 27.18
C ALA D 74 -16.56 21.00 26.36
N VAL D 75 -15.95 21.48 25.27
CA VAL D 75 -15.15 20.65 24.37
C VAL D 75 -13.74 21.20 24.41
N VAL D 76 -12.80 20.40 24.93
CA VAL D 76 -11.45 20.90 25.22
C VAL D 76 -10.38 20.06 24.55
N PRO D 77 -9.22 20.64 24.23
CA PRO D 77 -8.14 19.84 23.65
C PRO D 77 -7.68 18.72 24.60
N VAL D 78 -7.38 17.57 24.00
CA VAL D 78 -6.91 16.43 24.75
C VAL D 78 -5.87 15.71 23.91
N ALA D 79 -4.81 15.25 24.56
CA ALA D 79 -3.86 14.35 23.91
C ALA D 79 -4.46 12.95 23.88
N ALA D 80 -4.71 12.42 22.68
CA ALA D 80 -5.27 11.08 22.52
C ALA D 80 -4.09 10.16 22.26
N VAL D 81 -3.59 9.56 23.34
CA VAL D 81 -2.35 8.78 23.31
C VAL D 81 -2.59 7.44 22.60
N THR D 82 -1.62 7.03 21.79
CA THR D 82 -1.79 5.94 20.84
C THR D 82 -0.44 5.32 20.54
N ALA D 83 -0.48 4.11 19.95
CA ALA D 83 0.71 3.45 19.38
C ALA D 83 1.87 3.33 20.38
N VAL D 84 1.56 2.85 21.57
CA VAL D 84 2.56 2.67 22.62
C VAL D 84 3.07 1.24 22.57
N THR D 85 4.34 1.05 22.18
CA THR D 85 4.92 -0.29 22.15
C THR D 85 6.40 -0.21 22.49
N VAL D 86 6.92 -1.34 22.97
CA VAL D 86 8.36 -1.55 23.12
C VAL D 86 8.65 -2.96 22.60
N SER D 87 9.66 -3.08 21.74
CA SER D 87 9.98 -4.37 21.17
C SER D 87 10.37 -5.39 22.25
N PRO D 88 10.07 -6.68 22.03
CA PRO D 88 10.39 -7.69 23.05
C PRO D 88 11.88 -7.83 23.34
N THR D 89 12.75 -7.33 22.45
CA THR D 89 14.18 -7.32 22.67
C THR D 89 14.64 -6.21 23.60
N HIS D 90 13.79 -5.21 23.88
CA HIS D 90 14.18 -4.06 24.67
C HIS D 90 13.23 -3.79 25.83
N ARG D 91 12.29 -4.70 26.11
CA ARG D 91 11.28 -4.48 27.13
C ARG D 91 11.86 -4.55 28.55
N ARG D 92 11.13 -3.92 29.47
CA ARG D 92 11.43 -3.91 30.91
C ARG D 92 12.82 -3.32 31.19
N ARG D 93 13.20 -2.32 30.38
N ARG D 93 13.20 -2.33 30.39
CA ARG D 93 14.42 -1.55 30.59
CA ARG D 93 14.42 -1.56 30.59
C ARG D 93 14.14 -0.07 30.79
C ARG D 93 14.13 -0.08 30.81
N GLY D 94 12.87 0.30 30.97
CA GLY D 94 12.52 1.67 31.23
C GLY D 94 12.21 2.50 30.01
N LEU D 95 12.16 1.91 28.81
CA LEU D 95 11.91 2.71 27.62
C LEU D 95 10.52 3.35 27.64
N LEU D 96 9.49 2.59 28.03
CA LEU D 96 8.16 3.20 28.16
C LEU D 96 8.20 4.36 29.14
N THR D 97 8.79 4.15 30.32
CA THR D 97 8.84 5.19 31.33
C THR D 97 9.44 6.47 30.77
N THR D 98 10.49 6.34 29.96
CA THR D 98 11.13 7.52 29.38
C THR D 98 10.23 8.21 28.38
N MET D 99 9.58 7.44 27.51
CA MET D 99 8.65 8.04 26.55
C MET D 99 7.51 8.75 27.26
N MET D 100 7.04 8.19 28.38
CA MET D 100 5.96 8.82 29.12
C MET D 100 6.39 10.16 29.72
N ARG D 101 7.62 10.23 30.23
CA ARG D 101 8.13 11.51 30.72
C ARG D 101 8.17 12.54 29.61
N HIS D 102 8.77 12.18 28.46
CA HIS D 102 8.84 13.11 27.34
C HIS D 102 7.46 13.51 26.88
N GLN D 103 6.58 12.53 26.66
CA GLN D 103 5.27 12.82 26.09
C GLN D 103 4.44 13.69 27.02
N LEU D 104 4.42 13.39 28.32
CA LEU D 104 3.61 14.18 29.23
C LEU D 104 4.13 15.62 29.32
N ALA D 105 5.45 15.82 29.25
CA ALA D 105 5.96 17.19 29.15
C ALA D 105 5.55 17.85 27.85
N ASP D 106 5.55 17.08 26.75
CA ASP D 106 5.15 17.64 25.46
C ASP D 106 3.68 18.03 25.47
N ILE D 107 2.82 17.16 26.00
CA ILE D 107 1.40 17.47 26.15
C ILE D 107 1.20 18.76 26.94
N ARG D 108 1.92 18.90 28.06
CA ARG D 108 1.79 20.11 28.86
C ARG D 108 2.14 21.35 28.04
N SER D 109 3.26 21.31 27.32
CA SER D 109 3.71 22.48 26.57
C SER D 109 2.76 22.83 25.43
N ARG D 110 1.96 21.89 24.94
CA ARG D 110 0.99 22.18 23.90
C ARG D 110 -0.31 22.77 24.43
N GLY D 111 -0.42 22.99 25.73
CA GLY D 111 -1.62 23.57 26.31
C GLY D 111 -2.77 22.60 26.47
N GLU D 112 -2.54 21.31 26.33
CA GLU D 112 -3.58 20.33 26.63
C GLU D 112 -3.57 20.07 28.13
N SER D 113 -4.73 20.15 28.75
CA SER D 113 -4.77 19.99 30.20
C SER D 113 -4.84 18.53 30.63
N LEU D 114 -5.05 17.60 29.69
CA LEU D 114 -5.18 16.20 30.07
C LEU D 114 -4.86 15.32 28.86
N ALA D 115 -4.54 14.07 29.16
CA ALA D 115 -4.35 13.02 28.15
C ALA D 115 -5.38 11.93 28.38
N MET D 116 -5.73 11.21 27.31
CA MET D 116 -6.64 10.09 27.42
C MET D 116 -6.12 8.93 26.58
N LEU D 117 -6.36 7.71 27.04
CA LEU D 117 -6.00 6.55 26.24
C LEU D 117 -6.89 5.36 26.58
N PHE D 118 -6.93 4.41 25.64
CA PHE D 118 -7.38 3.05 25.87
C PHE D 118 -6.16 2.22 26.21
N ALA D 119 -6.34 1.16 26.99
CA ALA D 119 -5.20 0.36 27.45
C ALA D 119 -5.38 -1.09 27.04
N SER D 120 -4.36 -1.63 26.35
CA SER D 120 -4.26 -3.07 26.15
C SER D 120 -4.33 -3.82 27.48
N GLU D 121 -3.58 -3.33 28.48
CA GLU D 121 -3.58 -3.90 29.82
C GLU D 121 -3.62 -2.71 30.78
N ALA D 122 -4.74 -2.57 31.49
CA ALA D 122 -5.00 -1.33 32.24
C ALA D 122 -3.92 -1.06 33.28
N LEU D 123 -3.33 -2.11 33.86
CA LEU D 123 -2.34 -1.89 34.92
C LEU D 123 -1.08 -1.19 34.43
N ILE D 124 -0.92 -0.97 33.11
CA ILE D 124 0.31 -0.36 32.62
C ILE D 124 0.46 1.06 33.14
N TYR D 125 -0.62 1.86 33.14
CA TYR D 125 -0.47 3.31 33.13
C TYR D 125 -0.65 4.00 34.47
N GLY D 126 -1.22 3.33 35.48
CA GLY D 126 -1.41 3.98 36.76
C GLY D 126 -0.13 4.57 37.32
N ARG D 127 0.99 3.89 37.12
CA ARG D 127 2.28 4.35 37.63
C ARG D 127 2.70 5.67 37.02
N PHE D 128 2.10 6.08 35.91
CA PHE D 128 2.40 7.35 35.29
C PHE D 128 1.38 8.43 35.62
N GLY D 129 0.43 8.13 36.51
CA GLY D 129 -0.61 9.07 36.87
C GLY D 129 -1.92 8.92 36.12
N TYR D 130 -2.07 7.89 35.27
CA TYR D 130 -3.35 7.65 34.63
C TYR D 130 -4.32 6.91 35.54
N GLY D 131 -5.60 7.24 35.44
CA GLY D 131 -6.63 6.51 36.15
C GLY D 131 -7.78 6.14 35.23
N VAL D 132 -8.26 4.90 35.36
CA VAL D 132 -9.44 4.51 34.60
C VAL D 132 -10.59 5.42 35.02
N ALA D 133 -11.11 6.18 34.05
CA ALA D 133 -12.17 7.14 34.34
C ALA D 133 -13.49 6.81 33.68
N THR D 134 -13.49 5.97 32.66
CA THR D 134 -14.69 5.63 31.91
C THR D 134 -14.72 4.13 31.70
N GLU D 135 -15.92 3.55 31.74
CA GLU D 135 -16.10 2.13 31.44
C GLU D 135 -16.96 2.02 30.20
N SER D 136 -16.93 0.84 29.60
CA SER D 136 -17.80 0.60 28.47
C SER D 136 -18.54 -0.72 28.67
N ALA D 137 -19.64 -0.85 27.93
CA ALA D 137 -20.52 -2.01 28.03
C ALA D 137 -20.57 -2.68 26.67
N GLU D 138 -20.34 -3.99 26.66
CA GLU D 138 -20.75 -4.82 25.53
C GLU D 138 -22.17 -5.26 25.80
N LEU D 139 -23.10 -4.79 24.97
CA LEU D 139 -24.52 -5.11 25.10
C LEU D 139 -24.87 -6.11 24.00
N SER D 140 -25.55 -7.19 24.35
CA SER D 140 -25.87 -8.20 23.34
C SER D 140 -27.12 -8.97 23.76
N GLY D 141 -27.74 -9.64 22.79
CA GLY D 141 -28.88 -10.44 23.14
C GLY D 141 -29.55 -11.01 21.92
N GLN D 142 -30.54 -11.85 22.21
CA GLN D 142 -31.40 -12.40 21.16
C GLN D 142 -32.39 -11.34 20.74
N VAL D 143 -32.42 -11.00 19.44
CA VAL D 143 -33.25 -9.87 19.03
C VAL D 143 -34.73 -10.15 19.31
N ARG D 144 -35.16 -11.41 19.28
CA ARG D 144 -36.57 -11.70 19.54
C ARG D 144 -36.95 -11.56 21.00
N GLU D 145 -35.99 -11.30 21.89
CA GLU D 145 -36.23 -11.05 23.31
CA GLU D 145 -36.32 -11.04 23.29
C GLU D 145 -36.10 -9.57 23.66
N LEU D 146 -35.89 -8.70 22.66
CA LEU D 146 -35.57 -7.30 22.91
C LEU D 146 -36.71 -6.35 22.52
N ALA D 147 -37.96 -6.79 22.65
CA ALA D 147 -39.08 -5.88 22.52
C ALA D 147 -38.95 -4.71 23.49
N PHE D 148 -39.47 -3.55 23.07
CA PHE D 148 -39.43 -2.35 23.88
C PHE D 148 -40.64 -2.30 24.80
N ARG D 149 -40.53 -1.50 25.85
CA ARG D 149 -41.68 -1.20 26.67
C ARG D 149 -42.80 -0.61 25.81
N PRO D 150 -44.05 -0.81 26.20
CA PRO D 150 -45.16 -0.41 25.32
C PRO D 150 -45.29 1.10 25.10
N THR D 151 -44.74 1.94 25.99
CA THR D 151 -44.82 3.39 25.82
C THR D 151 -43.71 3.97 24.94
N VAL D 152 -42.79 3.16 24.43
CA VAL D 152 -41.66 3.71 23.69
C VAL D 152 -42.15 4.14 22.30
N ASP D 153 -42.15 5.45 22.05
CA ASP D 153 -42.66 6.01 20.80
C ASP D 153 -41.59 5.93 19.72
N LEU D 154 -41.90 5.24 18.62
CA LEU D 154 -40.98 5.16 17.50
C LEU D 154 -41.13 6.33 16.53
N GLY D 155 -42.10 7.22 16.74
CA GLY D 155 -42.26 8.36 15.86
C GLY D 155 -42.65 7.98 14.44
N ASP D 156 -42.51 8.98 13.56
CA ASP D 156 -43.00 8.89 12.18
C ASP D 156 -41.88 8.85 11.15
N GLY D 157 -40.63 8.65 11.58
CA GLY D 157 -39.49 8.70 10.68
C GLY D 157 -39.37 7.46 9.80
N THR D 158 -38.40 7.53 8.88
CA THR D 158 -38.11 6.41 7.99
C THR D 158 -36.60 6.18 7.95
N LEU D 159 -36.21 5.00 7.46
CA LEU D 159 -34.81 4.62 7.41
C LEU D 159 -34.42 4.21 6.00
N GLU D 160 -33.17 4.49 5.65
CA GLU D 160 -32.61 4.09 4.37
C GLU D 160 -31.20 3.56 4.57
N GLU D 161 -30.88 2.48 3.86
CA GLU D 161 -29.50 2.03 3.78
CA GLU D 161 -29.51 2.01 3.75
C GLU D 161 -28.79 2.88 2.73
N VAL D 162 -27.65 3.45 3.12
CA VAL D 162 -26.99 4.45 2.28
C VAL D 162 -25.52 4.11 2.11
N SER D 163 -24.90 4.76 1.13
CA SER D 163 -23.47 4.60 0.91
C SER D 163 -22.68 5.36 1.97
N ALA D 164 -21.40 5.03 2.08
CA ALA D 164 -20.53 5.78 2.99
C ALA D 164 -20.57 7.28 2.68
N GLU D 165 -20.58 7.63 1.38
CA GLU D 165 -20.58 9.04 1.01
C GLU D 165 -21.87 9.73 1.45
N THR D 166 -23.03 9.11 1.18
CA THR D 166 -24.29 9.68 1.64
C THR D 166 -24.31 9.78 3.16
N PHE D 167 -23.83 8.73 3.83
CA PHE D 167 -23.79 8.70 5.28
C PHE D 167 -23.00 9.89 5.82
N LEU D 168 -21.82 10.13 5.25
CA LEU D 168 -20.93 11.17 5.74
C LEU D 168 -21.39 12.58 5.39
N ALA D 169 -22.44 12.73 4.58
CA ALA D 169 -23.02 14.04 4.36
C ALA D 169 -24.01 14.43 5.45
N SER D 170 -24.48 13.47 6.24
CA SER D 170 -25.46 13.73 7.27
C SER D 170 -25.01 13.36 8.67
N ALA D 171 -24.26 12.27 8.81
CA ALA D 171 -23.90 11.81 10.14
C ALA D 171 -23.09 12.82 10.95
N PRO D 172 -22.11 13.55 10.38
CA PRO D 172 -21.34 14.48 11.21
C PRO D 172 -22.19 15.51 11.93
N ALA D 173 -23.24 16.05 11.27
CA ALA D 173 -24.05 17.06 11.94
C ALA D 173 -24.90 16.45 13.04
N ILE D 174 -25.40 15.23 12.83
CA ILE D 174 -26.12 14.53 13.88
C ILE D 174 -25.21 14.30 15.08
N TYR D 175 -24.02 13.74 14.82
CA TYR D 175 -23.03 13.51 15.85
C TYR D 175 -22.71 14.78 16.62
N ASP D 176 -22.37 15.86 15.91
CA ASP D 176 -22.02 17.12 16.57
C ASP D 176 -23.12 17.60 17.50
N ALA D 177 -24.38 17.39 17.11
CA ALA D 177 -25.47 17.89 17.93
C ALA D 177 -25.71 17.04 19.17
N VAL D 178 -25.35 15.76 19.14
CA VAL D 178 -25.65 14.86 20.24
C VAL D 178 -24.55 14.88 21.31
N ILE D 179 -23.29 14.92 20.91
CA ILE D 179 -22.23 14.59 21.88
C ILE D 179 -22.05 15.60 23.02
N PRO D 180 -22.45 16.91 22.94
CA PRO D 180 -22.32 17.76 24.14
C PRO D 180 -23.02 17.17 25.36
N GLY D 181 -23.99 16.28 25.14
CA GLY D 181 -24.65 15.58 26.23
C GLY D 181 -24.04 14.26 26.62
N LEU D 182 -22.93 13.86 25.99
CA LEU D 182 -22.29 12.56 26.21
C LEU D 182 -20.82 12.80 26.54
N PRO D 183 -20.52 13.11 27.80
CA PRO D 183 -19.11 13.35 28.16
C PRO D 183 -18.24 12.16 27.81
N GLY D 184 -17.03 12.43 27.32
CA GLY D 184 -16.09 11.41 26.92
C GLY D 184 -15.98 11.24 25.42
N GLN D 185 -17.06 11.56 24.69
CA GLN D 185 -17.02 11.53 23.23
C GLN D 185 -16.03 12.58 22.74
N MET D 186 -15.44 12.32 21.58
CA MET D 186 -14.46 13.23 21.02
C MET D 186 -14.95 13.80 19.70
N SER D 187 -14.53 15.03 19.40
CA SER D 187 -14.86 15.64 18.12
C SER D 187 -14.33 14.77 16.98
N ARG D 188 -15.05 14.76 15.86
CA ARG D 188 -14.62 14.01 14.68
C ARG D 188 -14.51 14.97 13.51
N THR D 189 -13.31 15.13 12.99
CA THR D 189 -13.06 15.79 11.73
C THR D 189 -13.39 14.85 10.59
N PRO D 190 -13.46 15.36 9.35
CA PRO D 190 -13.63 14.43 8.22
C PRO D 190 -12.61 13.30 8.22
N GLU D 191 -11.39 13.59 8.61
CA GLU D 191 -10.34 12.56 8.63
C GLU D 191 -10.64 11.48 9.67
N TRP D 192 -11.09 11.89 10.87
CA TRP D 192 -11.48 10.89 11.85
C TRP D 192 -12.70 10.10 11.38
N TRP D 193 -13.66 10.77 10.73
CA TRP D 193 -14.80 10.04 10.19
C TRP D 193 -14.36 9.01 9.15
N ALA D 194 -13.37 9.35 8.33
CA ALA D 194 -12.90 8.41 7.30
C ALA D 194 -12.32 7.15 7.92
N SER D 195 -11.62 7.30 9.05
CA SER D 195 -11.09 6.13 9.74
C SER D 195 -12.20 5.34 10.42
N TRP D 196 -13.11 6.04 11.09
CA TRP D 196 -14.20 5.39 11.81
C TRP D 196 -15.09 4.57 10.88
N THR D 197 -15.33 5.06 9.66
CA THR D 197 -16.18 4.39 8.69
C THR D 197 -15.40 3.51 7.71
N LEU D 198 -14.10 3.35 7.91
CA LEU D 198 -13.30 2.51 7.03
C LEU D 198 -13.85 1.08 7.02
N ASP D 199 -13.98 0.50 5.82
CA ASP D 199 -14.43 -0.88 5.68
C ASP D 199 -13.19 -1.77 5.81
N SER D 200 -12.61 -1.75 7.01
CA SER D 200 -11.34 -2.40 7.25
C SER D 200 -11.46 -3.89 6.98
N GLU D 201 -10.39 -4.46 6.41
CA GLU D 201 -10.44 -5.87 6.05
C GLU D 201 -10.50 -6.76 7.28
N GLU D 202 -9.89 -6.36 8.38
CA GLU D 202 -9.89 -7.23 9.56
C GLU D 202 -11.30 -7.35 10.15
N LEU D 203 -12.07 -6.26 10.14
CA LEU D 203 -13.45 -6.36 10.63
C LEU D 203 -14.33 -7.13 9.65
N GLN D 204 -14.02 -7.09 8.36
CA GLN D 204 -14.78 -7.90 7.40
C GLN D 204 -14.64 -9.38 7.70
N LYS D 205 -13.42 -9.82 8.03
CA LYS D 205 -13.18 -11.24 8.29
C LYS D 205 -14.01 -11.75 9.45
N GLU D 206 -14.33 -10.87 10.42
CA GLU D 206 -15.10 -11.28 11.59
C GLU D 206 -16.60 -11.25 11.36
N SER D 207 -17.08 -10.43 10.43
CA SER D 207 -18.52 -10.32 10.23
C SER D 207 -18.85 -10.11 8.77
N GLY D 208 -18.83 -8.85 8.32
CA GLY D 208 -19.15 -8.55 6.94
C GLY D 208 -18.78 -7.12 6.63
N LYS D 209 -19.14 -6.68 5.42
CA LYS D 209 -18.82 -5.32 5.01
C LYS D 209 -19.67 -4.33 5.80
N VAL D 210 -19.07 -3.17 6.12
CA VAL D 210 -19.75 -2.18 6.94
C VAL D 210 -20.93 -1.58 6.18
N ARG D 211 -22.01 -1.32 6.89
CA ARG D 211 -23.23 -0.77 6.33
C ARG D 211 -23.61 0.49 7.09
N PHE D 212 -24.34 1.38 6.41
CA PHE D 212 -24.68 2.70 6.92
C PHE D 212 -26.19 2.91 6.81
N VAL D 213 -26.78 3.41 7.88
CA VAL D 213 -28.21 3.67 7.95
C VAL D 213 -28.44 5.13 8.33
N LEU D 214 -29.33 5.80 7.62
CA LEU D 214 -29.78 7.12 8.03
C LEU D 214 -31.27 7.06 8.37
N HIS D 215 -31.63 7.76 9.45
CA HIS D 215 -33.01 7.93 9.87
C HIS D 215 -33.42 9.36 9.57
N TYR D 216 -34.58 9.52 8.94
CA TYR D 216 -35.10 10.83 8.55
C TYR D 216 -36.41 11.09 9.25
N GLU D 217 -36.57 12.32 9.75
CA GLU D 217 -37.87 12.76 10.22
C GLU D 217 -38.86 12.80 9.06
N SER D 218 -40.15 12.91 9.40
CA SER D 218 -41.17 12.91 8.36
C SER D 218 -41.03 14.09 7.41
N ASP D 219 -40.32 15.15 7.81
CA ASP D 219 -40.05 16.28 6.94
C ASP D 219 -38.75 16.15 6.16
N GLY D 220 -38.06 15.01 6.27
CA GLY D 220 -36.83 14.77 5.54
C GLY D 220 -35.54 15.08 6.28
N THR D 221 -35.61 15.67 7.47
CA THR D 221 -34.40 16.01 8.21
C THR D 221 -33.72 14.74 8.73
N ALA D 222 -32.44 14.58 8.42
CA ALA D 222 -31.69 13.46 8.96
C ALA D 222 -31.52 13.65 10.47
N SER D 223 -32.00 12.67 11.26
CA SER D 223 -31.99 12.80 12.70
C SER D 223 -31.41 11.59 13.43
N GLY D 224 -30.94 10.58 12.72
CA GLY D 224 -30.33 9.43 13.37
C GLY D 224 -29.48 8.67 12.39
N PHE D 225 -28.56 7.86 12.92
CA PHE D 225 -27.76 7.02 12.05
C PHE D 225 -27.34 5.74 12.79
N ALA D 226 -26.92 4.75 12.00
CA ALA D 226 -26.35 3.52 12.52
C ALA D 226 -25.20 3.08 11.62
N ILE D 227 -24.16 2.51 12.23
CA ILE D 227 -23.08 1.81 11.53
C ILE D 227 -23.10 0.39 12.06
N TYR D 228 -23.13 -0.59 11.14
CA TYR D 228 -23.21 -1.96 11.60
C TYR D 228 -22.66 -2.88 10.52
N ARG D 229 -22.36 -4.11 10.91
CA ARG D 229 -21.89 -5.15 10.01
C ARG D 229 -22.73 -6.40 10.24
N PRO D 230 -23.20 -7.06 9.17
CA PRO D 230 -23.89 -8.34 9.33
C PRO D 230 -22.93 -9.50 9.32
N LYS D 231 -23.30 -10.54 10.05
CA LYS D 231 -22.57 -11.80 10.08
C LYS D 231 -23.59 -12.90 9.81
N PRO D 232 -23.70 -13.36 8.56
CA PRO D 232 -24.72 -14.38 8.24
C PRO D 232 -24.43 -15.68 8.96
N GLY D 233 -25.46 -16.49 9.10
CA GLY D 233 -25.31 -17.75 9.81
C GLY D 233 -26.62 -18.50 9.82
N TRP D 234 -26.50 -19.81 10.04
CA TRP D 234 -27.64 -20.71 10.04
C TRP D 234 -27.47 -21.73 11.15
N GLY D 235 -28.56 -22.07 11.83
CA GLY D 235 -28.56 -23.08 12.85
C GLY D 235 -29.30 -24.33 12.42
N ASP D 236 -29.50 -25.22 13.40
CA ASP D 236 -30.18 -26.48 13.10
C ASP D 236 -31.69 -26.31 12.86
N ALA D 237 -32.25 -25.14 13.15
CA ALA D 237 -33.70 -24.95 13.05
C ALA D 237 -34.08 -23.68 12.30
N GLY D 238 -33.13 -23.03 11.63
CA GLY D 238 -33.42 -21.85 10.86
C GLY D 238 -32.26 -20.88 10.82
N PRO D 239 -32.50 -19.67 10.34
CA PRO D 239 -31.44 -18.65 10.27
C PRO D 239 -30.93 -18.27 11.65
N ASN D 240 -29.72 -17.75 11.68
CA ASN D 240 -29.08 -17.39 12.94
C ASN D 240 -28.03 -16.32 12.70
N ALA D 241 -28.39 -15.30 11.90
CA ALA D 241 -27.44 -14.23 11.62
C ALA D 241 -27.28 -13.32 12.83
N GLU D 242 -26.15 -12.61 12.85
CA GLU D 242 -25.79 -11.69 13.93
CA GLU D 242 -25.81 -11.69 13.93
C GLU D 242 -25.55 -10.31 13.34
N LEU D 243 -25.97 -9.27 14.06
CA LEU D 243 -25.67 -7.90 13.68
C LEU D 243 -24.64 -7.38 14.66
N HIS D 244 -23.50 -6.93 14.16
CA HIS D 244 -22.47 -6.31 15.00
C HIS D 244 -22.55 -4.80 14.83
N VAL D 245 -23.09 -4.14 15.84
CA VAL D 245 -23.40 -2.71 15.77
C VAL D 245 -22.16 -1.94 16.24
N GLN D 246 -21.74 -0.96 15.44
CA GLN D 246 -20.62 -0.11 15.78
C GLN D 246 -21.05 1.19 16.45
N GLU D 247 -22.18 1.76 16.03
CA GLU D 247 -22.65 3.01 16.60
C GLU D 247 -24.10 3.24 16.18
N VAL D 248 -24.91 3.73 17.13
CA VAL D 248 -26.26 4.22 16.87
C VAL D 248 -26.43 5.52 17.63
N LEU D 249 -26.90 6.57 16.95
CA LEU D 249 -27.15 7.86 17.59
C LEU D 249 -28.40 8.47 17.00
N GLY D 250 -29.08 9.27 17.80
CA GLY D 250 -30.27 9.98 17.34
C GLY D 250 -30.38 11.29 18.06
N THR D 251 -30.89 12.30 17.37
CA THR D 251 -31.02 13.62 17.99
C THR D 251 -32.27 13.75 18.85
N ASN D 252 -33.12 12.74 18.88
CA ASN D 252 -34.32 12.75 19.71
C ASN D 252 -34.67 11.31 20.05
N PRO D 253 -35.49 11.08 21.08
CA PRO D 253 -35.74 9.70 21.53
C PRO D 253 -36.41 8.83 20.49
N ARG D 254 -37.23 9.41 19.61
CA ARG D 254 -37.94 8.64 18.61
C ARG D 254 -36.97 8.11 17.55
N SER D 255 -36.07 8.96 17.07
CA SER D 255 -35.13 8.51 16.05
C SER D 255 -34.14 7.50 16.61
N TYR D 256 -33.71 7.68 17.86
CA TYR D 256 -32.87 6.65 18.49
C TYR D 256 -33.61 5.31 18.57
N ALA D 257 -34.86 5.32 19.04
CA ALA D 257 -35.58 4.07 19.25
C ALA D 257 -35.96 3.42 17.93
N ARG D 258 -36.39 4.23 16.96
N ARG D 258 -36.39 4.23 16.96
CA ARG D 258 -36.76 3.69 15.65
CA ARG D 258 -36.77 3.68 15.66
C ARG D 258 -35.56 3.07 14.95
C ARG D 258 -35.57 3.07 14.93
N THR D 259 -34.39 3.71 15.06
CA THR D 259 -33.20 3.15 14.42
C THR D 259 -32.81 1.81 15.05
N TRP D 260 -32.84 1.71 16.38
CA TRP D 260 -32.60 0.41 17.02
C TRP D 260 -33.65 -0.60 16.60
N ARG D 261 -34.91 -0.19 16.56
CA ARG D 261 -35.97 -1.13 16.19
C ARG D 261 -35.78 -1.64 14.76
N TYR D 262 -35.30 -0.79 13.86
CA TYR D 262 -34.97 -1.22 12.50
C TYR D 262 -33.96 -2.36 12.51
N LEU D 263 -32.90 -2.22 13.31
CA LEU D 263 -31.90 -3.27 13.40
C LEU D 263 -32.46 -4.53 14.03
N LEU D 264 -33.21 -4.36 15.12
CA LEU D 264 -33.70 -5.51 15.89
C LEU D 264 -34.71 -6.34 15.10
N ASP D 265 -35.44 -5.72 14.18
CA ASP D 265 -36.49 -6.40 13.42
C ASP D 265 -36.01 -6.96 12.09
N MET D 266 -34.72 -6.89 11.81
CA MET D 266 -34.19 -7.37 10.54
C MET D 266 -34.41 -8.88 10.39
N ASP D 267 -34.85 -9.30 9.21
CA ASP D 267 -35.09 -10.71 8.97
C ASP D 267 -33.78 -11.49 8.90
N LEU D 268 -33.86 -12.77 9.26
CA LEU D 268 -32.77 -13.75 9.36
C LEU D 268 -31.88 -13.52 10.58
N VAL D 269 -31.97 -12.36 11.23
CA VAL D 269 -31.14 -12.04 12.39
C VAL D 269 -31.72 -12.72 13.61
N ARG D 270 -30.86 -13.27 14.46
CA ARG D 270 -31.27 -13.73 15.77
C ARG D 270 -30.48 -13.10 16.91
N LYS D 271 -29.27 -12.61 16.67
CA LYS D 271 -28.41 -12.06 17.71
C LYS D 271 -27.95 -10.66 17.31
N ILE D 272 -27.78 -9.80 18.31
CA ILE D 272 -27.21 -8.48 18.08
C ILE D 272 -26.16 -8.26 19.15
N LYS D 273 -25.10 -7.53 18.78
CA LYS D 273 -24.02 -7.20 19.69
C LYS D 273 -23.61 -5.74 19.45
N TYR D 274 -23.50 -4.97 20.52
CA TYR D 274 -23.06 -3.58 20.47
C TYR D 274 -21.84 -3.47 21.38
N HIS D 275 -20.64 -3.49 20.79
CA HIS D 275 -19.41 -3.33 21.57
C HIS D 275 -19.17 -1.85 21.81
N GLY D 276 -18.74 -1.53 23.02
CA GLY D 276 -18.35 -0.16 23.33
C GLY D 276 -19.49 0.77 23.67
N ALA D 277 -20.66 0.25 24.01
CA ALA D 277 -21.78 1.10 24.39
C ALA D 277 -21.53 1.77 25.73
N SER D 278 -22.41 2.70 26.09
CA SER D 278 -22.37 3.28 27.42
C SER D 278 -22.92 2.31 28.44
N VAL D 279 -22.37 2.37 29.66
CA VAL D 279 -22.94 1.59 30.76
C VAL D 279 -24.33 2.09 31.13
N GLN D 280 -24.70 3.28 30.66
CA GLN D 280 -26.05 3.82 30.80
C GLN D 280 -26.70 4.06 29.44
N GLU D 281 -26.36 3.22 28.46
CA GLU D 281 -26.93 3.33 27.12
C GLU D 281 -28.46 3.35 27.20
N GLU D 282 -29.08 4.29 26.46
CA GLU D 282 -30.53 4.43 26.57
C GLU D 282 -31.23 3.12 26.25
N LEU D 283 -30.69 2.36 25.30
CA LEU D 283 -31.27 1.07 24.93
C LEU D 283 -31.49 0.17 26.13
N ARG D 284 -30.60 0.25 27.14
CA ARG D 284 -30.73 -0.64 28.30
C ARG D 284 -32.08 -0.47 28.99
N TYR D 285 -32.65 0.75 28.94
CA TYR D 285 -33.90 1.06 29.62
C TYR D 285 -35.09 0.99 28.70
N LEU D 286 -34.86 1.03 27.39
CA LEU D 286 -35.97 0.90 26.46
C LEU D 286 -36.56 -0.50 26.47
N VAL D 287 -35.72 -1.53 26.70
CA VAL D 287 -36.20 -2.89 26.50
C VAL D 287 -37.17 -3.27 27.61
N ALA D 288 -38.19 -4.04 27.25
CA ALA D 288 -39.22 -4.40 28.21
C ALA D 288 -38.71 -5.35 29.27
N ASN D 289 -37.75 -6.22 28.90
CA ASN D 289 -37.17 -7.19 29.84
C ASN D 289 -35.69 -6.87 30.01
N HIS D 290 -35.36 -6.17 31.10
CA HIS D 290 -34.02 -5.68 31.42
C HIS D 290 -32.91 -6.69 31.09
N PRO D 291 -32.94 -7.93 31.62
CA PRO D 291 -31.79 -8.83 31.43
C PRO D 291 -31.71 -9.46 30.05
N SER D 292 -32.73 -9.29 29.20
CA SER D 292 -32.60 -9.79 27.85
C SER D 292 -31.45 -9.12 27.10
N LEU D 293 -31.07 -7.91 27.51
CA LEU D 293 -29.91 -7.25 26.95
C LEU D 293 -28.76 -7.50 27.92
N GLU D 294 -27.96 -8.53 27.63
CA GLU D 294 -26.80 -8.80 28.48
C GLU D 294 -25.83 -7.63 28.44
N CYS D 295 -25.12 -7.44 29.56
CA CYS D 295 -24.28 -6.27 29.78
C CYS D 295 -22.96 -6.72 30.42
N VAL D 296 -21.87 -6.62 29.68
CA VAL D 296 -20.53 -6.95 30.17
C VAL D 296 -19.73 -5.66 30.22
N VAL D 297 -19.18 -5.34 31.39
CA VAL D 297 -18.60 -4.03 31.65
C VAL D 297 -17.09 -4.15 31.84
N SER D 298 -16.35 -3.27 31.17
CA SER D 298 -14.90 -3.28 31.28
C SER D 298 -14.37 -1.85 31.26
N ASP D 299 -13.06 -1.72 31.48
CA ASP D 299 -12.44 -0.41 31.45
C ASP D 299 -12.44 0.15 30.03
N ALA D 300 -12.59 1.46 29.93
CA ALA D 300 -12.45 2.10 28.63
C ALA D 300 -11.32 3.13 28.71
N ILE D 301 -11.63 4.36 29.04
CA ILE D 301 -10.65 5.45 28.91
C ILE D 301 -9.96 5.70 30.24
N GLN D 302 -8.65 5.88 30.19
CA GLN D 302 -7.87 6.37 31.32
C GLN D 302 -7.51 7.83 31.11
N VAL D 303 -7.59 8.61 32.19
CA VAL D 303 -7.33 10.05 32.17
C VAL D 303 -6.02 10.33 32.90
N ARG D 304 -5.16 11.13 32.29
CA ARG D 304 -4.00 11.70 32.97
C ARG D 304 -4.21 13.19 33.01
N LEU D 305 -4.38 13.76 34.21
CA LEU D 305 -4.48 15.21 34.35
C LEU D 305 -3.08 15.80 34.27
N VAL D 306 -2.88 16.72 33.33
CA VAL D 306 -1.57 17.32 33.08
C VAL D 306 -1.49 18.74 33.66
N ASP D 307 -2.57 19.48 33.59
CA ASP D 307 -2.67 20.81 34.20
C ASP D 307 -3.87 20.73 35.14
N ILE D 308 -3.60 20.41 36.42
CA ILE D 308 -4.70 20.09 37.34
C ILE D 308 -5.67 21.25 37.51
N PRO D 309 -5.25 22.46 37.88
CA PRO D 309 -6.24 23.51 38.11
C PRO D 309 -6.99 23.89 36.85
N ARG D 310 -6.35 23.82 35.68
CA ARG D 310 -7.08 24.09 34.44
C ARG D 310 -8.11 23.01 34.17
N ALA D 311 -7.69 21.74 34.24
CA ALA D 311 -8.62 20.63 34.01
C ALA D 311 -9.82 20.72 34.94
N LEU D 312 -9.57 20.98 36.22
CA LEU D 312 -10.70 21.01 37.16
C LEU D 312 -11.61 22.21 36.91
N ALA D 313 -11.08 23.29 36.34
CA ALA D 313 -11.88 24.46 36.04
C ALA D 313 -12.57 24.38 34.69
N GLN D 314 -12.22 23.41 33.85
CA GLN D 314 -12.77 23.32 32.51
C GLN D 314 -14.09 22.55 32.46
N ARG D 315 -14.31 21.60 33.37
CA ARG D 315 -15.58 20.89 33.42
C ARG D 315 -16.55 21.62 34.34
N ARG D 316 -17.79 21.15 34.36
CA ARG D 316 -18.78 21.63 35.31
C ARG D 316 -19.15 20.51 36.27
N TYR D 317 -19.76 20.87 37.38
CA TYR D 317 -19.99 19.95 38.49
C TYR D 317 -21.48 19.77 38.72
N ALA D 318 -21.88 18.55 39.08
CA ALA D 318 -23.31 18.24 39.14
C ALA D 318 -24.00 18.96 40.29
N ALA D 319 -23.23 19.47 41.24
CA ALA D 319 -23.78 20.22 42.36
C ALA D 319 -22.66 21.08 42.92
N ASP D 320 -23.02 22.00 43.82
CA ASP D 320 -22.03 22.91 44.39
C ASP D 320 -20.98 22.14 45.19
N VAL D 321 -19.75 22.61 45.10
CA VAL D 321 -18.63 22.04 45.85
C VAL D 321 -17.65 23.15 46.16
N ASP D 322 -17.06 23.07 47.36
CA ASP D 322 -15.98 23.96 47.75
C ASP D 322 -15.09 23.09 48.63
N VAL D 323 -13.98 22.60 48.07
CA VAL D 323 -13.20 21.54 48.70
C VAL D 323 -11.73 21.80 48.42
N VAL D 324 -10.89 21.41 49.38
CA VAL D 324 -9.45 21.54 49.26
C VAL D 324 -8.88 20.13 49.09
N LEU D 325 -8.23 19.90 47.96
CA LEU D 325 -7.67 18.61 47.60
C LEU D 325 -6.16 18.65 47.81
N GLU D 326 -5.66 17.75 48.65
CA GLU D 326 -4.22 17.53 48.77
C GLU D 326 -3.83 16.45 47.76
N VAL D 327 -3.24 16.86 46.65
CA VAL D 327 -2.98 15.98 45.52
C VAL D 327 -1.51 15.59 45.54
N THR D 328 -1.25 14.28 45.47
CA THR D 328 0.10 13.74 45.33
C THR D 328 0.26 13.15 43.95
N ASP D 329 1.28 13.60 43.24
CA ASP D 329 1.56 13.17 41.87
C ASP D 329 2.93 12.51 41.89
N ASP D 330 2.96 11.17 42.00
CA ASP D 330 4.24 10.47 42.16
C ASP D 330 5.12 10.62 40.93
N PHE D 331 4.54 10.50 39.73
CA PHE D 331 5.36 10.47 38.53
C PHE D 331 5.81 11.86 38.12
N LEU D 332 4.95 12.88 38.28
CA LEU D 332 5.25 14.26 37.95
C LEU D 332 5.10 15.10 39.21
N PRO D 333 6.07 15.02 40.13
CA PRO D 333 5.88 15.64 41.45
C PRO D 333 5.73 17.16 41.40
N GLU D 334 6.08 17.81 40.30
CA GLU D 334 5.82 19.23 40.15
C GLU D 334 4.33 19.56 40.22
N ASN D 335 3.45 18.59 40.01
CA ASN D 335 2.01 18.80 40.12
C ASN D 335 1.49 18.62 41.53
N SER D 336 2.27 18.05 42.45
CA SER D 336 1.76 17.84 43.80
C SER D 336 1.47 19.17 44.46
N GLY D 337 0.35 19.23 45.16
CA GLY D 337 -0.01 20.48 45.80
C GLY D 337 -1.40 20.39 46.40
N ARG D 338 -1.74 21.45 47.11
CA ARG D 338 -3.04 21.59 47.74
C ARG D 338 -3.86 22.57 46.92
N TYR D 339 -4.98 22.10 46.37
CA TYR D 339 -5.81 22.90 45.46
C TYR D 339 -7.21 23.11 46.03
N ARG D 340 -7.70 24.35 45.95
CA ARG D 340 -9.08 24.67 46.31
C ARG D 340 -9.93 24.65 45.05
N LEU D 341 -10.87 23.72 44.99
CA LEU D 341 -11.82 23.62 43.90
C LEU D 341 -13.13 24.22 44.36
N ARG D 342 -13.63 25.21 43.60
CA ARG D 342 -14.96 25.76 43.80
C ARG D 342 -15.72 25.59 42.49
N GLY D 343 -16.87 24.92 42.55
CA GLY D 343 -17.52 24.58 41.30
C GLY D 343 -18.99 24.28 41.50
N GLY D 344 -19.67 24.15 40.37
CA GLY D 344 -21.09 23.85 40.37
C GLY D 344 -21.55 23.75 38.94
N LEU D 345 -22.86 23.83 38.74
CA LEU D 345 -23.37 23.68 37.37
C LEU D 345 -22.94 24.83 36.47
N ASP D 346 -22.75 26.02 37.03
CA ASP D 346 -22.56 27.22 36.22
C ASP D 346 -21.20 27.88 36.46
N HIS D 347 -20.25 27.18 37.08
CA HIS D 347 -18.96 27.80 37.35
C HIS D 347 -17.96 26.73 37.79
N ALA D 348 -16.68 27.05 37.64
CA ALA D 348 -15.62 26.19 38.17
C ALA D 348 -14.35 27.01 38.25
N SER D 349 -13.68 26.95 39.40
CA SER D 349 -12.39 27.58 39.59
C SER D 349 -11.53 26.69 40.48
N CYS D 350 -10.22 26.72 40.25
CA CYS D 350 -9.31 25.89 41.01
C CYS D 350 -7.96 26.60 41.10
N GLU D 351 -7.38 26.63 42.29
CA GLU D 351 -6.07 27.25 42.46
C GLU D 351 -5.42 26.68 43.72
N ILE D 352 -4.08 26.78 43.75
CA ILE D 352 -3.31 26.41 44.93
C ILE D 352 -3.79 27.21 46.14
N THR D 353 -3.85 26.56 47.30
CA THR D 353 -4.29 27.18 48.54
C THR D 353 -3.43 26.67 49.69
N THR D 354 -3.35 27.48 50.75
CA THR D 354 -2.74 27.06 52.01
C THR D 354 -3.78 26.67 53.05
N ASP D 355 -5.07 26.77 52.74
CA ASP D 355 -6.11 26.35 53.68
C ASP D 355 -5.95 24.86 54.00
N ASP D 356 -6.52 24.45 55.13
CA ASP D 356 -6.48 23.04 55.52
C ASP D 356 -7.12 22.17 54.45
N ALA D 357 -6.54 21.01 54.20
CA ALA D 357 -7.08 20.11 53.19
C ALA D 357 -8.26 19.33 53.75
N ASP D 358 -9.20 18.99 52.85
CA ASP D 358 -10.37 18.18 53.16
C ASP D 358 -10.23 16.73 52.71
N ILE D 359 -9.47 16.48 51.64
CA ILE D 359 -9.35 15.15 51.03
C ILE D 359 -7.92 15.01 50.55
N ALA D 360 -7.34 13.82 50.74
CA ALA D 360 -6.02 13.53 50.19
C ALA D 360 -6.15 12.40 49.18
N LEU D 361 -5.59 12.60 48.00
CA LEU D 361 -5.69 11.60 46.93
C LEU D 361 -4.53 11.75 45.97
N THR D 362 -4.28 10.68 45.21
CA THR D 362 -3.25 10.71 44.18
C THR D 362 -3.81 11.31 42.90
N VAL D 363 -2.92 11.73 42.01
CA VAL D 363 -3.39 12.28 40.74
C VAL D 363 -4.11 11.21 39.92
N ARG D 364 -3.70 9.93 40.03
CA ARG D 364 -4.38 8.92 39.21
C ARG D 364 -5.83 8.75 39.65
N ASP D 365 -6.10 8.81 40.97
CA ASP D 365 -7.48 8.71 41.44
C ASP D 365 -8.28 9.98 41.18
N LEU D 366 -7.63 11.15 41.17
CA LEU D 366 -8.32 12.36 40.72
C LEU D 366 -8.72 12.23 39.26
N GLY D 367 -7.82 11.67 38.44
CA GLY D 367 -8.18 11.40 37.06
C GLY D 367 -9.31 10.40 36.95
N SER D 368 -9.33 9.39 37.84
CA SER D 368 -10.39 8.38 37.76
C SER D 368 -11.77 8.98 37.99
N VAL D 369 -11.89 9.99 38.86
CA VAL D 369 -13.21 10.55 39.13
C VAL D 369 -13.54 11.74 38.24
N TYR D 370 -12.59 12.18 37.40
CA TYR D 370 -12.69 13.45 36.69
C TYR D 370 -13.84 13.47 35.69
N MET D 371 -14.23 12.31 35.15
CA MET D 371 -15.26 12.25 34.12
C MET D 371 -16.62 11.82 34.67
N GLY D 372 -16.75 11.68 35.98
CA GLY D 372 -18.01 11.27 36.56
C GLY D 372 -18.33 9.79 36.42
N GLY D 373 -17.33 8.96 36.11
CA GLY D 373 -17.58 7.55 35.89
C GLY D 373 -17.15 6.63 37.02
N VAL D 374 -16.48 7.19 38.02
CA VAL D 374 -16.01 6.45 39.19
C VAL D 374 -16.28 7.33 40.40
N SER D 375 -16.91 6.78 41.43
CA SER D 375 -17.33 7.59 42.56
C SER D 375 -16.18 7.84 43.51
N LEU D 376 -15.94 9.11 43.83
CA LEU D 376 -14.91 9.45 44.80
C LEU D 376 -15.24 8.84 46.17
N GLN D 377 -16.54 8.67 46.47
CA GLN D 377 -16.90 8.09 47.76
C GLN D 377 -16.56 6.61 47.81
N VAL D 378 -16.79 5.88 46.72
CA VAL D 378 -16.40 4.48 46.70
C VAL D 378 -14.89 4.36 46.85
N LEU D 379 -14.13 5.24 46.19
CA LEU D 379 -12.68 5.15 46.33
C LEU D 379 -12.25 5.41 47.77
N ALA D 380 -12.97 6.28 48.49
CA ALA D 380 -12.65 6.51 49.90
C ALA D 380 -13.05 5.31 50.75
N SER D 381 -14.21 4.71 50.47
CA SER D 381 -14.60 3.51 51.19
C SER D 381 -13.61 2.38 50.94
N ALA D 382 -13.04 2.32 49.73
CA ALA D 382 -12.03 1.34 49.39
C ALA D 382 -10.69 1.61 50.07
N GLY D 383 -10.50 2.80 50.64
CA GLY D 383 -9.25 3.17 51.29
C GLY D 383 -8.23 3.82 50.38
N LEU D 384 -8.57 4.05 49.10
CA LEU D 384 -7.61 4.59 48.15
C LEU D 384 -7.50 6.10 48.26
N VAL D 385 -8.53 6.73 48.82
CA VAL D 385 -8.64 8.17 49.00
C VAL D 385 -8.91 8.42 50.48
N THR D 386 -8.30 9.45 51.05
CA THR D 386 -8.43 9.72 52.48
C THR D 386 -9.26 10.97 52.73
N GLU D 387 -10.31 10.85 53.55
CA GLU D 387 -11.07 12.01 53.97
C GLU D 387 -10.46 12.62 55.22
N LEU D 388 -10.19 13.93 55.18
CA LEU D 388 -9.62 14.64 56.32
C LEU D 388 -10.62 15.53 57.05
N ARG D 389 -11.78 15.77 56.45
CA ARG D 389 -12.83 16.59 57.04
C ARG D 389 -14.16 15.89 56.79
N ALA D 390 -14.84 15.47 57.86
CA ALA D 390 -16.09 14.74 57.71
C ALA D 390 -17.06 15.49 56.81
N GLY D 391 -17.77 14.75 55.96
CA GLY D 391 -18.71 15.32 55.03
C GLY D 391 -18.10 15.81 53.72
N ALA D 392 -16.78 15.97 53.65
CA ALA D 392 -16.17 16.51 52.44
C ALA D 392 -16.27 15.53 51.27
N VAL D 393 -16.00 14.24 51.52
CA VAL D 393 -15.99 13.29 50.40
C VAL D 393 -17.39 13.13 49.81
N GLN D 394 -18.43 13.11 50.66
CA GLN D 394 -19.80 12.95 50.19
C GLN D 394 -20.17 14.05 49.20
N ARG D 395 -19.87 15.30 49.54
CA ARG D 395 -20.26 16.42 48.68
C ARG D 395 -19.38 16.51 47.45
N ALA D 396 -18.08 16.24 47.59
CA ALA D 396 -17.21 16.27 46.42
C ALA D 396 -17.56 15.13 45.46
N ALA D 397 -17.91 13.96 45.99
CA ALA D 397 -18.22 12.82 45.13
C ALA D 397 -19.44 13.13 44.26
N THR D 398 -20.46 13.73 44.86
CA THR D 398 -21.64 14.11 44.08
C THR D 398 -21.31 15.18 43.05
N ALA D 399 -20.52 16.19 43.43
CA ALA D 399 -20.15 17.23 42.47
C ALA D 399 -19.36 16.67 41.30
N PHE D 400 -18.40 15.78 41.55
CA PHE D 400 -17.62 15.16 40.48
C PHE D 400 -18.45 14.19 39.65
N GLY D 401 -19.59 13.74 40.15
CA GLY D 401 -20.49 12.93 39.34
C GLY D 401 -21.12 13.76 38.24
N TRP D 402 -22.05 13.11 37.52
CA TRP D 402 -22.76 13.75 36.43
C TRP D 402 -23.97 12.90 36.09
N PRO D 403 -25.12 13.47 35.72
CA PRO D 403 -26.32 12.65 35.49
C PRO D 403 -26.21 11.73 34.28
N VAL D 404 -25.22 11.92 33.42
CA VAL D 404 -25.00 11.03 32.28
C VAL D 404 -23.59 10.47 32.41
N ALA D 405 -23.49 9.14 32.51
CA ALA D 405 -22.16 8.55 32.70
C ALA D 405 -21.27 8.85 31.48
N PRO D 406 -19.97 8.99 31.68
CA PRO D 406 -19.08 9.15 30.53
C PRO D 406 -19.06 7.88 29.71
N SER D 407 -18.75 8.03 28.41
CA SER D 407 -18.72 6.87 27.53
C SER D 407 -17.49 6.94 26.63
N ALA D 408 -17.19 5.80 26.03
CA ALA D 408 -15.95 5.67 25.27
C ALA D 408 -16.07 6.37 23.91
N PRO D 409 -15.05 7.09 23.49
CA PRO D 409 -15.03 7.69 22.16
C PRO D 409 -14.70 6.63 21.11
N ASP D 410 -14.70 7.04 19.84
CA ASP D 410 -14.23 6.15 18.79
C ASP D 410 -12.75 5.78 19.02
N ASP D 411 -12.38 4.59 18.53
CA ASP D 411 -11.12 3.93 18.88
C ASP D 411 -9.90 4.75 18.46
N PHE D 412 -8.87 4.72 19.30
CA PHE D 412 -7.54 5.22 18.90
C PHE D 412 -6.47 4.54 19.75
N GLU E 4 -3.09 -50.39 -18.59
CA GLU E 4 -2.21 -51.04 -17.64
C GLU E 4 -1.36 -49.98 -16.92
N LEU E 5 -0.78 -50.33 -15.79
CA LEU E 5 0.04 -49.44 -14.99
C LEU E 5 1.52 -49.60 -15.31
N THR E 6 2.25 -48.49 -15.24
CA THR E 6 3.70 -48.48 -15.43
C THR E 6 4.38 -47.92 -14.18
N LEU E 7 5.33 -48.67 -13.64
CA LEU E 7 6.18 -48.17 -12.57
C LEU E 7 7.36 -47.43 -13.19
N ARG E 8 7.50 -46.14 -12.87
CA ARG E 8 8.58 -45.36 -13.46
C ARG E 8 8.94 -44.19 -12.54
N THR E 9 10.06 -43.54 -12.85
CA THR E 9 10.48 -42.33 -12.17
C THR E 9 9.97 -41.09 -12.89
N ILE E 10 10.06 -39.94 -12.20
CA ILE E 10 9.67 -38.67 -12.81
C ILE E 10 10.62 -38.35 -13.95
N ALA E 11 10.08 -37.95 -15.10
CA ALA E 11 10.86 -37.75 -16.32
C ALA E 11 11.32 -36.30 -16.52
N ASP E 12 10.49 -35.32 -16.18
CA ASP E 12 10.83 -33.92 -16.46
C ASP E 12 10.07 -33.05 -15.48
N GLU E 13 10.12 -31.73 -15.70
CA GLU E 13 9.58 -30.80 -14.70
C GLU E 13 8.05 -30.78 -14.72
N ASP E 14 7.44 -30.85 -15.90
CA ASP E 14 5.98 -30.95 -15.96
C ASP E 14 5.50 -32.24 -15.30
N ASP E 15 6.21 -33.34 -15.57
CA ASP E 15 5.91 -34.61 -14.92
C ASP E 15 6.02 -34.49 -13.40
N TYR E 16 7.01 -33.71 -12.92
CA TYR E 16 7.16 -33.49 -11.49
C TYR E 16 5.95 -32.76 -10.92
N GLU E 17 5.43 -31.77 -11.64
CA GLU E 17 4.25 -31.03 -11.18
C GLU E 17 3.05 -31.96 -11.07
N SER E 18 2.84 -32.80 -12.08
CA SER E 18 1.69 -33.71 -12.09
C SER E 18 1.81 -34.76 -10.98
N TYR E 19 3.02 -35.27 -10.76
CA TYR E 19 3.28 -36.23 -9.68
C TYR E 19 2.95 -35.63 -8.31
N MET E 20 3.51 -34.45 -8.01
CA MET E 20 3.22 -33.84 -6.72
C MET E 20 1.75 -33.48 -6.58
N ALA E 21 1.10 -33.08 -7.67
CA ALA E 21 -0.32 -32.77 -7.61
C ALA E 21 -1.13 -34.00 -7.23
N SER E 22 -0.78 -35.17 -7.77
CA SER E 22 -1.51 -36.37 -7.39
C SER E 22 -1.25 -36.72 -5.93
N ALA E 23 -0.02 -36.51 -5.44
CA ALA E 23 0.27 -36.78 -4.04
C ALA E 23 -0.57 -35.90 -3.12
N TYR E 24 -0.58 -34.59 -3.37
CA TYR E 24 -1.43 -33.71 -2.57
C TYR E 24 -2.91 -34.13 -2.66
N SER E 25 -3.37 -34.51 -3.84
CA SER E 25 -4.77 -34.91 -4.00
C SER E 25 -5.12 -36.09 -3.12
N VAL E 26 -4.21 -37.06 -3.01
CA VAL E 26 -4.50 -38.19 -2.12
C VAL E 26 -4.51 -37.73 -0.67
N PHE E 27 -3.72 -36.72 -0.33
CA PHE E 27 -3.78 -36.17 1.01
C PHE E 27 -4.95 -35.20 1.18
N LEU E 28 -5.87 -35.15 0.22
CA LEU E 28 -7.10 -34.34 0.30
C LEU E 28 -6.80 -32.86 0.39
N ARG E 29 -5.66 -32.43 -0.16
CA ARG E 29 -5.18 -31.06 -0.10
C ARG E 29 -4.99 -30.51 -1.51
N ASP E 30 -5.21 -29.19 -1.66
CA ASP E 30 -4.79 -28.53 -2.88
C ASP E 30 -3.25 -28.53 -2.93
N PRO E 31 -2.67 -28.63 -4.12
CA PRO E 31 -1.20 -28.56 -4.22
C PRO E 31 -0.72 -27.21 -3.70
N GLN E 32 0.34 -27.26 -2.88
CA GLN E 32 0.92 -26.04 -2.32
C GLN E 32 2.09 -25.64 -3.20
N LYS E 33 1.87 -24.61 -4.04
CA LYS E 33 2.88 -24.20 -5.00
C LYS E 33 4.19 -23.81 -4.31
N ASP E 34 4.10 -23.09 -3.19
CA ASP E 34 5.33 -22.66 -2.52
C ASP E 34 6.17 -23.85 -2.07
N GLU E 35 5.54 -24.84 -1.42
CA GLU E 35 6.28 -26.01 -0.95
C GLU E 35 6.83 -26.82 -2.11
N ILE E 36 6.02 -27.01 -3.16
CA ILE E 36 6.42 -27.87 -4.28
C ILE E 36 7.62 -27.28 -5.00
N GLU E 37 7.70 -25.95 -5.08
CA GLU E 37 8.82 -25.35 -5.76
C GLU E 37 10.09 -25.38 -4.91
N VAL E 38 9.98 -25.09 -3.62
CA VAL E 38 11.19 -25.08 -2.80
C VAL E 38 11.75 -26.50 -2.64
N ASN E 39 10.86 -27.48 -2.44
CA ASN E 39 11.33 -28.85 -2.24
C ASN E 39 11.92 -29.48 -3.50
N ARG E 40 11.57 -28.96 -4.67
CA ARG E 40 12.19 -29.47 -5.90
C ARG E 40 13.70 -29.32 -5.86
N LYS E 41 14.21 -28.30 -5.18
CA LYS E 41 15.63 -28.02 -5.23
C LYS E 41 16.48 -29.10 -4.56
N PHE E 42 15.90 -29.92 -3.68
CA PHE E 42 16.67 -31.04 -3.12
C PHE E 42 16.08 -32.40 -3.52
N THR E 43 15.15 -32.41 -4.48
CA THR E 43 14.60 -33.65 -5.02
C THR E 43 15.51 -34.18 -6.13
N GLU E 44 15.69 -35.49 -6.16
CA GLU E 44 16.32 -36.17 -7.28
C GLU E 44 15.25 -36.95 -8.00
N LEU E 45 15.01 -36.60 -9.27
CA LEU E 45 13.88 -37.19 -9.97
C LEU E 45 14.01 -38.70 -10.07
N ASP E 46 15.23 -39.22 -10.09
CA ASP E 46 15.39 -40.67 -10.23
C ASP E 46 15.10 -41.43 -8.94
N ARG E 47 14.93 -40.73 -7.82
CA ARG E 47 14.51 -41.36 -6.57
C ARG E 47 13.02 -41.27 -6.32
N MET E 48 12.26 -40.68 -7.24
CA MET E 48 10.82 -40.49 -7.09
C MET E 48 10.12 -41.44 -8.04
N ILE E 49 9.60 -42.55 -7.51
CA ILE E 49 8.95 -43.55 -8.32
C ILE E 49 7.44 -43.43 -8.15
N GLY E 50 6.70 -44.18 -8.97
CA GLY E 50 5.26 -44.22 -8.82
C GLY E 50 4.67 -45.02 -9.97
N PHE E 51 3.36 -45.12 -9.94
CA PHE E 51 2.62 -45.79 -10.99
C PHE E 51 1.84 -44.76 -11.79
N HIS E 52 1.89 -44.91 -13.12
CA HIS E 52 1.24 -44.00 -14.06
C HIS E 52 0.37 -44.83 -14.99
N ASP E 53 -0.90 -44.45 -15.13
CA ASP E 53 -1.83 -45.22 -15.95
C ASP E 53 -1.91 -44.72 -17.39
N GLY E 54 -0.92 -43.96 -17.85
CA GLY E 54 -0.95 -43.34 -19.16
C GLY E 54 -1.57 -41.95 -19.15
N LYS E 55 -2.64 -41.77 -18.37
CA LYS E 55 -3.30 -40.47 -18.25
C LYS E 55 -2.84 -39.66 -17.04
N LYS E 56 -2.43 -40.31 -15.95
CA LYS E 56 -2.07 -39.59 -14.73
C LYS E 56 -1.32 -40.51 -13.79
N TRP E 57 -0.69 -39.91 -12.77
CA TRP E 57 -0.10 -40.68 -11.69
C TRP E 57 -1.18 -41.20 -10.76
N VAL E 58 -1.11 -42.50 -10.43
CA VAL E 58 -2.05 -43.12 -9.52
C VAL E 58 -1.37 -43.63 -8.25
N ALA E 59 -0.04 -43.51 -8.14
CA ALA E 59 0.67 -43.82 -6.91
C ALA E 59 2.03 -43.15 -6.96
N THR E 60 2.56 -42.84 -5.78
CA THR E 60 3.87 -42.20 -5.65
C THR E 60 4.60 -42.78 -4.47
N THR E 61 5.93 -42.71 -4.55
CA THR E 61 6.83 -43.04 -3.44
C THR E 61 8.18 -42.45 -3.79
N GLY E 62 8.81 -41.74 -2.84
CA GLY E 62 10.08 -41.11 -3.11
C GLY E 62 11.01 -41.19 -1.91
N ALA E 63 12.23 -40.72 -2.13
CA ALA E 63 13.19 -40.60 -1.04
C ALA E 63 14.12 -39.42 -1.33
N PHE E 64 14.46 -38.69 -0.27
CA PHE E 64 15.49 -37.67 -0.34
C PHE E 64 16.81 -38.24 0.14
N SER E 65 17.91 -37.85 -0.50
CA SER E 65 19.25 -38.21 -0.03
C SER E 65 19.60 -37.30 1.13
N ARG E 66 19.53 -37.82 2.36
CA ARG E 66 19.86 -37.00 3.51
C ARG E 66 20.97 -37.67 4.33
N HIS E 67 21.38 -37.01 5.42
CA HIS E 67 22.33 -37.56 6.36
C HIS E 67 21.80 -37.34 7.76
N VAL E 68 22.00 -38.32 8.64
CA VAL E 68 21.42 -38.30 9.97
C VAL E 68 22.50 -38.54 11.03
N VAL E 69 22.32 -37.87 12.18
CA VAL E 69 23.19 -38.07 13.34
C VAL E 69 22.79 -39.33 14.09
N LEU E 70 23.75 -40.21 14.34
CA LEU E 70 23.52 -41.41 15.11
C LEU E 70 24.00 -41.22 16.55
N PRO E 71 23.55 -42.06 17.48
CA PRO E 71 24.16 -42.06 18.82
C PRO E 71 25.68 -42.16 18.72
N GLY E 72 26.37 -41.21 19.34
CA GLY E 72 27.81 -41.11 19.23
C GLY E 72 28.31 -40.02 18.30
N GLY E 73 27.44 -39.48 17.44
CA GLY E 73 27.77 -38.30 16.66
C GLY E 73 28.08 -38.53 15.20
N ALA E 74 28.22 -39.78 14.76
CA ALA E 74 28.47 -40.06 13.35
C ALA E 74 27.31 -39.60 12.47
N VAL E 75 27.64 -39.00 11.33
CA VAL E 75 26.63 -38.50 10.39
C VAL E 75 26.66 -39.39 9.16
N VAL E 76 25.58 -40.16 8.95
CA VAL E 76 25.60 -41.17 7.90
C VAL E 76 24.50 -40.95 6.87
N PRO E 77 24.70 -41.35 5.62
CA PRO E 77 23.64 -41.24 4.62
C PRO E 77 22.41 -42.02 5.03
N VAL E 78 21.24 -41.46 4.72
CA VAL E 78 19.97 -42.10 5.03
C VAL E 78 19.00 -41.75 3.92
N ALA E 79 18.15 -42.71 3.56
CA ALA E 79 17.04 -42.43 2.65
C ALA E 79 15.88 -41.85 3.47
N ALA E 80 15.55 -40.60 3.19
CA ALA E 80 14.46 -39.91 3.88
C ALA E 80 13.22 -40.10 3.02
N VAL E 81 12.44 -41.12 3.36
CA VAL E 81 11.33 -41.57 2.52
C VAL E 81 10.18 -40.57 2.61
N THR E 82 9.51 -40.34 1.48
CA THR E 82 8.63 -39.19 1.36
C THR E 82 7.63 -39.46 0.23
N ALA E 83 6.54 -38.69 0.23
CA ALA E 83 5.63 -38.62 -0.91
C ALA E 83 5.02 -39.98 -1.24
N VAL E 84 4.63 -40.72 -0.21
CA VAL E 84 4.05 -42.06 -0.39
C VAL E 84 2.54 -41.92 -0.45
N THR E 85 1.95 -42.19 -1.62
CA THR E 85 0.50 -42.16 -1.79
C THR E 85 0.08 -43.21 -2.81
N VAL E 86 -1.16 -43.68 -2.67
CA VAL E 86 -1.82 -44.48 -3.69
C VAL E 86 -3.22 -43.90 -3.88
N SER E 87 -3.60 -43.68 -5.12
CA SER E 87 -4.88 -43.04 -5.42
C SER E 87 -6.02 -43.92 -4.90
N PRO E 88 -7.12 -43.32 -4.42
CA PRO E 88 -8.24 -44.13 -3.91
C PRO E 88 -8.87 -45.04 -4.96
N THR E 89 -8.62 -44.80 -6.25
CA THR E 89 -9.11 -45.68 -7.29
C THR E 89 -8.29 -46.96 -7.42
N HIS E 90 -7.12 -47.03 -6.77
CA HIS E 90 -6.20 -48.14 -6.95
C HIS E 90 -5.69 -48.72 -5.63
N ARG E 91 -6.30 -48.36 -4.51
CA ARG E 91 -5.78 -48.73 -3.20
C ARG E 91 -6.10 -50.19 -2.89
N ARG E 92 -5.33 -50.72 -1.94
CA ARG E 92 -5.49 -52.09 -1.42
C ARG E 92 -5.41 -53.12 -2.53
N ARG E 93 -4.53 -52.83 -3.50
CA ARG E 93 -4.17 -53.77 -4.56
C ARG E 93 -2.67 -54.03 -4.58
N GLY E 94 -1.96 -53.63 -3.54
CA GLY E 94 -0.54 -53.92 -3.41
C GLY E 94 0.39 -52.93 -4.09
N LEU E 95 -0.12 -51.79 -4.56
CA LEU E 95 0.76 -50.83 -5.22
C LEU E 95 1.80 -50.28 -4.25
N LEU E 96 1.41 -49.96 -3.01
CA LEU E 96 2.41 -49.52 -2.03
C LEU E 96 3.46 -50.60 -1.81
N THR E 97 3.01 -51.84 -1.60
CA THR E 97 3.94 -52.94 -1.36
C THR E 97 4.92 -53.08 -2.52
N THR E 98 4.43 -52.94 -3.76
CA THR E 98 5.31 -53.02 -4.92
C THR E 98 6.32 -51.87 -4.95
N MET E 99 5.89 -50.67 -4.52
CA MET E 99 6.81 -49.54 -4.49
C MET E 99 7.84 -49.70 -3.37
N MET E 100 7.44 -50.28 -2.24
CA MET E 100 8.39 -50.52 -1.15
C MET E 100 9.42 -51.56 -1.55
N ARG E 101 8.97 -52.63 -2.20
CA ARG E 101 9.87 -53.64 -2.73
C ARG E 101 10.94 -53.01 -3.61
N HIS E 102 10.51 -52.13 -4.53
CA HIS E 102 11.45 -51.46 -5.41
C HIS E 102 12.35 -50.48 -4.64
N GLN E 103 11.74 -49.69 -3.77
CA GLN E 103 12.50 -48.64 -3.08
C GLN E 103 13.54 -49.21 -2.13
N LEU E 104 13.19 -50.26 -1.38
CA LEU E 104 14.15 -50.81 -0.44
C LEU E 104 15.32 -51.45 -1.15
N ALA E 105 15.09 -52.01 -2.35
CA ALA E 105 16.20 -52.51 -3.15
C ALA E 105 17.05 -51.36 -3.67
N ASP E 106 16.40 -50.25 -4.06
CA ASP E 106 17.15 -49.10 -4.55
C ASP E 106 18.00 -48.47 -3.45
N ILE E 107 17.43 -48.29 -2.26
CA ILE E 107 18.18 -47.76 -1.12
C ILE E 107 19.40 -48.63 -0.85
N ARG E 108 19.20 -49.96 -0.84
CA ARG E 108 20.30 -50.88 -0.60
C ARG E 108 21.42 -50.67 -1.61
N SER E 109 21.06 -50.53 -2.89
CA SER E 109 22.07 -50.44 -3.94
C SER E 109 22.83 -49.12 -3.88
N ARG E 110 22.19 -48.07 -3.38
CA ARG E 110 22.83 -46.77 -3.23
C ARG E 110 23.80 -46.71 -2.06
N GLY E 111 23.93 -47.78 -1.27
CA GLY E 111 24.84 -47.78 -0.14
C GLY E 111 24.34 -47.08 1.11
N GLU E 112 23.05 -46.75 1.18
CA GLU E 112 22.48 -46.23 2.42
C GLU E 112 22.15 -47.40 3.35
N SER E 113 22.62 -47.32 4.60
CA SER E 113 22.40 -48.43 5.51
C SER E 113 21.02 -48.42 6.15
N LEU E 114 20.30 -47.30 6.08
CA LEU E 114 18.97 -47.26 6.69
C LEU E 114 18.09 -46.24 5.97
N ALA E 115 16.79 -46.36 6.22
CA ALA E 115 15.79 -45.40 5.79
C ALA E 115 15.05 -44.87 7.03
N MET E 116 14.50 -43.67 6.90
CA MET E 116 13.71 -43.07 7.97
C MET E 116 12.51 -42.35 7.37
N LEU E 117 11.38 -42.39 8.08
CA LEU E 117 10.21 -41.67 7.62
C LEU E 117 9.36 -41.26 8.81
N PHE E 118 8.54 -40.23 8.58
CA PHE E 118 7.36 -39.93 9.37
C PHE E 118 6.18 -40.66 8.74
N ALA E 119 5.21 -41.05 9.55
CA ALA E 119 4.07 -41.83 9.03
C ALA E 119 2.76 -41.11 9.30
N SER E 120 1.95 -40.94 8.26
CA SER E 120 0.58 -40.46 8.47
C SER E 120 -0.17 -41.38 9.42
N GLU E 121 -0.02 -42.70 9.25
CA GLU E 121 -0.60 -43.70 10.15
C GLU E 121 0.47 -44.75 10.40
N ALA E 122 0.92 -44.87 11.65
CA ALA E 122 2.15 -45.61 11.92
C ALA E 122 2.06 -47.08 11.51
N LEU E 123 0.86 -47.67 11.59
CA LEU E 123 0.71 -49.10 11.32
C LEU E 123 0.98 -49.47 9.87
N ILE E 124 1.17 -48.49 8.99
CA ILE E 124 1.42 -48.78 7.57
C ILE E 124 2.73 -49.55 7.38
N TYR E 125 3.78 -49.16 8.09
CA TYR E 125 5.14 -49.50 7.63
C TYR E 125 5.81 -50.64 8.37
N GLY E 126 5.27 -51.09 9.51
CA GLY E 126 5.91 -52.20 10.22
C GLY E 126 6.05 -53.44 9.35
N ARG E 127 5.06 -53.68 8.48
CA ARG E 127 5.08 -54.86 7.60
C ARG E 127 6.26 -54.82 6.64
N PHE E 128 6.86 -53.66 6.41
CA PHE E 128 8.00 -53.53 5.54
C PHE E 128 9.32 -53.50 6.30
N GLY E 129 9.28 -53.65 7.62
CA GLY E 129 10.47 -53.67 8.44
C GLY E 129 10.80 -52.37 9.14
N TYR E 130 9.93 -51.35 9.03
CA TYR E 130 10.12 -50.12 9.79
C TYR E 130 9.67 -50.30 11.23
N GLY E 131 10.43 -49.73 12.17
CA GLY E 131 10.00 -49.64 13.55
C GLY E 131 10.02 -48.21 14.06
N VAL E 132 8.99 -47.84 14.83
CA VAL E 132 9.02 -46.54 15.48
C VAL E 132 10.21 -46.50 16.42
N ALA E 133 11.15 -45.59 16.15
CA ALA E 133 12.40 -45.50 16.88
C ALA E 133 12.55 -44.21 17.67
N THR E 134 11.81 -43.17 17.31
CA THR E 134 11.90 -41.88 17.96
C THR E 134 10.49 -41.38 18.21
N GLU E 135 10.26 -40.83 19.40
CA GLU E 135 9.00 -40.17 19.72
C GLU E 135 9.22 -38.67 19.76
N SER E 136 8.14 -37.91 19.63
CA SER E 136 8.27 -36.48 19.83
C SER E 136 7.22 -36.02 20.83
N ALA E 137 7.47 -34.83 21.39
CA ALA E 137 6.65 -34.26 22.43
C ALA E 137 6.07 -32.95 21.94
N GLU E 138 4.75 -32.79 22.05
CA GLU E 138 4.17 -31.45 22.00
C GLU E 138 4.23 -30.89 23.41
N LEU E 139 5.03 -29.84 23.60
CA LEU E 139 5.18 -29.19 24.90
C LEU E 139 4.40 -27.88 24.87
N SER E 140 3.57 -27.65 25.88
CA SER E 140 2.73 -26.46 25.83
C SER E 140 2.35 -26.03 27.23
N GLY E 141 1.96 -24.76 27.35
CA GLY E 141 1.48 -24.31 28.63
C GLY E 141 1.27 -22.81 28.65
N GLN E 142 0.81 -22.35 29.82
CA GLN E 142 0.63 -20.93 30.07
C GLN E 142 1.99 -20.34 30.42
N VAL E 143 2.44 -19.35 29.65
CA VAL E 143 3.79 -18.81 29.84
C VAL E 143 3.94 -18.26 31.25
N ARG E 144 2.86 -17.77 31.86
CA ARG E 144 3.00 -17.23 33.21
C ARG E 144 3.19 -18.30 34.26
N GLU E 145 3.08 -19.57 33.89
CA GLU E 145 3.32 -20.71 34.77
CA GLU E 145 3.36 -20.65 34.83
C GLU E 145 4.68 -21.35 34.51
N LEU E 146 5.47 -20.81 33.58
CA LEU E 146 6.70 -21.47 33.13
C LEU E 146 7.96 -20.77 33.61
N ALA E 147 7.94 -20.20 34.81
CA ALA E 147 9.16 -19.67 35.38
C ALA E 147 10.22 -20.78 35.53
N PHE E 148 11.48 -20.39 35.43
CA PHE E 148 12.58 -21.34 35.56
C PHE E 148 12.98 -21.53 37.02
N ARG E 149 13.67 -22.65 37.28
CA ARG E 149 14.28 -22.84 38.58
C ARG E 149 15.24 -21.68 38.86
N PRO E 150 15.44 -21.33 40.13
CA PRO E 150 16.25 -20.14 40.44
C PRO E 150 17.72 -20.24 40.06
N THR E 151 18.27 -21.44 39.88
CA THR E 151 19.67 -21.57 39.51
C THR E 151 19.91 -21.55 38.01
N VAL E 152 18.86 -21.39 37.21
CA VAL E 152 19.01 -21.40 35.75
C VAL E 152 19.66 -20.09 35.32
N ASP E 153 20.87 -20.18 34.79
CA ASP E 153 21.67 -19.02 34.42
C ASP E 153 21.29 -18.61 33.01
N LEU E 154 20.83 -17.36 32.84
CA LEU E 154 20.50 -16.84 31.52
C LEU E 154 21.70 -16.21 30.81
N GLY E 155 22.83 -16.08 31.50
CA GLY E 155 23.99 -15.49 30.86
C GLY E 155 23.76 -14.01 30.60
N ASP E 156 24.61 -13.48 29.71
CA ASP E 156 24.60 -12.04 29.45
C ASP E 156 24.38 -11.73 27.97
N GLY E 157 23.89 -12.69 27.20
CA GLY E 157 23.68 -12.47 25.80
C GLY E 157 22.47 -11.60 25.53
N THR E 158 22.27 -11.30 24.24
CA THR E 158 21.20 -10.44 23.76
C THR E 158 20.51 -11.12 22.58
N LEU E 159 19.30 -10.67 22.28
CA LEU E 159 18.50 -11.24 21.19
C LEU E 159 18.10 -10.18 20.20
N GLU E 160 18.02 -10.57 18.93
CA GLU E 160 17.49 -9.70 17.90
C GLU E 160 16.48 -10.46 17.05
N GLU E 161 15.39 -9.78 16.69
CA GLU E 161 14.50 -10.29 15.65
CA GLU E 161 14.49 -10.27 15.65
C GLU E 161 15.11 -9.94 14.30
N VAL E 162 15.19 -10.92 13.40
CA VAL E 162 15.91 -10.71 12.15
C VAL E 162 15.10 -11.23 10.99
N SER E 163 15.50 -10.81 9.79
CA SER E 163 14.93 -11.33 8.56
C SER E 163 15.34 -12.78 8.35
N ALA E 164 14.63 -13.47 7.45
CA ALA E 164 15.05 -14.80 7.05
C ALA E 164 16.49 -14.79 6.55
N GLU E 165 16.86 -13.79 5.76
CA GLU E 165 18.21 -13.74 5.19
C GLU E 165 19.27 -13.66 6.29
N THR E 166 19.10 -12.75 7.23
CA THR E 166 20.05 -12.61 8.34
C THR E 166 20.08 -13.88 9.17
N PHE E 167 18.92 -14.49 9.42
CA PHE E 167 18.83 -15.72 10.18
C PHE E 167 19.64 -16.82 9.52
N LEU E 168 19.50 -16.96 8.20
CA LEU E 168 20.16 -18.02 7.45
C LEU E 168 21.66 -17.79 7.31
N ALA E 169 22.17 -16.64 7.73
CA ALA E 169 23.61 -16.39 7.72
C ALA E 169 24.30 -16.88 8.98
N SER E 170 23.54 -17.19 10.03
CA SER E 170 24.10 -17.60 11.30
C SER E 170 23.54 -18.92 11.81
N ALA E 171 22.25 -19.17 11.60
CA ALA E 171 21.63 -20.38 12.15
C ALA E 171 22.27 -21.66 11.66
N PRO E 172 22.67 -21.81 10.38
CA PRO E 172 23.25 -23.09 9.97
C PRO E 172 24.49 -23.49 10.76
N ALA E 173 25.36 -22.53 11.11
CA ALA E 173 26.56 -22.89 11.86
C ALA E 173 26.21 -23.26 13.30
N ILE E 174 25.23 -22.58 13.88
CA ILE E 174 24.77 -22.96 15.22
C ILE E 174 24.23 -24.38 15.20
N TYR E 175 23.36 -24.66 14.24
CA TYR E 175 22.75 -25.97 14.08
C TYR E 175 23.81 -27.07 13.89
N ASP E 176 24.76 -26.84 12.97
CA ASP E 176 25.80 -27.83 12.70
C ASP E 176 26.59 -28.17 13.95
N ALA E 177 26.82 -27.19 14.82
CA ALA E 177 27.63 -27.41 16.01
C ALA E 177 26.86 -28.16 17.08
N VAL E 178 25.53 -28.05 17.09
CA VAL E 178 24.73 -28.66 18.15
C VAL E 178 24.34 -30.10 17.82
N ILE E 179 23.97 -30.39 16.58
CA ILE E 179 23.30 -31.65 16.29
C ILE E 179 24.13 -32.92 16.51
N PRO E 180 25.48 -32.91 16.50
CA PRO E 180 26.18 -34.16 16.85
C PRO E 180 25.80 -34.70 18.22
N GLY E 181 25.26 -33.86 19.11
CA GLY E 181 24.76 -34.32 20.39
C GLY E 181 23.30 -34.67 20.43
N LEU E 182 22.61 -34.60 19.29
CA LEU E 182 21.16 -34.83 19.19
C LEU E 182 20.90 -35.89 18.14
N PRO E 183 21.03 -37.17 18.49
CA PRO E 183 20.80 -38.23 17.50
C PRO E 183 19.39 -38.11 16.92
N GLY E 184 19.27 -38.39 15.62
CA GLY E 184 18.02 -38.24 14.91
C GLY E 184 17.92 -36.97 14.09
N GLN E 185 18.64 -35.92 14.48
CA GLN E 185 18.69 -34.72 13.66
C GLN E 185 19.39 -35.02 12.35
N MET E 186 18.96 -34.33 11.29
CA MET E 186 19.53 -34.51 9.95
C MET E 186 20.29 -33.27 9.50
N SER E 187 21.32 -33.48 8.69
CA SER E 187 22.04 -32.35 8.10
C SER E 187 21.09 -31.48 7.29
N ARG E 188 21.37 -30.18 7.28
CA ARG E 188 20.58 -29.23 6.49
C ARG E 188 21.51 -28.48 5.56
N THR E 189 21.35 -28.73 4.26
CA THR E 189 21.96 -27.95 3.22
C THR E 189 21.24 -26.60 3.13
N PRO E 190 21.78 -25.63 2.37
CA PRO E 190 20.99 -24.42 2.12
C PRO E 190 19.59 -24.70 1.57
N GLU E 191 19.46 -25.73 0.73
CA GLU E 191 18.16 -26.04 0.14
C GLU E 191 17.19 -26.56 1.19
N TRP E 192 17.67 -27.36 2.14
CA TRP E 192 16.79 -27.81 3.22
C TRP E 192 16.41 -26.66 4.13
N TRP E 193 17.37 -25.78 4.46
CA TRP E 193 17.05 -24.59 5.25
C TRP E 193 15.97 -23.76 4.57
N ALA E 194 16.04 -23.63 3.24
CA ALA E 194 15.04 -22.84 2.52
C ALA E 194 13.65 -23.41 2.69
N SER E 195 13.54 -24.75 2.66
CA SER E 195 12.23 -25.37 2.91
C SER E 195 11.80 -25.16 4.36
N TRP E 196 12.72 -25.36 5.30
CA TRP E 196 12.39 -25.34 6.72
C TRP E 196 11.94 -23.96 7.18
N THR E 197 12.47 -22.90 6.57
CA THR E 197 12.15 -21.53 6.94
C THR E 197 11.11 -20.90 6.02
N LEU E 198 10.53 -21.68 5.11
CA LEU E 198 9.52 -21.16 4.21
C LEU E 198 8.32 -20.63 4.99
N ASP E 199 7.90 -19.41 4.67
CA ASP E 199 6.72 -18.80 5.31
C ASP E 199 5.47 -19.33 4.59
N SER E 200 5.22 -20.62 4.81
CA SER E 200 4.17 -21.31 4.08
C SER E 200 2.79 -20.72 4.38
N GLU E 201 1.95 -20.66 3.35
CA GLU E 201 0.62 -20.09 3.51
C GLU E 201 -0.25 -20.94 4.42
N GLU E 202 0.04 -22.24 4.52
CA GLU E 202 -0.73 -23.12 5.39
C GLU E 202 -0.54 -22.75 6.86
N LEU E 203 0.72 -22.59 7.28
CA LEU E 203 1.00 -22.28 8.68
C LEU E 203 0.61 -20.86 9.05
N GLN E 204 0.54 -19.94 8.07
CA GLN E 204 0.10 -18.58 8.37
C GLN E 204 -1.36 -18.56 8.80
N LYS E 205 -2.22 -19.31 8.11
CA LYS E 205 -3.65 -19.31 8.41
C LYS E 205 -3.91 -19.78 9.85
N GLU E 206 -3.10 -20.70 10.35
CA GLU E 206 -3.26 -21.20 11.71
C GLU E 206 -2.70 -20.25 12.75
N SER E 207 -1.72 -19.42 12.38
CA SER E 207 -1.08 -18.55 13.36
C SER E 207 -0.71 -17.20 12.75
N GLY E 208 0.51 -17.06 12.27
CA GLY E 208 0.96 -15.81 11.69
C GLY E 208 2.23 -16.04 10.91
N LYS E 209 2.75 -14.96 10.35
CA LYS E 209 3.97 -15.06 9.56
C LYS E 209 5.15 -15.51 10.42
N VAL E 210 6.04 -16.29 9.81
CA VAL E 210 7.16 -16.87 10.54
C VAL E 210 8.15 -15.77 10.94
N ARG E 211 8.71 -15.91 12.13
CA ARG E 211 9.65 -14.95 12.69
C ARG E 211 10.92 -15.67 13.13
N PHE E 212 12.02 -14.94 13.06
CA PHE E 212 13.35 -15.47 13.30
C PHE E 212 14.02 -14.65 14.39
N VAL E 213 14.66 -15.35 15.34
CA VAL E 213 15.37 -14.72 16.44
C VAL E 213 16.78 -15.28 16.50
N LEU E 214 17.76 -14.40 16.73
CA LEU E 214 19.13 -14.81 16.97
C LEU E 214 19.54 -14.38 18.38
N HIS E 215 20.30 -15.25 19.04
CA HIS E 215 20.88 -14.97 20.35
C HIS E 215 22.39 -14.79 20.18
N TYR E 216 22.91 -13.66 20.67
CA TYR E 216 24.34 -13.36 20.58
C TYR E 216 25.00 -13.41 21.94
N GLU E 217 26.19 -13.99 21.99
CA GLU E 217 27.05 -13.91 23.17
C GLU E 217 27.52 -12.47 23.37
N SER E 218 28.14 -12.22 24.54
CA SER E 218 28.65 -10.88 24.83
C SER E 218 29.69 -10.42 23.81
N ASP E 219 30.46 -11.35 23.24
CA ASP E 219 31.46 -10.97 22.25
C ASP E 219 30.87 -10.86 20.84
N GLY E 220 29.55 -10.98 20.69
CA GLY E 220 28.90 -10.83 19.39
C GLY E 220 28.68 -12.13 18.63
N THR E 221 29.21 -13.25 19.10
CA THR E 221 29.03 -14.52 18.40
C THR E 221 27.59 -14.96 18.49
N ALA E 222 27.01 -15.36 17.35
CA ALA E 222 25.68 -15.96 17.35
C ALA E 222 25.77 -17.35 17.98
N SER E 223 24.97 -17.59 19.03
CA SER E 223 25.04 -18.86 19.74
C SER E 223 23.68 -19.51 19.95
N GLY E 224 22.61 -18.91 19.47
CA GLY E 224 21.30 -19.54 19.58
C GLY E 224 20.35 -18.93 18.58
N PHE E 225 19.24 -19.62 18.34
CA PHE E 225 18.22 -19.09 17.46
C PHE E 225 16.86 -19.65 17.83
N ALA E 226 15.81 -18.98 17.34
CA ALA E 226 14.44 -19.45 17.46
C ALA E 226 13.69 -19.14 16.18
N ILE E 227 12.79 -20.04 15.81
CA ILE E 227 11.82 -19.86 14.74
C ILE E 227 10.44 -20.02 15.37
N TYR E 228 9.58 -19.02 15.20
CA TYR E 228 8.27 -19.10 15.83
C TYR E 228 7.26 -18.28 15.03
N ARG E 229 5.99 -18.55 15.28
CA ARG E 229 4.91 -17.80 14.67
C ARG E 229 3.98 -17.30 15.78
N PRO E 230 3.57 -16.04 15.73
CA PRO E 230 2.59 -15.55 16.70
C PRO E 230 1.17 -15.77 16.23
N LYS E 231 0.28 -15.95 17.20
CA LYS E 231 -1.15 -16.05 16.95
C LYS E 231 -1.84 -15.06 17.87
N PRO E 232 -2.18 -13.87 17.38
CA PRO E 232 -2.80 -12.87 18.25
C PRO E 232 -4.16 -13.35 18.75
N GLY E 233 -4.58 -12.80 19.88
CA GLY E 233 -5.84 -13.20 20.45
C GLY E 233 -6.16 -12.36 21.67
N TRP E 234 -7.44 -12.26 21.97
CA TRP E 234 -7.89 -11.53 23.15
C TRP E 234 -8.95 -12.35 23.85
N GLY E 235 -8.92 -12.32 25.19
CA GLY E 235 -9.88 -13.01 25.99
C GLY E 235 -10.85 -12.05 26.66
N ASP E 236 -11.64 -12.61 27.58
CA ASP E 236 -12.62 -11.82 28.31
C ASP E 236 -11.98 -10.91 29.34
N ALA E 237 -10.72 -11.12 29.68
CA ALA E 237 -10.07 -10.40 30.76
C ALA E 237 -8.72 -9.81 30.36
N GLY E 238 -8.41 -9.73 29.07
CA GLY E 238 -7.14 -9.21 28.62
C GLY E 238 -6.60 -9.98 27.43
N PRO E 239 -5.35 -9.73 27.07
CA PRO E 239 -4.77 -10.41 25.90
C PRO E 239 -4.63 -11.90 26.12
N ASN E 240 -4.55 -12.64 25.01
CA ASN E 240 -4.48 -14.10 25.06
C ASN E 240 -3.74 -14.65 23.84
N ALA E 241 -2.63 -14.02 23.47
CA ALA E 241 -1.92 -14.47 22.28
C ALA E 241 -1.19 -15.79 22.55
N GLU E 242 -0.84 -16.48 21.47
CA GLU E 242 -0.12 -17.74 21.56
C GLU E 242 1.13 -17.67 20.71
N LEU E 243 2.20 -18.29 21.18
CA LEU E 243 3.39 -18.46 20.37
C LEU E 243 3.47 -19.92 19.94
N HIS E 244 3.60 -20.14 18.64
CA HIS E 244 3.80 -21.48 18.09
C HIS E 244 5.27 -21.59 17.71
N VAL E 245 6.00 -22.38 18.46
CA VAL E 245 7.45 -22.45 18.31
C VAL E 245 7.77 -23.60 17.37
N GLN E 246 8.57 -23.32 16.35
CA GLN E 246 9.01 -24.36 15.41
C GLN E 246 10.34 -24.99 15.81
N GLU E 247 11.25 -24.23 16.42
CA GLU E 247 12.59 -24.71 16.78
C GLU E 247 13.30 -23.68 17.66
N VAL E 248 13.96 -24.16 18.71
CA VAL E 248 14.88 -23.36 19.51
C VAL E 248 16.14 -24.19 19.74
N LEU E 249 17.31 -23.59 19.48
CA LEU E 249 18.59 -24.25 19.71
C LEU E 249 19.60 -23.24 20.25
N GLY E 250 20.54 -23.74 21.03
CA GLY E 250 21.65 -22.93 21.50
C GLY E 250 22.88 -23.79 21.67
N THR E 251 24.05 -23.17 21.57
CA THR E 251 25.29 -23.93 21.68
C THR E 251 25.77 -24.07 23.13
N ASN E 252 25.13 -23.39 24.08
CA ASN E 252 25.46 -23.57 25.50
C ASN E 252 24.17 -23.40 26.30
N PRO E 253 24.16 -23.81 27.57
CA PRO E 253 22.90 -23.77 28.33
C PRO E 253 22.37 -22.37 28.54
N ARG E 254 23.24 -21.36 28.61
CA ARG E 254 22.76 -19.99 28.81
C ARG E 254 22.04 -19.46 27.57
N SER E 255 22.59 -19.69 26.38
CA SER E 255 21.91 -19.20 25.19
C SER E 255 20.60 -19.94 24.95
N TYR E 256 20.54 -21.22 25.26
CA TYR E 256 19.27 -21.96 25.17
C TYR E 256 18.24 -21.38 26.14
N ALA E 257 18.61 -21.24 27.41
CA ALA E 257 17.67 -20.74 28.41
C ALA E 257 17.24 -19.30 28.14
N ARG E 258 18.16 -18.45 27.72
CA ARG E 258 17.82 -17.05 27.48
CA ARG E 258 17.81 -17.05 27.49
C ARG E 258 16.88 -16.92 26.28
N THR E 259 17.10 -17.72 25.24
CA THR E 259 16.23 -17.66 24.07
C THR E 259 14.82 -18.11 24.43
N TRP E 260 14.68 -19.20 25.21
CA TRP E 260 13.36 -19.59 25.70
C TRP E 260 12.75 -18.52 26.57
N ARG E 261 13.55 -17.93 27.47
CA ARG E 261 13.02 -16.90 28.37
C ARG E 261 12.52 -15.70 27.56
N TYR E 262 13.23 -15.34 26.49
CA TYR E 262 12.78 -14.26 25.63
C TYR E 262 11.38 -14.53 25.06
N LEU E 263 11.13 -15.76 24.60
CA LEU E 263 9.80 -16.10 24.09
C LEU E 263 8.77 -16.11 25.22
N LEU E 264 9.12 -16.69 26.36
CA LEU E 264 8.15 -16.88 27.45
C LEU E 264 7.72 -15.56 28.06
N ASP E 265 8.57 -14.54 27.99
CA ASP E 265 8.31 -13.25 28.62
C ASP E 265 7.71 -12.22 27.66
N MET E 266 7.39 -12.60 26.45
CA MET E 266 6.85 -11.67 25.46
C MET E 266 5.49 -11.15 25.91
N ASP E 267 5.28 -9.84 25.77
CA ASP E 267 4.02 -9.24 26.21
C ASP E 267 2.86 -9.67 25.30
N LEU E 268 1.66 -9.70 25.90
CA LEU E 268 0.39 -10.07 25.26
C LEU E 268 0.24 -11.57 25.13
N VAL E 269 1.35 -12.30 25.19
CA VAL E 269 1.32 -13.76 25.09
C VAL E 269 0.83 -14.35 26.40
N ARG E 270 0.00 -15.38 26.31
CA ARG E 270 -0.38 -16.17 27.48
C ARG E 270 -0.10 -17.66 27.32
N LYS E 271 0.05 -18.15 26.09
CA LYS E 271 0.16 -19.58 25.81
C LYS E 271 1.33 -19.80 24.87
N ILE E 272 2.05 -20.91 25.07
CA ILE E 272 3.11 -21.27 24.15
C ILE E 272 2.93 -22.75 23.79
N LYS E 273 3.29 -23.08 22.56
CA LYS E 273 3.20 -24.45 22.08
C LYS E 273 4.45 -24.75 21.26
N TYR E 274 5.11 -25.86 21.58
CA TYR E 274 6.30 -26.30 20.84
C TYR E 274 6.01 -27.70 20.34
N HIS E 275 5.72 -27.84 19.04
CA HIS E 275 5.46 -29.14 18.44
C HIS E 275 6.77 -29.78 18.02
N GLY E 276 6.82 -31.10 18.11
CA GLY E 276 7.97 -31.82 17.62
C GLY E 276 9.18 -31.79 18.52
N ALA E 277 9.02 -31.37 19.78
CA ALA E 277 10.15 -31.31 20.70
C ALA E 277 10.64 -32.71 21.07
N SER E 278 11.77 -32.75 21.76
CA SER E 278 12.26 -34.02 22.29
C SER E 278 11.49 -34.40 23.54
N VAL E 279 11.30 -35.71 23.75
CA VAL E 279 10.69 -36.14 25.01
C VAL E 279 11.60 -35.89 26.19
N GLN E 280 12.87 -35.55 25.94
CA GLN E 280 13.82 -35.12 26.96
C GLN E 280 14.34 -33.72 26.67
N GLU E 281 13.48 -32.88 26.06
CA GLU E 281 13.83 -31.49 25.79
C GLU E 281 14.33 -30.80 27.06
N GLU E 282 15.46 -30.07 26.96
CA GLU E 282 16.02 -29.44 28.16
C GLU E 282 15.01 -28.56 28.87
N LEU E 283 14.16 -27.87 28.11
CA LEU E 283 13.14 -27.00 28.69
C LEU E 283 12.31 -27.72 29.75
N ARG E 284 12.04 -29.01 29.54
CA ARG E 284 11.21 -29.74 30.51
C ARG E 284 11.79 -29.70 31.90
N TYR E 285 13.12 -29.59 32.01
CA TYR E 285 13.77 -29.62 33.31
C TYR E 285 14.15 -28.24 33.81
N LEU E 286 14.14 -27.23 32.93
CA LEU E 286 14.43 -25.87 33.39
C LEU E 286 13.29 -25.30 34.23
N VAL E 287 12.04 -25.70 33.95
CA VAL E 287 10.91 -25.03 34.57
C VAL E 287 10.83 -25.42 36.05
N ALA E 288 10.43 -24.45 36.87
CA ALA E 288 10.34 -24.69 38.30
C ALA E 288 9.23 -25.67 38.64
N ASN E 289 8.11 -25.61 37.90
CA ASN E 289 6.95 -26.48 38.15
C ASN E 289 6.80 -27.44 36.97
N HIS E 290 7.34 -28.65 37.13
CA HIS E 290 7.37 -29.65 36.07
C HIS E 290 6.06 -29.75 35.29
N PRO E 291 4.89 -29.96 35.90
CA PRO E 291 3.67 -30.18 35.10
C PRO E 291 3.12 -28.93 34.44
N SER E 292 3.60 -27.73 34.77
CA SER E 292 3.15 -26.56 34.05
C SER E 292 3.46 -26.66 32.56
N LEU E 293 4.46 -27.45 32.17
CA LEU E 293 4.77 -27.68 30.77
C LEU E 293 4.12 -29.01 30.38
N GLU E 294 2.92 -28.94 29.82
CA GLU E 294 2.21 -30.15 29.42
C GLU E 294 2.99 -30.87 28.33
N CYS E 295 2.87 -32.20 28.31
CA CYS E 295 3.75 -33.02 27.47
C CYS E 295 2.93 -34.14 26.85
N VAL E 296 2.67 -34.07 25.56
CA VAL E 296 1.92 -35.08 24.83
C VAL E 296 2.85 -35.76 23.85
N VAL E 297 2.92 -37.09 23.94
CA VAL E 297 3.98 -37.87 23.30
C VAL E 297 3.36 -38.75 22.22
N SER E 298 3.94 -38.73 21.03
CA SER E 298 3.52 -39.64 19.96
C SER E 298 4.73 -40.08 19.15
N ASP E 299 4.48 -40.99 18.21
CA ASP E 299 5.52 -41.50 17.32
C ASP E 299 6.06 -40.38 16.43
N ALA E 300 7.36 -40.41 16.18
CA ALA E 300 7.97 -39.45 15.27
C ALA E 300 8.58 -40.19 14.09
N ILE E 301 9.81 -40.69 14.22
CA ILE E 301 10.53 -41.32 13.11
C ILE E 301 10.47 -42.84 13.23
N GLN E 302 10.22 -43.51 12.11
CA GLN E 302 10.45 -44.95 12.01
C GLN E 302 11.75 -45.21 11.26
N VAL E 303 12.47 -46.24 11.70
CA VAL E 303 13.75 -46.61 11.13
C VAL E 303 13.59 -47.96 10.41
N ARG E 304 14.18 -48.05 9.22
CA ARG E 304 14.28 -49.30 8.48
C ARG E 304 15.76 -49.59 8.31
N LEU E 305 16.28 -50.61 9.01
CA LEU E 305 17.67 -51.00 8.82
C LEU E 305 17.75 -51.80 7.53
N VAL E 306 18.53 -51.32 6.58
CA VAL E 306 18.64 -51.93 5.27
C VAL E 306 19.90 -52.78 5.15
N ASP E 307 21.03 -52.25 5.63
CA ASP E 307 22.28 -53.00 5.77
C ASP E 307 22.52 -53.16 7.27
N ILE E 308 22.11 -54.30 7.81
CA ILE E 308 22.10 -54.50 9.26
C ILE E 308 23.50 -54.40 9.86
N PRO E 309 24.48 -55.20 9.43
CA PRO E 309 25.79 -55.11 10.12
C PRO E 309 26.45 -53.76 9.95
N ARG E 310 26.20 -53.07 8.84
CA ARG E 310 26.79 -51.75 8.68
C ARG E 310 26.10 -50.73 9.58
N ALA E 311 24.77 -50.72 9.60
CA ALA E 311 24.08 -49.79 10.49
C ALA E 311 24.49 -50.01 11.94
N LEU E 312 24.61 -51.27 12.37
CA LEU E 312 24.97 -51.50 13.77
C LEU E 312 26.41 -51.08 14.07
N ALA E 313 27.28 -51.11 13.07
CA ALA E 313 28.66 -50.69 13.26
C ALA E 313 28.85 -49.18 13.12
N GLN E 314 27.85 -48.47 12.58
CA GLN E 314 27.99 -47.03 12.36
C GLN E 314 27.67 -46.20 13.60
N ARG E 315 26.80 -46.68 14.49
CA ARG E 315 26.52 -45.94 15.72
C ARG E 315 27.47 -46.37 16.82
N ARG E 316 27.42 -45.66 17.95
CA ARG E 316 28.16 -46.07 19.14
C ARG E 316 27.17 -46.44 20.23
N TYR E 317 27.67 -47.18 21.23
CA TYR E 317 26.83 -47.79 22.24
C TYR E 317 27.15 -47.21 23.61
N ALA E 318 26.11 -47.05 24.43
CA ALA E 318 26.20 -46.33 25.70
C ALA E 318 27.10 -47.05 26.69
N ALA E 319 27.27 -48.35 26.54
CA ALA E 319 28.18 -49.13 27.36
C ALA E 319 28.60 -50.32 26.52
N ASP E 320 29.54 -51.10 27.05
CA ASP E 320 30.07 -52.24 26.30
C ASP E 320 29.01 -53.29 26.07
N VAL E 321 29.06 -53.94 24.91
CA VAL E 321 28.14 -55.03 24.62
C VAL E 321 28.85 -56.04 23.72
N ASP E 322 28.54 -57.31 23.95
CA ASP E 322 29.01 -58.40 23.08
C ASP E 322 27.87 -59.41 23.05
N VAL E 323 27.06 -59.36 21.99
CA VAL E 323 25.81 -60.09 21.97
C VAL E 323 25.57 -60.64 20.57
N VAL E 324 24.93 -61.78 20.50
CA VAL E 324 24.58 -62.42 19.24
C VAL E 324 23.09 -62.26 19.05
N LEU E 325 22.70 -61.60 17.95
CA LEU E 325 21.30 -61.32 17.64
C LEU E 325 20.84 -62.22 16.51
N GLU E 326 19.82 -63.03 16.77
CA GLU E 326 19.13 -63.78 15.72
C GLU E 326 18.05 -62.87 15.14
N VAL E 327 18.30 -62.31 13.96
CA VAL E 327 17.42 -61.31 13.36
C VAL E 327 16.57 -61.95 12.27
N THR E 328 15.26 -61.78 12.37
CA THR E 328 14.32 -62.17 11.31
C THR E 328 13.83 -60.93 10.61
N ASP E 329 14.08 -60.83 9.31
CA ASP E 329 13.67 -59.70 8.49
C ASP E 329 12.57 -60.19 7.55
N ASP E 330 11.32 -59.83 7.84
CA ASP E 330 10.21 -60.42 7.11
C ASP E 330 10.15 -59.92 5.67
N PHE E 331 10.27 -58.61 5.45
CA PHE E 331 10.11 -58.10 4.10
C PHE E 331 11.39 -58.17 3.28
N LEU E 332 12.56 -58.16 3.92
CA LEU E 332 13.85 -58.33 3.25
C LEU E 332 14.54 -59.54 3.84
N PRO E 333 14.02 -60.75 3.56
CA PRO E 333 14.63 -61.95 4.15
C PRO E 333 16.09 -62.13 3.81
N GLU E 334 16.58 -61.50 2.75
CA GLU E 334 18.00 -61.51 2.46
C GLU E 334 18.82 -60.97 3.62
N ASN E 335 18.21 -60.24 4.56
CA ASN E 335 18.89 -59.72 5.73
C ASN E 335 18.82 -60.64 6.93
N SER E 336 17.92 -61.62 6.92
CA SER E 336 17.79 -62.50 8.08
C SER E 336 19.10 -63.23 8.34
N GLY E 337 19.50 -63.29 9.61
CA GLY E 337 20.75 -63.94 9.93
C GLY E 337 21.07 -63.74 11.39
N ARG E 338 22.17 -64.38 11.79
CA ARG E 338 22.65 -64.34 13.16
C ARG E 338 23.90 -63.47 13.18
N TYR E 339 23.85 -62.37 13.94
CA TYR E 339 24.86 -61.33 13.89
C TYR E 339 25.49 -61.18 15.26
N ARG E 340 26.82 -61.10 15.30
CA ARG E 340 27.51 -60.79 16.54
C ARG E 340 27.80 -59.30 16.57
N LEU E 341 27.25 -58.61 17.57
CA LEU E 341 27.48 -57.18 17.78
C LEU E 341 28.46 -56.99 18.92
N ARG E 342 29.56 -56.30 18.65
CA ARG E 342 30.51 -55.90 19.67
C ARG E 342 30.63 -54.39 19.61
N GLY E 343 30.39 -53.73 20.73
CA GLY E 343 30.35 -52.27 20.68
C GLY E 343 30.57 -51.66 22.05
N GLY E 344 30.69 -50.34 22.01
CA GLY E 344 30.84 -49.58 23.24
C GLY E 344 30.93 -48.13 22.85
N LEU E 345 31.42 -47.29 23.77
CA LEU E 345 31.47 -45.87 23.47
C LEU E 345 32.45 -45.57 22.34
N ASP E 346 33.46 -46.40 22.17
CA ASP E 346 34.57 -46.08 21.29
C ASP E 346 34.71 -47.00 20.08
N HIS E 347 33.84 -48.02 19.92
CA HIS E 347 33.98 -48.94 18.81
C HIS E 347 32.63 -49.59 18.50
N ALA E 348 32.52 -50.14 17.30
CA ALA E 348 31.38 -50.99 16.95
C ALA E 348 31.76 -51.85 15.75
N SER E 349 31.42 -53.14 15.82
CA SER E 349 31.58 -54.07 14.71
C SER E 349 30.41 -55.04 14.74
N CYS E 350 30.07 -55.58 13.57
CA CYS E 350 28.96 -56.52 13.51
C CYS E 350 29.14 -57.39 12.28
N GLU E 351 28.93 -58.70 12.44
CA GLU E 351 29.09 -59.61 11.31
C GLU E 351 28.35 -60.90 11.60
N ILE E 352 28.02 -61.63 10.52
CA ILE E 352 27.40 -62.95 10.66
C ILE E 352 28.27 -63.85 11.53
N THR E 353 27.63 -64.64 12.39
CA THR E 353 28.34 -65.58 13.26
C THR E 353 27.56 -66.88 13.36
N THR E 354 28.29 -67.96 13.67
CA THR E 354 27.65 -69.23 14.00
C THR E 354 27.60 -69.49 15.50
N ASP E 355 28.18 -68.59 16.31
CA ASP E 355 28.05 -68.68 17.76
C ASP E 355 26.58 -68.76 18.16
N ASP E 356 26.29 -69.31 19.35
CA ASP E 356 24.91 -69.41 19.81
C ASP E 356 24.30 -68.03 19.97
N ALA E 357 23.02 -67.91 19.64
CA ALA E 357 22.34 -66.62 19.71
C ALA E 357 21.90 -66.30 21.13
N ASP E 358 21.94 -65.00 21.47
CA ASP E 358 21.53 -64.52 22.77
C ASP E 358 20.11 -63.95 22.79
N ILE E 359 19.69 -63.36 21.68
CA ILE E 359 18.43 -62.64 21.60
C ILE E 359 17.86 -62.90 20.22
N ALA E 360 16.55 -63.15 20.15
CA ALA E 360 15.83 -63.28 18.88
C ALA E 360 14.87 -62.11 18.73
N LEU E 361 14.93 -61.42 17.57
CA LEU E 361 14.05 -60.28 17.35
C LEU E 361 13.86 -60.08 15.85
N THR E 362 12.78 -59.35 15.52
CA THR E 362 12.52 -58.97 14.13
C THR E 362 13.32 -57.72 13.79
N VAL E 363 13.51 -57.49 12.49
CA VAL E 363 14.22 -56.30 12.06
C VAL E 363 13.46 -55.03 12.43
N ARG E 364 12.12 -55.06 12.46
CA ARG E 364 11.41 -53.83 12.81
C ARG E 364 11.69 -53.43 14.26
N ASP E 365 11.77 -54.41 15.16
CA ASP E 365 12.09 -54.09 16.55
C ASP E 365 13.56 -53.75 16.73
N LEU E 366 14.46 -54.33 15.92
CA LEU E 366 15.85 -53.86 15.98
C LEU E 366 15.92 -52.40 15.54
N GLY E 367 15.13 -52.03 14.51
CA GLY E 367 15.03 -50.63 14.12
C GLY E 367 14.45 -49.77 15.22
N SER E 368 13.46 -50.30 15.95
CA SER E 368 12.85 -49.50 17.01
C SER E 368 13.83 -49.17 18.12
N VAL E 369 14.79 -50.05 18.42
CA VAL E 369 15.74 -49.77 19.51
C VAL E 369 17.00 -49.08 19.00
N TYR E 370 17.12 -48.90 17.68
CA TYR E 370 18.39 -48.53 17.05
C TYR E 370 18.84 -47.12 17.41
N MET E 371 17.91 -46.22 17.72
CA MET E 371 18.25 -44.83 18.01
C MET E 371 18.24 -44.52 19.50
N GLY E 372 18.10 -45.54 20.35
CA GLY E 372 18.11 -45.33 21.78
C GLY E 372 16.82 -44.79 22.35
N GLY E 373 15.71 -44.88 21.60
CA GLY E 373 14.46 -44.26 22.03
C GLY E 373 13.41 -45.24 22.52
N VAL E 374 13.66 -46.54 22.31
CA VAL E 374 12.79 -47.62 22.73
C VAL E 374 13.67 -48.66 23.41
N SER E 375 13.24 -49.16 24.57
CA SER E 375 14.08 -50.08 25.33
C SER E 375 13.94 -51.50 24.84
N LEU E 376 15.06 -52.16 24.51
CA LEU E 376 15.00 -53.57 24.14
C LEU E 376 14.47 -54.43 25.28
N GLN E 377 14.74 -54.03 26.53
CA GLN E 377 14.28 -54.82 27.68
C GLN E 377 12.76 -54.74 27.83
N VAL E 378 12.18 -53.56 27.60
CA VAL E 378 10.72 -53.43 27.63
C VAL E 378 10.11 -54.27 26.52
N LEU E 379 10.71 -54.25 25.32
CA LEU E 379 10.17 -55.07 24.25
C LEU E 379 10.25 -56.55 24.58
N ALA E 380 11.29 -56.97 25.30
CA ALA E 380 11.36 -58.36 25.75
C ALA E 380 10.27 -58.64 26.78
N SER E 381 10.08 -57.73 27.73
CA SER E 381 9.01 -57.88 28.71
C SER E 381 7.65 -57.95 28.04
N ALA E 382 7.48 -57.22 26.93
CA ALA E 382 6.23 -57.25 26.18
C ALA E 382 6.04 -58.54 25.38
N GLY E 383 7.09 -59.35 25.25
CA GLY E 383 7.03 -60.58 24.47
C GLY E 383 7.37 -60.40 23.01
N LEU E 384 7.71 -59.19 22.59
CA LEU E 384 8.00 -58.94 21.18
C LEU E 384 9.40 -59.41 20.82
N VAL E 385 10.29 -59.43 21.82
CA VAL E 385 11.68 -59.86 21.67
C VAL E 385 11.88 -61.03 22.63
N THR E 386 12.69 -62.01 22.22
CA THR E 386 12.89 -63.20 23.03
C THR E 386 14.32 -63.29 23.52
N GLU E 387 14.48 -63.40 24.83
CA GLU E 387 15.79 -63.64 25.41
C GLU E 387 16.11 -65.13 25.35
N LEU E 388 17.24 -65.47 24.73
CA LEU E 388 17.64 -66.87 24.57
C LEU E 388 18.70 -67.30 25.58
N ARG E 389 19.54 -66.37 26.05
CA ARG E 389 20.53 -66.65 27.09
C ARG E 389 20.31 -65.67 28.23
N ALA E 390 20.18 -66.20 29.44
CA ALA E 390 19.79 -65.38 30.58
C ALA E 390 20.78 -64.24 30.80
N GLY E 391 20.23 -63.04 31.05
CA GLY E 391 21.03 -61.85 31.27
C GLY E 391 21.44 -61.11 30.02
N ALA E 392 21.20 -61.67 28.83
CA ALA E 392 21.72 -61.05 27.61
C ALA E 392 21.00 -59.76 27.27
N VAL E 393 19.68 -59.71 27.48
CA VAL E 393 18.94 -58.51 27.11
C VAL E 393 19.35 -57.32 27.98
N GLN E 394 19.63 -57.57 29.26
CA GLN E 394 19.98 -56.50 30.20
C GLN E 394 21.07 -55.60 29.63
N ARG E 395 22.21 -56.20 29.29
CA ARG E 395 23.35 -55.41 28.84
C ARG E 395 23.14 -54.88 27.42
N ALA E 396 22.49 -55.66 26.55
CA ALA E 396 22.24 -55.17 25.20
C ALA E 396 21.32 -53.95 25.24
N ALA E 397 20.33 -53.97 26.13
CA ALA E 397 19.38 -52.86 26.18
C ALA E 397 20.07 -51.58 26.60
N THR E 398 20.89 -51.65 27.64
CA THR E 398 21.67 -50.49 28.05
C THR E 398 22.55 -49.99 26.91
N ALA E 399 23.20 -50.91 26.18
CA ALA E 399 24.10 -50.50 25.11
C ALA E 399 23.35 -49.80 23.98
N PHE E 400 22.20 -50.35 23.56
CA PHE E 400 21.43 -49.71 22.49
C PHE E 400 20.79 -48.41 22.96
N GLY E 401 20.67 -48.19 24.26
CA GLY E 401 20.23 -46.91 24.77
C GLY E 401 21.27 -45.83 24.56
N TRP E 402 20.97 -44.65 25.07
CA TRP E 402 21.83 -43.49 24.90
C TRP E 402 21.38 -42.42 25.89
N PRO E 403 22.32 -41.68 26.51
CA PRO E 403 21.93 -40.72 27.55
C PRO E 403 21.18 -39.50 27.04
N VAL E 404 21.06 -39.32 25.73
CA VAL E 404 20.24 -38.26 25.14
C VAL E 404 19.23 -38.93 24.23
N ALA E 405 17.95 -38.70 24.48
CA ALA E 405 16.91 -39.32 23.66
C ALA E 405 17.04 -38.87 22.21
N PRO E 406 16.77 -39.74 21.25
CA PRO E 406 16.69 -39.28 19.87
C PRO E 406 15.51 -38.34 19.71
N SER E 407 15.58 -37.51 18.68
CA SER E 407 14.57 -36.49 18.48
C SER E 407 14.30 -36.33 16.99
N ALA E 408 13.14 -35.78 16.68
CA ALA E 408 12.65 -35.70 15.30
C ALA E 408 13.41 -34.64 14.50
N PRO E 409 13.78 -34.94 13.27
CA PRO E 409 14.40 -33.96 12.39
C PRO E 409 13.33 -33.02 11.83
N ASP E 410 13.79 -32.06 11.03
CA ASP E 410 12.85 -31.24 10.26
C ASP E 410 12.01 -32.14 9.35
N ASP E 411 10.79 -31.67 9.05
CA ASP E 411 9.76 -32.47 8.37
C ASP E 411 10.16 -32.87 6.96
N PHE E 412 9.72 -34.06 6.57
CA PHE E 412 9.81 -34.48 5.17
C PHE E 412 8.82 -35.61 4.94
N GLU F 4 -30.19 32.08 -5.97
CA GLU F 4 -29.48 30.90 -5.48
C GLU F 4 -28.16 31.28 -4.79
N LEU F 5 -27.63 32.46 -5.11
CA LEU F 5 -26.39 32.95 -4.53
C LEU F 5 -26.68 33.86 -3.34
N THR F 6 -25.90 33.69 -2.28
CA THR F 6 -26.00 34.52 -1.08
C THR F 6 -24.67 35.21 -0.84
N LEU F 7 -24.72 36.54 -0.63
CA LEU F 7 -23.55 37.30 -0.22
C LEU F 7 -23.51 37.32 1.30
N ARG F 8 -22.44 36.80 1.89
CA ARG F 8 -22.35 36.74 3.35
C ARG F 8 -20.89 36.70 3.77
N THR F 9 -20.68 36.87 5.08
CA THR F 9 -19.35 36.74 5.66
C THR F 9 -19.13 35.31 6.15
N ILE F 10 -17.87 35.02 6.49
CA ILE F 10 -17.51 33.72 7.05
C ILE F 10 -18.14 33.57 8.42
N ALA F 11 -18.76 32.41 8.67
CA ALA F 11 -19.56 32.20 9.88
C ALA F 11 -18.78 31.55 11.01
N ASP F 12 -17.90 30.60 10.72
CA ASP F 12 -17.18 29.86 11.77
C ASP F 12 -15.90 29.29 11.18
N GLU F 13 -15.23 28.41 11.94
CA GLU F 13 -13.90 27.95 11.55
C GLU F 13 -13.95 26.97 10.38
N ASP F 14 -14.94 26.06 10.36
CA ASP F 14 -15.10 25.17 9.22
C ASP F 14 -15.41 25.96 7.95
N ASP F 15 -16.28 26.95 8.08
CA ASP F 15 -16.62 27.84 6.96
C ASP F 15 -15.39 28.62 6.48
N TYR F 16 -14.49 28.98 7.39
CA TYR F 16 -13.23 29.62 7.01
C TYR F 16 -12.38 28.69 6.16
N GLU F 17 -12.26 27.43 6.58
CA GLU F 17 -11.48 26.45 5.81
C GLU F 17 -12.04 26.30 4.40
N SER F 18 -13.37 26.18 4.29
CA SER F 18 -14.01 26.03 2.99
C SER F 18 -13.80 27.26 2.12
N TYR F 19 -13.89 28.44 2.73
CA TYR F 19 -13.70 29.70 2.02
C TYR F 19 -12.28 29.79 1.44
N MET F 20 -11.27 29.55 2.28
CA MET F 20 -9.91 29.59 1.77
C MET F 20 -9.63 28.48 0.77
N ALA F 21 -10.25 27.32 0.94
CA ALA F 21 -10.05 26.25 -0.04
C ALA F 21 -10.57 26.67 -1.41
N SER F 22 -11.74 27.33 -1.46
CA SER F 22 -12.23 27.77 -2.77
C SER F 22 -11.30 28.81 -3.37
N ALA F 23 -10.81 29.74 -2.56
CA ALA F 23 -9.88 30.76 -3.06
C ALA F 23 -8.62 30.12 -3.63
N TYR F 24 -8.02 29.16 -2.92
CA TYR F 24 -6.84 28.49 -3.46
C TYR F 24 -7.17 27.79 -4.76
N SER F 25 -8.35 27.15 -4.84
CA SER F 25 -8.73 26.46 -6.06
C SER F 25 -8.78 27.40 -7.25
N VAL F 26 -9.31 28.60 -7.06
CA VAL F 26 -9.38 29.56 -8.17
C VAL F 26 -7.97 29.94 -8.60
N PHE F 27 -7.05 30.04 -7.65
CA PHE F 27 -5.65 30.28 -7.97
C PHE F 27 -4.93 29.02 -8.47
N LEU F 28 -5.66 27.92 -8.70
CA LEU F 28 -5.10 26.70 -9.28
C LEU F 28 -4.05 26.07 -8.39
N ARG F 29 -4.21 26.21 -7.07
CA ARG F 29 -3.28 25.70 -6.08
C ARG F 29 -4.00 24.82 -5.07
N ASP F 30 -3.29 23.82 -4.54
CA ASP F 30 -3.79 23.11 -3.37
C ASP F 30 -3.78 24.05 -2.17
N PRO F 31 -4.77 23.95 -1.28
CA PRO F 31 -4.73 24.77 -0.06
C PRO F 31 -3.46 24.52 0.72
N GLN F 32 -2.81 25.59 1.16
CA GLN F 32 -1.58 25.47 1.95
C GLN F 32 -1.97 25.53 3.42
N LYS F 33 -1.96 24.38 4.09
CA LYS F 33 -2.44 24.31 5.47
C LYS F 33 -1.68 25.27 6.37
N ASP F 34 -0.36 25.34 6.22
CA ASP F 34 0.44 26.16 7.13
C ASP F 34 0.10 27.64 7.01
N GLU F 35 0.01 28.15 5.77
CA GLU F 35 -0.35 29.56 5.56
C GLU F 35 -1.76 29.85 6.05
N ILE F 36 -2.71 28.97 5.75
CA ILE F 36 -4.10 29.20 6.12
C ILE F 36 -4.24 29.29 7.63
N GLU F 37 -3.46 28.50 8.37
CA GLU F 37 -3.54 28.51 9.83
C GLU F 37 -2.91 29.76 10.42
N VAL F 38 -1.72 30.14 9.94
CA VAL F 38 -1.07 31.32 10.51
C VAL F 38 -1.84 32.59 10.17
N ASN F 39 -2.37 32.67 8.94
CA ASN F 39 -3.08 33.88 8.54
C ASN F 39 -4.41 34.03 9.26
N ARG F 40 -5.02 32.94 9.71
CA ARG F 40 -6.26 33.05 10.47
C ARG F 40 -6.11 33.99 11.67
N LYS F 41 -4.91 34.07 12.25
CA LYS F 41 -4.73 34.79 13.50
C LYS F 41 -4.84 36.31 13.35
N PHE F 42 -4.77 36.85 12.13
CA PHE F 42 -5.06 38.26 11.93
C PHE F 42 -6.23 38.46 10.98
N THR F 43 -6.97 37.40 10.68
CA THR F 43 -8.18 37.49 9.89
C THR F 43 -9.36 37.84 10.79
N GLU F 44 -10.19 38.77 10.33
CA GLU F 44 -11.47 39.07 10.98
C GLU F 44 -12.56 38.51 10.09
N LEU F 45 -13.31 37.54 10.61
CA LEU F 45 -14.28 36.84 9.75
C LEU F 45 -15.31 37.79 9.16
N ASP F 46 -15.67 38.86 9.89
CA ASP F 46 -16.68 39.77 9.38
C ASP F 46 -16.18 40.68 8.26
N ARG F 47 -14.87 40.70 7.99
CA ARG F 47 -14.32 41.41 6.85
C ARG F 47 -14.15 40.52 5.63
N MET F 48 -14.46 39.24 5.75
CA MET F 48 -14.27 38.26 4.68
C MET F 48 -15.64 37.93 4.10
N ILE F 49 -15.96 38.51 2.94
CA ILE F 49 -17.26 38.31 2.31
C ILE F 49 -17.09 37.39 1.12
N GLY F 50 -18.22 36.93 0.57
CA GLY F 50 -18.17 36.17 -0.66
C GLY F 50 -19.57 35.69 -1.01
N PHE F 51 -19.63 34.95 -2.10
CA PHE F 51 -20.88 34.35 -2.54
C PHE F 51 -20.85 32.85 -2.30
N HIS F 52 -21.95 32.33 -1.77
CA HIS F 52 -22.10 30.91 -1.46
C HIS F 52 -23.38 30.42 -2.14
N ASP F 53 -23.30 29.28 -2.86
CA ASP F 53 -24.43 28.77 -3.62
C ASP F 53 -25.22 27.70 -2.88
N GLY F 54 -25.00 27.54 -1.59
CA GLY F 54 -25.63 26.47 -0.83
C GLY F 54 -24.72 25.26 -0.65
N LYS F 55 -23.95 24.93 -1.69
CA LYS F 55 -22.99 23.83 -1.62
C LYS F 55 -21.58 24.29 -1.24
N LYS F 56 -21.14 25.45 -1.75
CA LYS F 56 -19.75 25.85 -1.61
C LYS F 56 -19.65 27.35 -1.85
N TRP F 57 -18.48 27.90 -1.51
CA TRP F 57 -18.19 29.27 -1.90
C TRP F 57 -17.88 29.32 -3.40
N VAL F 58 -18.48 30.28 -4.09
CA VAL F 58 -18.20 30.52 -5.51
C VAL F 58 -17.55 31.87 -5.75
N ALA F 59 -17.30 32.66 -4.71
CA ALA F 59 -16.55 33.90 -4.82
C ALA F 59 -16.14 34.34 -3.44
N THR F 60 -15.02 35.06 -3.36
CA THR F 60 -14.48 35.57 -2.11
C THR F 60 -13.91 36.97 -2.33
N THR F 61 -13.87 37.74 -1.25
CA THR F 61 -13.20 39.05 -1.20
C THR F 61 -13.04 39.40 0.27
N GLY F 62 -11.83 39.79 0.67
CA GLY F 62 -11.59 40.08 2.07
C GLY F 62 -10.72 41.31 2.25
N ALA F 63 -10.55 41.70 3.50
CA ALA F 63 -9.62 42.76 3.86
C ALA F 63 -9.08 42.49 5.25
N PHE F 64 -7.79 42.79 5.44
CA PHE F 64 -7.17 42.80 6.75
C PHE F 64 -7.11 44.23 7.27
N SER F 65 -7.33 44.40 8.57
CA SER F 65 -7.20 45.71 9.18
C SER F 65 -5.72 45.94 9.42
N ARG F 66 -5.09 46.76 8.60
CA ARG F 66 -3.67 47.02 8.76
C ARG F 66 -3.44 48.51 8.94
N HIS F 67 -2.17 48.89 9.08
CA HIS F 67 -1.79 50.28 9.21
C HIS F 67 -0.58 50.49 8.31
N VAL F 68 -0.52 51.63 7.63
CA VAL F 68 0.51 51.87 6.63
C VAL F 68 1.19 53.21 6.88
N VAL F 69 2.48 53.27 6.56
CA VAL F 69 3.27 54.50 6.63
C VAL F 69 2.99 55.34 5.38
N LEU F 70 2.66 56.61 5.59
CA LEU F 70 2.46 57.58 4.54
C LEU F 70 3.69 58.47 4.38
N PRO F 71 3.84 59.14 3.25
CA PRO F 71 4.91 60.12 3.12
C PRO F 71 4.82 61.13 4.27
N GLY F 72 5.93 61.32 4.97
CA GLY F 72 5.94 62.13 6.17
C GLY F 72 5.93 61.33 7.45
N GLY F 73 5.58 60.04 7.40
CA GLY F 73 5.75 59.14 8.52
C GLY F 73 4.50 58.80 9.32
N ALA F 74 3.38 59.45 9.04
CA ALA F 74 2.13 59.09 9.71
C ALA F 74 1.76 57.64 9.42
N VAL F 75 1.30 56.93 10.44
CA VAL F 75 0.86 55.55 10.32
C VAL F 75 -0.65 55.54 10.46
N VAL F 76 -1.34 55.16 9.39
CA VAL F 76 -2.80 55.30 9.35
C VAL F 76 -3.46 53.96 9.05
N PRO F 77 -4.70 53.76 9.48
CA PRO F 77 -5.41 52.52 9.15
C PRO F 77 -5.64 52.40 7.65
N VAL F 78 -5.54 51.17 7.15
CA VAL F 78 -5.76 50.89 5.74
C VAL F 78 -6.42 49.53 5.63
N ALA F 79 -7.34 49.39 4.68
CA ALA F 79 -7.89 48.09 4.32
C ALA F 79 -6.91 47.39 3.40
N ALA F 80 -6.31 46.30 3.87
CA ALA F 80 -5.38 45.50 3.09
C ALA F 80 -6.20 44.43 2.40
N VAL F 81 -6.59 44.72 1.15
CA VAL F 81 -7.55 43.90 0.42
C VAL F 81 -6.89 42.60 -0.04
N THR F 82 -7.63 41.49 0.05
CA THR F 82 -7.02 40.17 -0.02
C THR F 82 -8.06 39.15 -0.46
N ALA F 83 -7.59 37.99 -0.91
CA ALA F 83 -8.42 36.81 -1.14
C ALA F 83 -9.58 37.08 -2.10
N VAL F 84 -9.30 37.78 -3.19
CA VAL F 84 -10.32 38.13 -4.18
C VAL F 84 -10.36 37.04 -5.25
N THR F 85 -11.44 36.26 -5.29
CA THR F 85 -11.59 35.24 -6.32
C THR F 85 -13.07 35.10 -6.71
N VAL F 86 -13.29 34.68 -7.95
CA VAL F 86 -14.60 34.24 -8.42
C VAL F 86 -14.40 32.93 -9.14
N SER F 87 -15.20 31.92 -8.80
CA SER F 87 -15.00 30.60 -9.36
C SER F 87 -15.24 30.62 -10.87
N PRO F 88 -14.49 29.81 -11.63
CA PRO F 88 -14.63 29.83 -13.10
C PRO F 88 -16.03 29.47 -13.59
N THR F 89 -16.86 28.86 -12.76
CA THR F 89 -18.25 28.59 -13.11
C THR F 89 -19.14 29.82 -13.01
N HIS F 90 -18.69 30.90 -12.37
CA HIS F 90 -19.52 32.08 -12.14
C HIS F 90 -18.86 33.37 -12.62
N ARG F 91 -17.77 33.28 -13.37
CA ARG F 91 -17.00 34.46 -13.72
C ARG F 91 -17.71 35.28 -14.79
N ARG F 92 -17.29 36.55 -14.87
CA ARG F 92 -17.74 37.53 -15.86
C ARG F 92 -19.25 37.71 -15.81
N ARG F 93 -19.79 37.65 -14.60
N ARG F 93 -19.79 37.64 -14.60
CA ARG F 93 -21.21 37.92 -14.36
CA ARG F 93 -21.20 37.91 -14.33
C ARG F 93 -21.40 39.07 -13.38
C ARG F 93 -21.38 39.02 -13.31
N GLY F 94 -20.33 39.77 -13.00
CA GLY F 94 -20.43 40.90 -12.09
C GLY F 94 -20.24 40.57 -10.63
N LEU F 95 -19.87 39.34 -10.29
CA LEU F 95 -19.72 38.99 -8.87
C LEU F 95 -18.58 39.79 -8.21
N LEU F 96 -17.42 39.90 -8.86
CA LEU F 96 -16.38 40.77 -8.31
C LEU F 96 -16.91 42.18 -8.12
N THR F 97 -17.53 42.73 -9.16
CA THR F 97 -18.04 44.10 -9.08
C THR F 97 -18.98 44.26 -7.91
N THR F 98 -19.87 43.28 -7.68
CA THR F 98 -20.79 43.34 -6.56
C THR F 98 -20.05 43.31 -5.22
N MET F 99 -18.98 42.50 -5.12
CA MET F 99 -18.21 42.45 -3.88
C MET F 99 -17.41 43.73 -3.65
N MET F 100 -16.94 44.35 -4.74
CA MET F 100 -16.23 45.62 -4.62
C MET F 100 -17.18 46.72 -4.18
N ARG F 101 -18.39 46.72 -4.73
CA ARG F 101 -19.43 47.65 -4.28
C ARG F 101 -19.66 47.52 -2.77
N HIS F 102 -19.82 46.29 -2.29
CA HIS F 102 -20.01 46.06 -0.86
C HIS F 102 -18.77 46.48 -0.06
N GLN F 103 -17.58 46.05 -0.50
CA GLN F 103 -16.38 46.24 0.32
C GLN F 103 -15.99 47.70 0.45
N LEU F 104 -16.06 48.46 -0.64
CA LEU F 104 -15.65 49.86 -0.55
C LEU F 104 -16.59 50.66 0.35
N ALA F 105 -17.87 50.27 0.39
CA ALA F 105 -18.79 50.88 1.35
C ALA F 105 -18.43 50.48 2.77
N ASP F 106 -18.04 49.22 2.97
CA ASP F 106 -17.67 48.75 4.30
C ASP F 106 -16.41 49.47 4.80
N ILE F 107 -15.38 49.54 3.95
CA ILE F 107 -14.14 50.25 4.29
C ILE F 107 -14.43 51.69 4.69
N ARG F 108 -15.25 52.37 3.87
CA ARG F 108 -15.69 53.73 4.16
C ARG F 108 -16.32 53.83 5.55
N SER F 109 -17.25 52.93 5.86
CA SER F 109 -17.96 53.00 7.14
C SER F 109 -17.05 52.69 8.31
N ARG F 110 -15.95 51.96 8.09
CA ARG F 110 -15.02 51.62 9.17
C ARG F 110 -14.06 52.75 9.51
N GLY F 111 -14.08 53.86 8.76
CA GLY F 111 -13.16 54.96 9.01
C GLY F 111 -11.78 54.82 8.39
N GLU F 112 -11.56 53.80 7.57
CA GLU F 112 -10.33 53.70 6.82
C GLU F 112 -10.38 54.62 5.60
N SER F 113 -9.38 55.48 5.48
CA SER F 113 -9.43 56.46 4.40
C SER F 113 -8.94 55.90 3.08
N LEU F 114 -8.35 54.72 3.07
CA LEU F 114 -7.89 54.16 1.81
C LEU F 114 -7.76 52.65 1.95
N ALA F 115 -7.69 51.98 0.79
CA ALA F 115 -7.41 50.57 0.67
C ALA F 115 -6.17 50.37 -0.17
N MET F 116 -5.50 49.24 0.03
CA MET F 116 -4.31 48.89 -0.74
C MET F 116 -4.36 47.41 -1.08
N LEU F 117 -3.85 47.05 -2.26
CA LEU F 117 -3.75 45.65 -2.63
C LEU F 117 -2.60 45.44 -3.59
N PHE F 118 -2.15 44.18 -3.66
CA PHE F 118 -1.36 43.65 -4.76
C PHE F 118 -2.34 43.02 -5.75
N ALA F 119 -2.01 43.03 -7.03
CA ALA F 119 -2.92 42.48 -8.03
C ALA F 119 -2.27 41.35 -8.82
N SER F 120 -2.97 40.22 -8.93
CA SER F 120 -2.56 39.18 -9.86
C SER F 120 -2.43 39.72 -11.27
N GLU F 121 -3.38 40.55 -11.70
CA GLU F 121 -3.36 41.20 -13.02
C GLU F 121 -3.82 42.63 -12.79
N ALA F 122 -2.92 43.59 -13.02
CA ALA F 122 -3.16 44.95 -12.54
C ALA F 122 -4.43 45.56 -13.13
N LEU F 123 -4.79 45.21 -14.37
CA LEU F 123 -5.92 45.83 -15.07
C LEU F 123 -7.27 45.52 -14.43
N ILE F 124 -7.32 44.62 -13.46
CA ILE F 124 -8.59 44.29 -12.81
C ILE F 124 -9.19 45.51 -12.11
N TYR F 125 -8.37 46.28 -11.39
CA TYR F 125 -8.91 47.11 -10.31
C TYR F 125 -9.09 48.57 -10.67
N GLY F 126 -8.56 49.04 -11.81
CA GLY F 126 -8.66 50.46 -12.11
C GLY F 126 -10.09 50.93 -12.22
N ARG F 127 -10.97 50.05 -12.72
CA ARG F 127 -12.39 50.37 -12.86
C ARG F 127 -13.07 50.61 -11.53
N PHE F 128 -12.48 50.12 -10.44
CA PHE F 128 -13.05 50.35 -9.12
C PHE F 128 -12.41 51.53 -8.41
N GLY F 129 -11.48 52.23 -9.07
CA GLY F 129 -10.84 53.41 -8.51
C GLY F 129 -9.44 53.19 -7.99
N TYR F 130 -8.89 51.98 -8.11
CA TYR F 130 -7.52 51.72 -7.69
C TYR F 130 -6.54 52.22 -8.73
N GLY F 131 -5.43 52.79 -8.28
CA GLY F 131 -4.35 53.14 -9.19
C GLY F 131 -3.04 52.58 -8.69
N VAL F 132 -2.22 52.08 -9.63
CA VAL F 132 -0.91 51.58 -9.24
C VAL F 132 -0.12 52.75 -8.67
N ALA F 133 0.28 52.65 -7.41
CA ALA F 133 0.94 53.76 -6.73
C ALA F 133 2.37 53.47 -6.33
N THR F 134 2.75 52.20 -6.23
CA THR F 134 4.09 51.80 -5.83
C THR F 134 4.58 50.72 -6.79
N GLU F 135 5.84 50.80 -7.18
CA GLU F 135 6.46 49.75 -7.97
C GLU F 135 7.48 49.01 -7.12
N SER F 136 7.78 47.78 -7.51
CA SER F 136 8.84 47.06 -6.82
C SER F 136 9.90 46.65 -7.83
N ALA F 137 11.09 46.40 -7.31
CA ALA F 137 12.25 46.08 -8.13
C ALA F 137 12.72 44.69 -7.75
N GLU F 138 12.86 43.82 -8.75
CA GLU F 138 13.59 42.58 -8.57
C GLU F 138 15.05 42.90 -8.87
N LEU F 139 15.89 42.87 -7.83
CA LEU F 139 17.30 43.19 -7.95
C LEU F 139 18.06 41.88 -7.94
N SER F 140 18.96 41.69 -8.90
CA SER F 140 19.70 40.44 -8.92
C SER F 140 21.04 40.64 -9.59
N GLY F 141 21.96 39.74 -9.32
CA GLY F 141 23.22 39.79 -10.05
C GLY F 141 24.16 38.69 -9.60
N GLN F 142 25.32 38.70 -10.24
CA GLN F 142 26.45 37.87 -9.84
C GLN F 142 27.12 38.51 -8.63
N VAL F 143 27.20 37.79 -7.50
CA VAL F 143 27.71 38.42 -6.28
C VAL F 143 29.16 38.90 -6.45
N ARG F 144 29.95 38.21 -7.28
CA ARG F 144 31.34 38.67 -7.43
C ARG F 144 31.46 39.94 -8.24
N GLU F 145 30.36 40.42 -8.82
CA GLU F 145 30.36 41.69 -9.52
C GLU F 145 29.77 42.81 -8.66
N LEU F 146 29.44 42.55 -7.39
CA LEU F 146 28.69 43.51 -6.58
C LEU F 146 29.51 44.09 -5.43
N ALA F 147 30.81 44.29 -5.65
CA ALA F 147 31.60 45.06 -4.69
C ALA F 147 30.98 46.45 -4.50
N PHE F 148 31.15 47.01 -3.31
CA PHE F 148 30.66 48.35 -3.01
C PHE F 148 31.71 49.40 -3.36
N ARG F 149 31.24 50.64 -3.54
CA ARG F 149 32.11 51.79 -3.70
C ARG F 149 33.11 51.83 -2.55
N PRO F 150 34.32 52.34 -2.78
CA PRO F 150 35.36 52.28 -1.75
C PRO F 150 35.02 53.08 -0.49
N THR F 151 34.15 54.07 -0.56
CA THR F 151 33.84 54.88 0.62
C THR F 151 32.72 54.30 1.47
N VAL F 152 32.18 53.13 1.13
CA VAL F 152 31.03 52.60 1.85
C VAL F 152 31.52 51.98 3.16
N ASP F 153 31.12 52.60 4.27
CA ASP F 153 31.58 52.21 5.60
C ASP F 153 30.73 51.07 6.12
N LEU F 154 31.38 49.95 6.44
CA LEU F 154 30.73 48.77 6.99
C LEU F 154 30.62 48.83 8.51
N GLY F 155 31.21 49.84 9.14
CA GLY F 155 31.20 49.95 10.60
C GLY F 155 31.90 48.77 11.25
N ASP F 156 31.59 48.59 12.53
CA ASP F 156 32.28 47.60 13.35
C ASP F 156 31.35 46.53 13.92
N GLY F 157 30.12 46.41 13.42
CA GLY F 157 29.20 45.44 13.97
C GLY F 157 29.51 44.03 13.52
N THR F 158 28.74 43.09 14.06
CA THR F 158 28.92 41.67 13.75
C THR F 158 27.58 41.05 13.41
N LEU F 159 27.63 39.90 12.75
CA LEU F 159 26.43 39.19 12.32
C LEU F 159 26.36 37.82 12.97
N GLU F 160 25.13 37.36 13.22
CA GLU F 160 24.91 36.00 13.71
C GLU F 160 23.74 35.38 12.97
N GLU F 161 23.89 34.11 12.60
CA GLU F 161 22.77 33.33 12.13
CA GLU F 161 22.78 33.31 12.13
C GLU F 161 21.97 32.83 13.33
N VAL F 162 20.67 33.11 13.34
CA VAL F 162 19.87 32.88 14.55
C VAL F 162 18.60 32.12 14.21
N SER F 163 17.97 31.61 15.26
CA SER F 163 16.71 30.91 15.08
C SER F 163 15.59 31.91 14.82
N ALA F 164 14.42 31.40 14.42
CA ALA F 164 13.26 32.26 14.25
C ALA F 164 12.89 32.95 15.56
N GLU F 165 12.95 32.21 16.67
CA GLU F 165 12.58 32.78 17.96
C GLU F 165 13.50 33.94 18.34
N THR F 166 14.82 33.74 18.18
CA THR F 166 15.76 34.81 18.48
C THR F 166 15.59 35.99 17.54
N PHE F 167 15.34 35.72 16.26
CA PHE F 167 15.12 36.78 15.29
C PHE F 167 13.90 37.62 15.68
N LEU F 168 12.80 36.96 16.05
CA LEU F 168 11.56 37.67 16.39
C LEU F 168 11.66 38.44 17.69
N ALA F 169 12.71 38.21 18.49
CA ALA F 169 12.88 38.98 19.70
C ALA F 169 13.56 40.33 19.45
N SER F 170 14.13 40.53 18.27
CA SER F 170 14.87 41.76 17.94
C SER F 170 14.38 42.43 16.67
N ALA F 171 14.06 41.66 15.63
CA ALA F 171 13.68 42.26 14.36
C ALA F 171 12.50 43.22 14.46
N PRO F 172 11.45 42.94 15.23
CA PRO F 172 10.31 43.88 15.25
C PRO F 172 10.68 45.28 15.71
N ALA F 173 11.54 45.42 16.72
CA ALA F 173 11.96 46.77 17.13
C ALA F 173 12.74 47.46 16.02
N ILE F 174 13.60 46.71 15.31
CA ILE F 174 14.38 47.28 14.22
C ILE F 174 13.44 47.76 13.11
N TYR F 175 12.52 46.88 12.72
CA TYR F 175 11.52 47.23 11.72
C TYR F 175 10.75 48.49 12.13
N ASP F 176 10.20 48.50 13.35
CA ASP F 176 9.40 49.64 13.80
C ASP F 176 10.16 50.94 13.69
N ALA F 177 11.46 50.90 13.96
CA ALA F 177 12.25 52.13 13.96
C ALA F 177 12.58 52.60 12.57
N VAL F 178 12.65 51.69 11.59
CA VAL F 178 13.05 52.07 10.24
C VAL F 178 11.86 52.54 9.41
N ILE F 179 10.69 51.93 9.56
CA ILE F 179 9.65 52.11 8.54
C ILE F 179 9.03 53.51 8.48
N PRO F 180 9.05 54.36 9.53
CA PRO F 180 8.54 55.73 9.34
C PRO F 180 9.21 56.47 8.18
N GLY F 181 10.44 56.08 7.84
CA GLY F 181 11.13 56.64 6.68
C GLY F 181 10.87 55.94 5.35
N LEU F 182 10.01 54.91 5.32
CA LEU F 182 9.77 54.11 4.12
C LEU F 182 8.27 54.05 3.85
N PRO F 183 7.72 55.06 3.20
CA PRO F 183 6.27 55.06 2.95
C PRO F 183 5.85 53.81 2.19
N GLY F 184 4.68 53.30 2.54
CA GLY F 184 4.19 52.07 1.95
C GLY F 184 4.39 50.85 2.81
N GLN F 185 5.37 50.88 3.71
CA GLN F 185 5.51 49.77 4.64
C GLN F 185 4.33 49.75 5.61
N MET F 186 3.98 48.56 6.08
CA MET F 186 2.85 48.41 6.99
C MET F 186 3.31 47.89 8.34
N SER F 187 2.59 48.29 9.38
CA SER F 187 2.88 47.79 10.72
C SER F 187 2.82 46.27 10.74
N ARG F 188 3.66 45.65 11.58
CA ARG F 188 3.65 44.21 11.75
C ARG F 188 3.45 43.90 13.23
N THR F 189 2.29 43.34 13.54
CA THR F 189 2.02 42.73 14.84
C THR F 189 2.78 41.41 14.93
N PRO F 190 2.85 40.81 16.12
CA PRO F 190 3.44 39.46 16.20
C PRO F 190 2.77 38.46 15.26
N GLU F 191 1.46 38.60 15.04
CA GLU F 191 0.75 37.69 14.15
C GLU F 191 1.19 37.88 12.71
N TRP F 192 1.40 39.12 12.27
CA TRP F 192 1.93 39.34 10.93
C TRP F 192 3.38 38.86 10.82
N TRP F 193 4.20 39.05 11.86
CA TRP F 193 5.56 38.52 11.82
C TRP F 193 5.57 37.01 11.70
N ALA F 194 4.64 36.35 12.39
CA ALA F 194 4.55 34.90 12.30
C ALA F 194 4.29 34.46 10.87
N SER F 195 3.44 35.19 10.14
CA SER F 195 3.16 34.83 8.76
C SER F 195 4.36 35.12 7.85
N TRP F 196 4.96 36.29 8.02
CA TRP F 196 6.08 36.72 7.19
C TRP F 196 7.29 35.80 7.33
N THR F 197 7.53 35.24 8.53
CA THR F 197 8.69 34.38 8.76
C THR F 197 8.35 32.89 8.66
N LEU F 198 7.13 32.54 8.28
CA LEU F 198 6.76 31.14 8.12
C LEU F 198 7.69 30.45 7.13
N ASP F 199 8.18 29.27 7.50
CA ASP F 199 9.02 28.48 6.61
C ASP F 199 8.13 27.64 5.69
N SER F 200 7.44 28.35 4.79
CA SER F 200 6.41 27.71 3.97
C SER F 200 7.04 26.64 3.08
N GLU F 201 6.38 25.47 3.04
CA GLU F 201 6.90 24.37 2.22
C GLU F 201 6.95 24.73 0.75
N GLU F 202 6.04 25.61 0.30
CA GLU F 202 6.06 26.04 -1.09
C GLU F 202 7.39 26.72 -1.44
N LEU F 203 7.83 27.66 -0.61
CA LEU F 203 9.09 28.36 -0.87
C LEU F 203 10.30 27.46 -0.69
N GLN F 204 10.19 26.39 0.11
CA GLN F 204 11.33 25.50 0.29
C GLN F 204 11.67 24.78 -1.00
N LYS F 205 10.65 24.35 -1.74
CA LYS F 205 10.88 23.62 -2.99
C LYS F 205 11.69 24.46 -3.98
N GLU F 206 11.39 25.76 -4.06
CA GLU F 206 12.08 26.63 -5.00
C GLU F 206 13.51 26.96 -4.57
N SER F 207 13.84 26.80 -3.29
CA SER F 207 15.17 27.21 -2.82
C SER F 207 15.65 26.37 -1.64
N GLY F 208 15.28 26.76 -0.42
CA GLY F 208 15.70 26.07 0.78
C GLY F 208 14.99 26.63 1.98
N LYS F 209 15.36 26.13 3.16
CA LYS F 209 14.72 26.56 4.40
C LYS F 209 15.10 28.00 4.74
N VAL F 210 14.15 28.73 5.32
CA VAL F 210 14.36 30.15 5.56
C VAL F 210 15.38 30.33 6.67
N ARG F 211 16.23 31.34 6.51
CA ARG F 211 17.30 31.63 7.44
C ARG F 211 17.16 33.05 7.95
N PHE F 212 17.66 33.28 9.16
CA PHE F 212 17.54 34.56 9.84
C PHE F 212 18.91 35.04 10.27
N VAL F 213 19.18 36.32 10.03
CA VAL F 213 20.44 36.96 10.41
C VAL F 213 20.13 38.21 11.22
N LEU F 214 20.90 38.42 12.28
CA LEU F 214 20.84 39.65 13.04
C LEU F 214 22.20 40.35 12.98
N HIS F 215 22.18 41.67 12.86
CA HIS F 215 23.37 42.51 12.89
C HIS F 215 23.40 43.26 14.21
N TYR F 216 24.51 43.16 14.94
CA TYR F 216 24.68 43.79 16.24
C TYR F 216 25.70 44.91 16.15
N GLU F 217 25.39 46.05 16.74
CA GLU F 217 26.38 47.10 16.93
C GLU F 217 27.48 46.60 17.86
N SER F 218 28.56 47.38 17.96
CA SER F 218 29.66 46.98 18.82
C SER F 218 29.26 46.98 20.30
N ASP F 219 28.23 47.74 20.68
CA ASP F 219 27.73 47.65 22.05
C ASP F 219 26.75 46.51 22.26
N GLY F 220 26.48 45.71 21.23
CA GLY F 220 25.59 44.57 21.32
C GLY F 220 24.16 44.84 20.90
N THR F 221 23.81 46.09 20.60
CA THR F 221 22.45 46.43 20.19
C THR F 221 22.16 45.83 18.82
N ALA F 222 21.04 45.11 18.70
CA ALA F 222 20.59 44.64 17.40
C ALA F 222 20.17 45.84 16.54
N SER F 223 20.81 45.98 15.36
CA SER F 223 20.56 47.14 14.51
C SER F 223 20.25 46.78 13.07
N GLY F 224 20.18 45.50 12.72
CA GLY F 224 19.83 45.13 11.36
C GLY F 224 19.44 43.68 11.33
N PHE F 225 18.79 43.30 10.21
CA PHE F 225 18.43 41.90 10.08
C PHE F 225 18.30 41.55 8.60
N ALA F 226 18.35 40.25 8.32
CA ALA F 226 18.09 39.73 6.98
C ALA F 226 17.31 38.42 7.09
N ILE F 227 16.42 38.22 6.12
CA ILE F 227 15.70 36.96 5.92
C ILE F 227 16.08 36.50 4.53
N TYR F 228 16.58 35.28 4.41
CA TYR F 228 16.95 34.77 3.10
C TYR F 228 16.84 33.25 3.06
N ARG F 229 16.83 32.69 1.85
CA ARG F 229 16.83 31.26 1.60
C ARG F 229 17.96 30.92 0.65
N PRO F 230 18.71 29.87 0.93
CA PRO F 230 19.74 29.42 -0.01
C PRO F 230 19.19 28.44 -1.03
N LYS F 231 19.80 28.47 -2.20
CA LYS F 231 19.54 27.48 -3.26
C LYS F 231 20.88 26.91 -3.68
N PRO F 232 21.28 25.76 -3.17
CA PRO F 232 22.58 25.21 -3.57
C PRO F 232 22.58 24.84 -5.04
N GLY F 233 23.78 24.84 -5.63
CA GLY F 233 23.94 24.47 -7.02
C GLY F 233 25.41 24.40 -7.39
N TRP F 234 25.68 23.67 -8.47
CA TRP F 234 27.03 23.52 -8.98
C TRP F 234 26.98 23.63 -10.50
N GLY F 235 28.00 24.26 -11.07
CA GLY F 235 28.14 24.36 -12.50
C GLY F 235 29.34 23.55 -12.99
N ASP F 236 29.69 23.79 -14.24
CA ASP F 236 30.76 23.03 -14.87
C ASP F 236 32.15 23.44 -14.43
N ALA F 237 32.30 24.57 -13.74
CA ALA F 237 33.61 25.03 -13.30
C ALA F 237 33.67 25.33 -11.80
N GLY F 238 32.68 24.91 -11.02
CA GLY F 238 32.68 25.19 -9.60
C GLY F 238 31.29 25.42 -9.06
N PRO F 239 31.21 25.90 -7.81
CA PRO F 239 29.89 26.11 -7.19
C PRO F 239 29.11 27.21 -7.89
N ASN F 240 27.78 27.16 -7.74
CA ASN F 240 26.90 28.12 -8.40
C ASN F 240 25.62 28.30 -7.59
N ALA F 241 25.76 28.48 -6.29
CA ALA F 241 24.60 28.61 -5.43
C ALA F 241 23.96 29.98 -5.59
N GLU F 242 22.68 30.07 -5.24
CA GLU F 242 21.96 31.33 -5.25
C GLU F 242 21.42 31.64 -3.86
N LEU F 243 21.38 32.93 -3.54
CA LEU F 243 20.69 33.40 -2.35
C LEU F 243 19.45 34.15 -2.81
N HIS F 244 18.29 33.75 -2.29
CA HIS F 244 17.03 34.44 -2.53
C HIS F 244 16.71 35.23 -1.27
N VAL F 245 16.87 36.54 -1.34
CA VAL F 245 16.73 37.41 -0.20
C VAL F 245 15.29 37.86 -0.08
N GLN F 246 14.71 37.72 1.12
CA GLN F 246 13.35 38.18 1.35
C GLN F 246 13.28 39.57 1.94
N GLU F 247 14.22 39.93 2.81
CA GLU F 247 14.21 41.27 3.41
C GLU F 247 15.55 41.53 4.07
N VAL F 248 16.06 42.75 3.92
CA VAL F 248 17.21 43.26 4.66
C VAL F 248 16.90 44.68 5.10
N LEU F 249 17.11 44.98 6.39
CA LEU F 249 16.84 46.29 6.96
C LEU F 249 17.89 46.61 8.00
N GLY F 250 18.17 47.89 8.17
CA GLY F 250 19.15 48.31 9.16
C GLY F 250 18.84 49.70 9.65
N THR F 251 19.03 49.96 10.94
CA THR F 251 18.68 51.27 11.48
C THR F 251 19.70 52.35 11.14
N ASN F 252 20.83 52.00 10.56
CA ASN F 252 21.82 52.99 10.16
C ASN F 252 22.53 52.48 8.92
N PRO F 253 23.30 53.34 8.22
CA PRO F 253 23.90 52.92 6.95
C PRO F 253 24.93 51.81 7.08
N ARG F 254 25.63 51.75 8.22
CA ARG F 254 26.64 50.73 8.40
C ARG F 254 26.00 49.36 8.58
N SER F 255 24.97 49.26 9.42
CA SER F 255 24.34 47.97 9.62
C SER F 255 23.72 47.47 8.32
N TYR F 256 23.10 48.36 7.55
CA TYR F 256 22.52 47.94 6.26
C TYR F 256 23.59 47.43 5.32
N ALA F 257 24.68 48.19 5.18
CA ALA F 257 25.76 47.81 4.26
C ALA F 257 26.48 46.55 4.72
N ARG F 258 26.75 46.42 6.02
N ARG F 258 26.74 46.41 6.02
CA ARG F 258 27.43 45.24 6.53
CA ARG F 258 27.44 45.22 6.51
C ARG F 258 26.58 43.98 6.34
C ARG F 258 26.59 43.96 6.35
N THR F 259 25.28 44.09 6.58
CA THR F 259 24.39 42.94 6.42
C THR F 259 24.35 42.48 4.96
N TRP F 260 24.26 43.43 4.02
CA TRP F 260 24.32 43.06 2.61
C TRP F 260 25.66 42.43 2.26
N ARG F 261 26.74 43.04 2.73
CA ARG F 261 28.08 42.50 2.50
C ARG F 261 28.19 41.06 2.99
N TYR F 262 27.58 40.78 4.14
CA TYR F 262 27.58 39.42 4.69
C TYR F 262 26.98 38.43 3.68
N LEU F 263 25.83 38.79 3.09
CA LEU F 263 25.22 37.91 2.09
C LEU F 263 26.05 37.82 0.82
N LEU F 264 26.53 38.97 0.32
CA LEU F 264 27.21 39.02 -0.97
C LEU F 264 28.55 38.29 -0.96
N ASP F 265 29.19 38.18 0.20
CA ASP F 265 30.50 37.54 0.33
C ASP F 265 30.43 36.09 0.76
N MET F 266 29.23 35.55 0.93
CA MET F 266 29.08 34.16 1.33
C MET F 266 29.74 33.22 0.32
N ASP F 267 30.45 32.22 0.83
CA ASP F 267 31.14 31.29 -0.07
C ASP F 267 30.17 30.34 -0.76
N LEU F 268 30.61 29.86 -1.95
CA LEU F 268 29.88 28.96 -2.85
C LEU F 268 28.78 29.68 -3.63
N VAL F 269 28.36 30.85 -3.16
CA VAL F 269 27.31 31.61 -3.81
C VAL F 269 27.87 32.27 -5.06
N ARG F 270 27.08 32.28 -6.14
CA ARG F 270 27.42 33.08 -7.30
C ARG F 270 26.35 34.09 -7.68
N LYS F 271 25.09 33.87 -7.28
CA LYS F 271 23.98 34.70 -7.74
C LYS F 271 23.12 35.07 -6.56
N ILE F 272 22.56 36.28 -6.59
CA ILE F 272 21.69 36.74 -5.54
C ILE F 272 20.47 37.39 -6.15
N LYS F 273 19.33 37.21 -5.51
CA LYS F 273 18.07 37.75 -6.02
C LYS F 273 17.30 38.31 -4.85
N TYR F 274 16.83 39.54 -4.98
CA TYR F 274 16.05 40.21 -3.95
C TYR F 274 14.76 40.65 -4.64
N HIS F 275 13.68 39.89 -4.47
CA HIS F 275 12.40 40.28 -5.03
C HIS F 275 11.71 41.28 -4.12
N GLY F 276 10.97 42.19 -4.72
CA GLY F 276 10.18 43.13 -3.94
C GLY F 276 10.94 44.29 -3.34
N ALA F 277 12.14 44.57 -3.84
CA ALA F 277 12.92 45.67 -3.29
C ALA F 277 12.33 47.01 -3.74
N SER F 278 12.81 48.08 -3.12
CA SER F 278 12.44 49.41 -3.58
C SER F 278 13.11 49.71 -4.93
N VAL F 279 12.44 50.53 -5.75
CA VAL F 279 13.08 51.00 -6.97
C VAL F 279 14.19 52.01 -6.68
N GLN F 280 14.25 52.53 -5.45
CA GLN F 280 15.36 53.34 -4.98
C GLN F 280 16.04 52.68 -3.80
N GLU F 281 16.12 51.35 -3.82
CA GLU F 281 16.78 50.59 -2.76
C GLU F 281 18.22 51.09 -2.58
N GLU F 282 18.62 51.30 -1.31
CA GLU F 282 19.95 51.86 -1.07
C GLU F 282 21.03 51.03 -1.71
N LEU F 283 20.89 49.69 -1.68
CA LEU F 283 21.84 48.80 -2.32
C LEU F 283 22.15 49.21 -3.75
N ARG F 284 21.17 49.78 -4.47
CA ARG F 284 21.40 50.12 -5.86
C ARG F 284 22.52 51.14 -6.01
N TYR F 285 22.72 51.98 -5.01
CA TYR F 285 23.74 53.03 -5.10
C TYR F 285 25.01 52.66 -4.34
N LEU F 286 24.96 51.66 -3.47
CA LEU F 286 26.18 51.20 -2.81
C LEU F 286 27.12 50.53 -3.80
N VAL F 287 26.61 49.81 -4.80
CA VAL F 287 27.48 48.97 -5.60
C VAL F 287 28.37 49.84 -6.48
N ALA F 288 29.64 49.42 -6.61
CA ALA F 288 30.60 50.17 -7.41
C ALA F 288 30.21 50.22 -8.87
N ASN F 289 29.64 49.13 -9.40
CA ASN F 289 29.23 49.06 -10.82
C ASN F 289 27.71 48.97 -10.91
N HIS F 290 27.08 50.09 -11.17
CA HIS F 290 25.63 50.23 -11.21
C HIS F 290 24.90 49.08 -11.91
N PRO F 291 25.20 48.74 -13.17
CA PRO F 291 24.40 47.71 -13.87
C PRO F 291 24.70 46.28 -13.47
N SER F 292 25.71 46.03 -12.63
CA SER F 292 25.89 44.67 -12.15
C SER F 292 24.72 44.22 -11.30
N LEU F 293 23.97 45.17 -10.73
CA LEU F 293 22.74 44.86 -10.00
C LEU F 293 21.60 45.09 -10.99
N GLU F 294 21.15 44.00 -11.61
CA GLU F 294 20.05 44.10 -12.55
C GLU F 294 18.78 44.52 -11.84
N CYS F 295 17.95 45.28 -12.54
CA CYS F 295 16.79 45.89 -11.90
C CYS F 295 15.58 45.72 -12.82
N VAL F 296 14.66 44.84 -12.45
CA VAL F 296 13.43 44.62 -13.22
C VAL F 296 12.25 45.17 -12.42
N VAL F 297 11.51 46.11 -13.00
CA VAL F 297 10.53 46.92 -12.29
C VAL F 297 9.12 46.53 -12.71
N SER F 298 8.22 46.38 -11.73
CA SER F 298 6.83 46.06 -12.03
C SER F 298 5.94 46.75 -11.02
N ASP F 299 4.63 46.62 -11.22
CA ASP F 299 3.67 47.15 -10.27
C ASP F 299 3.71 46.39 -8.96
N ALA F 300 3.52 47.11 -7.85
CA ALA F 300 3.41 46.47 -6.56
C ALA F 300 2.05 46.77 -5.93
N ILE F 301 1.88 47.94 -5.33
CA ILE F 301 0.66 48.25 -4.59
C ILE F 301 -0.23 49.19 -5.39
N GLN F 302 -1.54 48.91 -5.41
CA GLN F 302 -2.54 49.85 -5.89
C GLN F 302 -3.25 50.50 -4.70
N VAL F 303 -3.50 51.80 -4.82
CA VAL F 303 -4.15 52.58 -3.77
C VAL F 303 -5.55 52.95 -4.24
N ARG F 304 -6.51 52.79 -3.34
CA ARG F 304 -7.89 53.26 -3.55
C ARG F 304 -8.16 54.29 -2.48
N LEU F 305 -8.29 55.56 -2.86
CA LEU F 305 -8.64 56.59 -1.87
C LEU F 305 -10.14 56.52 -1.63
N VAL F 306 -10.53 56.26 -0.38
CA VAL F 306 -11.94 56.07 -0.04
C VAL F 306 -12.53 57.32 0.60
N ASP F 307 -11.75 57.99 1.44
CA ASP F 307 -12.13 59.29 2.01
C ASP F 307 -11.09 60.27 1.47
N ILE F 308 -11.41 60.97 0.38
CA ILE F 308 -10.39 61.77 -0.30
C ILE F 308 -9.84 62.88 0.58
N PRO F 309 -10.64 63.75 1.19
CA PRO F 309 -10.03 64.83 1.98
C PRO F 309 -9.27 64.34 3.20
N ARG F 310 -9.70 63.25 3.86
CA ARG F 310 -8.93 62.73 4.98
C ARG F 310 -7.60 62.17 4.51
N ALA F 311 -7.63 61.36 3.45
CA ALA F 311 -6.39 60.77 2.95
C ALA F 311 -5.40 61.85 2.53
N LEU F 312 -5.87 62.86 1.80
CA LEU F 312 -4.96 63.91 1.37
C LEU F 312 -4.44 64.73 2.55
N ALA F 313 -5.19 64.79 3.66
CA ALA F 313 -4.74 65.52 4.84
C ALA F 313 -3.84 64.69 5.75
N GLN F 314 -3.82 63.38 5.57
CA GLN F 314 -3.05 62.52 6.47
C GLN F 314 -1.58 62.41 6.09
N ARG F 315 -1.26 62.54 4.80
CA ARG F 315 0.13 62.52 4.39
C ARG F 315 0.72 63.93 4.44
N ARG F 316 2.03 64.01 4.28
CA ARG F 316 2.72 65.28 4.16
C ARG F 316 3.28 65.39 2.75
N TYR F 317 3.61 66.62 2.36
CA TYR F 317 3.97 66.96 0.99
C TYR F 317 5.41 67.47 0.94
N ALA F 318 6.10 67.13 -0.16
CA ALA F 318 7.54 67.38 -0.26
C ALA F 318 7.88 68.86 -0.30
N ALA F 319 6.94 69.69 -0.75
CA ALA F 319 7.08 71.13 -0.79
C ALA F 319 5.68 71.73 -0.69
N ASP F 320 5.62 73.05 -0.53
CA ASP F 320 4.35 73.75 -0.36
C ASP F 320 3.46 73.58 -1.59
N VAL F 321 2.17 73.42 -1.34
CA VAL F 321 1.20 73.31 -2.43
C VAL F 321 -0.10 73.96 -1.99
N ASP F 322 -0.75 74.66 -2.92
CA ASP F 322 -2.11 75.16 -2.72
C ASP F 322 -2.77 75.02 -4.09
N VAL F 323 -3.62 74.01 -4.24
CA VAL F 323 -4.10 73.62 -5.56
C VAL F 323 -5.53 73.09 -5.43
N VAL F 324 -6.33 73.33 -6.46
CA VAL F 324 -7.71 72.88 -6.47
C VAL F 324 -7.83 71.75 -7.50
N LEU F 325 -8.31 70.60 -7.03
CA LEU F 325 -8.41 69.38 -7.83
C LEU F 325 -9.87 69.09 -8.13
N GLU F 326 -10.21 69.03 -9.42
CA GLU F 326 -11.52 68.53 -9.85
C GLU F 326 -11.40 67.03 -10.00
N VAL F 327 -11.93 66.28 -9.05
CA VAL F 327 -11.75 64.83 -9.00
C VAL F 327 -13.02 64.14 -9.47
N THR F 328 -12.88 63.26 -10.45
CA THR F 328 -13.97 62.40 -10.89
C THR F 328 -13.70 61.00 -10.38
N ASP F 329 -14.64 60.47 -9.61
CA ASP F 329 -14.56 59.13 -9.03
C ASP F 329 -15.61 58.27 -9.72
N ASP F 330 -15.18 57.43 -10.66
CA ASP F 330 -16.15 56.71 -11.49
C ASP F 330 -16.94 55.71 -10.67
N PHE F 331 -16.26 54.90 -9.85
CA PHE F 331 -16.96 53.83 -9.15
C PHE F 331 -17.58 54.29 -7.84
N LEU F 332 -17.06 55.35 -7.22
CA LEU F 332 -17.63 55.93 -6.00
C LEU F 332 -17.95 57.39 -6.31
N PRO F 333 -18.96 57.64 -7.14
CA PRO F 333 -19.27 59.02 -7.54
C PRO F 333 -19.62 59.90 -6.36
N GLU F 334 -20.00 59.33 -5.22
CA GLU F 334 -20.20 60.11 -4.00
C GLU F 334 -18.94 60.87 -3.59
N ASN F 335 -17.77 60.47 -4.11
CA ASN F 335 -16.52 61.18 -3.81
C ASN F 335 -16.19 62.25 -4.83
N SER F 336 -16.87 62.28 -5.98
CA SER F 336 -16.53 63.27 -6.99
C SER F 336 -16.76 64.67 -6.43
N GLY F 337 -15.82 65.57 -6.72
CA GLY F 337 -15.92 66.89 -6.14
C GLY F 337 -14.69 67.70 -6.45
N ARG F 338 -14.76 68.98 -6.10
CA ARG F 338 -13.69 69.92 -6.29
C ARG F 338 -13.07 70.21 -4.92
N TYR F 339 -11.79 69.90 -4.76
CA TYR F 339 -11.14 69.86 -3.46
C TYR F 339 -9.96 70.82 -3.45
N ARG F 340 -9.86 71.65 -2.43
CA ARG F 340 -8.71 72.50 -2.26
C ARG F 340 -7.72 71.79 -1.35
N LEU F 341 -6.53 71.51 -1.87
CA LEU F 341 -5.47 70.87 -1.12
C LEU F 341 -4.44 71.93 -0.75
N ARG F 342 -4.18 72.09 0.55
CA ARG F 342 -3.10 72.93 1.04
C ARG F 342 -2.19 72.05 1.87
N GLY F 343 -0.89 72.08 1.57
CA GLY F 343 -0.02 71.14 2.23
C GLY F 343 1.43 71.53 2.09
N GLY F 344 2.25 70.82 2.85
CA GLY F 344 3.68 71.04 2.81
C GLY F 344 4.33 70.02 3.70
N LEU F 345 5.58 70.28 4.09
CA LEU F 345 6.26 69.32 4.94
C LEU F 345 5.61 69.20 6.31
N ASP F 346 4.96 70.26 6.79
CA ASP F 346 4.52 70.34 8.18
C ASP F 346 3.01 70.51 8.35
N HIS F 347 2.22 70.39 7.29
CA HIS F 347 0.78 70.56 7.41
C HIS F 347 0.10 69.97 6.19
N ALA F 348 -1.19 69.67 6.34
CA ALA F 348 -2.01 69.27 5.20
C ALA F 348 -3.47 69.46 5.56
N SER F 349 -4.23 70.06 4.64
CA SER F 349 -5.68 70.19 4.80
C SER F 349 -6.32 70.04 3.44
N CYS F 350 -7.56 69.54 3.43
CA CYS F 350 -8.26 69.34 2.17
C CYS F 350 -9.75 69.43 2.43
N GLU F 351 -10.47 70.19 1.60
CA GLU F 351 -11.92 70.30 1.73
C GLU F 351 -12.54 70.73 0.40
N ILE F 352 -13.84 70.46 0.27
CA ILE F 352 -14.59 70.93 -0.89
C ILE F 352 -14.44 72.44 -1.03
N THR F 353 -14.31 72.92 -2.26
CA THR F 353 -14.22 74.35 -2.53
C THR F 353 -15.04 74.68 -3.77
N THR F 354 -15.45 75.94 -3.86
CA THR F 354 -16.05 76.47 -5.07
C THR F 354 -15.06 77.28 -5.89
N ASP F 355 -13.84 77.48 -5.40
CA ASP F 355 -12.82 78.19 -6.17
C ASP F 355 -12.60 77.48 -7.51
N ASP F 356 -12.03 78.24 -8.46
CA ASP F 356 -11.72 77.66 -9.76
C ASP F 356 -10.74 76.50 -9.61
N ALA F 357 -10.97 75.46 -10.40
CA ALA F 357 -10.13 74.27 -10.35
C ALA F 357 -8.85 74.46 -11.16
N ASP F 358 -7.77 73.85 -10.67
CA ASP F 358 -6.47 73.93 -11.31
C ASP F 358 -6.13 72.70 -12.13
N ILE F 359 -6.60 71.53 -11.69
CA ILE F 359 -6.23 70.25 -12.28
C ILE F 359 -7.47 69.37 -12.28
N ALA F 360 -7.68 68.66 -13.39
CA ALA F 360 -8.75 67.67 -13.50
C ALA F 360 -8.14 66.27 -13.58
N LEU F 361 -8.59 65.37 -12.71
CA LEU F 361 -8.07 64.00 -12.75
C LEU F 361 -9.11 63.05 -12.16
N THR F 362 -8.95 61.77 -12.48
CA THR F 362 -9.77 60.71 -11.93
C THR F 362 -9.23 60.27 -10.58
N VAL F 363 -10.09 59.65 -9.76
CA VAL F 363 -9.62 59.20 -8.46
C VAL F 363 -8.55 58.12 -8.58
N ARG F 364 -8.57 57.30 -9.65
CA ARG F 364 -7.54 56.28 -9.73
C ARG F 364 -6.17 56.90 -9.93
N ASP F 365 -6.09 57.98 -10.72
CA ASP F 365 -4.80 58.64 -10.92
C ASP F 365 -4.39 59.45 -9.70
N LEU F 366 -5.34 60.04 -8.97
CA LEU F 366 -5.01 60.61 -7.67
C LEU F 366 -4.41 59.55 -6.76
N GLY F 367 -4.97 58.32 -6.80
CA GLY F 367 -4.37 57.22 -6.04
C GLY F 367 -2.97 56.89 -6.52
N SER F 368 -2.76 56.90 -7.83
CA SER F 368 -1.44 56.56 -8.37
C SER F 368 -0.36 57.54 -7.91
N VAL F 369 -0.70 58.83 -7.75
CA VAL F 369 0.32 59.80 -7.33
C VAL F 369 0.39 59.92 -5.81
N TYR F 370 -0.51 59.26 -5.08
CA TYR F 370 -0.70 59.55 -3.66
C TYR F 370 0.50 59.14 -2.80
N MET F 371 1.29 58.15 -3.23
CA MET F 371 2.39 57.68 -2.42
C MET F 371 3.74 58.21 -2.90
N GLY F 372 3.73 59.11 -3.88
CA GLY F 372 4.95 59.70 -4.38
C GLY F 372 5.72 58.83 -5.34
N GLY F 373 5.08 57.81 -5.91
CA GLY F 373 5.78 56.85 -6.76
C GLY F 373 5.49 56.99 -8.24
N VAL F 374 4.51 57.84 -8.58
CA VAL F 374 4.12 58.12 -9.95
C VAL F 374 3.96 59.63 -10.07
N SER F 375 4.55 60.23 -11.11
CA SER F 375 4.56 61.68 -11.22
C SER F 375 3.26 62.22 -11.81
N LEU F 376 2.62 63.15 -11.09
CA LEU F 376 1.44 63.81 -11.64
C LEU F 376 1.74 64.51 -12.96
N GLN F 377 2.97 65.01 -13.13
CA GLN F 377 3.29 65.75 -14.36
C GLN F 377 3.45 64.81 -15.54
N VAL F 378 4.03 63.63 -15.32
CA VAL F 378 4.07 62.64 -16.40
C VAL F 378 2.66 62.21 -16.79
N LEU F 379 1.77 62.05 -15.80
CA LEU F 379 0.40 61.68 -16.16
C LEU F 379 -0.28 62.79 -16.96
N ALA F 380 0.05 64.05 -16.68
CA ALA F 380 -0.47 65.15 -17.50
C ALA F 380 0.14 65.13 -18.90
N SER F 381 1.45 64.91 -18.99
CA SER F 381 2.08 64.77 -20.30
C SER F 381 1.46 63.60 -21.08
N ALA F 382 1.09 62.54 -20.38
CA ALA F 382 0.46 61.38 -21.01
C ALA F 382 -0.98 61.66 -21.43
N GLY F 383 -1.58 62.75 -20.96
CA GLY F 383 -2.95 63.09 -21.30
C GLY F 383 -3.98 62.50 -20.37
N LEU F 384 -3.57 61.79 -19.33
CA LEU F 384 -4.49 61.15 -18.40
C LEU F 384 -5.05 62.16 -17.41
N VAL F 385 -4.27 63.19 -17.11
CA VAL F 385 -4.61 64.28 -16.20
C VAL F 385 -4.63 65.56 -17.02
N THR F 386 -5.49 66.50 -16.65
CA THR F 386 -5.62 67.73 -17.43
C THR F 386 -5.28 68.94 -16.58
N GLU F 387 -4.32 69.73 -17.04
CA GLU F 387 -4.01 71.00 -16.38
C GLU F 387 -5.00 72.06 -16.84
N LEU F 388 -5.68 72.68 -15.88
CA LEU F 388 -6.69 73.69 -16.19
C LEU F 388 -6.16 75.10 -16.06
N ARG F 389 -5.21 75.32 -15.15
CA ARG F 389 -4.56 76.62 -14.95
C ARG F 389 -3.06 76.45 -15.21
N ALA F 390 -2.51 77.28 -16.08
CA ALA F 390 -1.11 77.15 -16.47
C ALA F 390 -0.21 77.12 -15.23
N GLY F 391 0.67 76.12 -15.18
CA GLY F 391 1.66 76.00 -14.15
C GLY F 391 1.24 75.27 -12.89
N ALA F 392 -0.04 74.90 -12.74
CA ALA F 392 -0.48 74.28 -11.50
C ALA F 392 0.05 72.86 -11.34
N VAL F 393 0.20 72.12 -12.44
CA VAL F 393 0.65 70.73 -12.30
C VAL F 393 2.07 70.67 -11.77
N GLN F 394 2.94 71.56 -12.25
CA GLN F 394 4.35 71.59 -11.83
C GLN F 394 4.49 71.50 -10.31
N ARG F 395 3.86 72.43 -9.60
CA ARG F 395 4.05 72.49 -8.16
C ARG F 395 3.29 71.37 -7.44
N ALA F 396 2.12 70.98 -7.96
CA ALA F 396 1.38 69.89 -7.34
C ALA F 396 2.14 68.57 -7.50
N ALA F 397 2.78 68.37 -8.66
CA ALA F 397 3.52 67.14 -8.89
C ALA F 397 4.70 67.04 -7.93
N THR F 398 5.42 68.13 -7.71
CA THR F 398 6.51 68.11 -6.77
C THR F 398 6.01 67.85 -5.35
N ALA F 399 4.89 68.46 -4.96
CA ALA F 399 4.38 68.26 -3.61
C ALA F 399 3.91 66.83 -3.37
N PHE F 400 3.23 66.24 -4.35
CA PHE F 400 2.80 64.84 -4.20
C PHE F 400 3.98 63.87 -4.26
N GLY F 401 5.13 64.33 -4.75
CA GLY F 401 6.34 63.52 -4.71
C GLY F 401 6.84 63.35 -3.29
N TRP F 402 7.98 62.66 -3.18
CA TRP F 402 8.61 62.44 -1.88
C TRP F 402 10.05 62.01 -2.13
N PRO F 403 11.01 62.44 -1.32
CA PRO F 403 12.43 62.12 -1.60
C PRO F 403 12.78 60.65 -1.44
N VAL F 404 11.92 59.84 -0.85
CA VAL F 404 12.13 58.40 -0.73
C VAL F 404 10.97 57.71 -1.43
N ALA F 405 11.27 56.90 -2.44
CA ALA F 405 10.21 56.23 -3.19
C ALA F 405 9.40 55.33 -2.25
N PRO F 406 8.09 55.21 -2.47
CA PRO F 406 7.32 54.23 -1.71
C PRO F 406 7.77 52.82 -2.10
N SER F 407 7.57 51.88 -1.19
CA SER F 407 8.02 50.52 -1.41
C SER F 407 6.95 49.54 -0.94
N ALA F 408 7.06 48.30 -1.41
CA ALA F 408 6.00 47.32 -1.19
C ALA F 408 6.07 46.77 0.23
N PRO F 409 4.93 46.60 0.89
CA PRO F 409 4.91 45.99 2.21
C PRO F 409 5.05 44.47 2.08
N ASP F 410 5.11 43.80 3.22
CA ASP F 410 5.04 42.34 3.21
C ASP F 410 3.73 41.90 2.53
N ASP F 411 3.75 40.68 1.97
CA ASP F 411 2.68 40.21 1.08
C ASP F 411 1.35 40.02 1.80
N PHE F 412 0.26 40.25 1.07
CA PHE F 412 -1.06 39.88 1.55
C PHE F 412 -1.98 39.79 0.35
#